data_2D8M
#
_entry.id   2D8M
#
_entity_poly.entity_id   1
_entity_poly.type   'polypeptide(L)'
_entity_poly.pdbx_seq_one_letter_code
;GSSGSSGEPRRPRAGPEELGKILQGVVVVLSGFQNPFRSELRDKALELGAKYRPDWTRDSTHLICAFANTPKYSQVLGLG
GRIVRKEWVLDCHRMRRRLPSQRYLMAGPGSSSEEDEASHSGGSGPSSG
;
_entity_poly.pdbx_strand_id   A
#
# COMPACT_ATOMS: atom_id res chain seq x y z
N GLY A 1 -5.36 0.79 22.68
CA GLY A 1 -4.46 -0.36 22.64
C GLY A 1 -5.15 -1.62 22.17
N SER A 2 -4.36 -2.61 21.75
CA SER A 2 -4.91 -3.87 21.27
C SER A 2 -3.99 -5.03 21.61
N SER A 3 -4.56 -6.09 22.17
CA SER A 3 -3.78 -7.27 22.55
C SER A 3 -3.65 -8.24 21.38
N GLY A 4 -2.52 -8.93 21.32
CA GLY A 4 -2.29 -9.88 20.24
C GLY A 4 -2.51 -11.31 20.69
N SER A 5 -3.61 -11.91 20.23
CA SER A 5 -3.94 -13.29 20.59
C SER A 5 -4.66 -13.99 19.44
N SER A 6 -4.00 -14.99 18.86
CA SER A 6 -4.57 -15.74 17.75
C SER A 6 -3.96 -17.13 17.66
N GLY A 7 -4.78 -18.10 17.27
CA GLY A 7 -4.29 -19.47 17.15
C GLY A 7 -5.31 -20.39 16.49
N GLU A 8 -5.07 -20.73 15.23
CA GLU A 8 -5.97 -21.60 14.49
C GLU A 8 -5.32 -22.08 13.20
N PRO A 9 -5.55 -23.37 12.85
CA PRO A 9 -5.00 -23.96 11.64
C PRO A 9 -5.65 -23.41 10.37
N ARG A 10 -4.82 -22.83 9.51
CA ARG A 10 -5.31 -22.26 8.26
C ARG A 10 -5.01 -23.19 7.08
N ARG A 11 -5.67 -22.95 5.96
CA ARG A 11 -5.47 -23.76 4.76
C ARG A 11 -4.02 -23.71 4.31
N PRO A 12 -3.60 -24.74 3.56
CA PRO A 12 -2.23 -24.84 3.04
C PRO A 12 -1.94 -23.80 1.96
N ARG A 13 -2.96 -23.46 1.19
CA ARG A 13 -2.82 -22.48 0.11
C ARG A 13 -2.05 -21.26 0.61
N ALA A 14 -1.58 -20.44 -0.34
CA ALA A 14 -0.83 -19.24 0.00
C ALA A 14 -1.75 -18.15 0.52
N GLY A 15 -2.01 -18.16 1.81
CA GLY A 15 -2.88 -17.16 2.42
C GLY A 15 -2.31 -15.77 2.35
N PRO A 16 -2.78 -14.88 3.23
CA PRO A 16 -2.32 -13.49 3.28
C PRO A 16 -0.89 -13.37 3.80
N GLU A 17 -0.28 -14.52 4.10
CA GLU A 17 1.08 -14.54 4.60
C GLU A 17 2.08 -14.15 3.51
N GLU A 18 1.90 -14.72 2.32
CA GLU A 18 2.77 -14.43 1.19
C GLU A 18 2.58 -13.00 0.71
N LEU A 19 1.32 -12.57 0.63
CA LEU A 19 0.99 -11.23 0.18
C LEU A 19 1.47 -10.19 1.18
N GLY A 20 1.32 -10.48 2.47
CA GLY A 20 1.74 -9.57 3.50
C GLY A 20 3.22 -9.24 3.42
N LYS A 21 3.97 -10.09 2.71
CA LYS A 21 5.40 -9.89 2.55
C LYS A 21 5.72 -9.04 1.32
N ILE A 22 4.66 -8.64 0.62
CA ILE A 22 4.82 -7.82 -0.58
C ILE A 22 4.95 -6.34 -0.22
N LEU A 23 3.97 -5.82 0.50
CA LEU A 23 3.97 -4.42 0.91
C LEU A 23 4.31 -4.29 2.39
N GLN A 24 5.17 -5.19 2.88
CA GLN A 24 5.57 -5.17 4.28
C GLN A 24 6.30 -3.87 4.62
N GLY A 25 5.64 -3.01 5.40
CA GLY A 25 6.24 -1.75 5.77
C GLY A 25 5.73 -0.59 4.93
N VAL A 26 4.56 -0.77 4.33
CA VAL A 26 3.98 0.27 3.49
C VAL A 26 2.62 0.73 4.05
N VAL A 27 2.24 1.96 3.71
CA VAL A 27 0.97 2.51 4.18
C VAL A 27 0.19 3.13 3.03
N VAL A 28 -0.96 2.54 2.72
CA VAL A 28 -1.80 3.04 1.64
C VAL A 28 -3.02 3.78 2.18
N VAL A 29 -3.40 4.86 1.51
CA VAL A 29 -4.54 5.66 1.93
C VAL A 29 -5.63 5.68 0.86
N LEU A 30 -6.85 5.33 1.25
CA LEU A 30 -7.98 5.31 0.33
C LEU A 30 -8.58 6.69 0.17
N SER A 31 -8.71 7.13 -1.08
CA SER A 31 -9.27 8.45 -1.37
C SER A 31 -10.17 8.39 -2.60
N GLY A 32 -11.42 8.83 -2.45
CA GLY A 32 -12.36 8.82 -3.55
C GLY A 32 -12.81 7.42 -3.92
N PHE A 33 -13.16 6.63 -2.91
CA PHE A 33 -13.62 5.26 -3.14
C PHE A 33 -14.95 5.00 -2.44
N GLN A 34 -15.84 4.28 -3.11
CA GLN A 34 -17.14 3.96 -2.56
C GLN A 34 -17.44 2.47 -2.66
N ASN A 35 -17.90 1.88 -1.56
CA ASN A 35 -18.22 0.46 -1.53
C ASN A 35 -19.25 0.11 -2.59
N PRO A 36 -19.34 -1.18 -2.93
CA PRO A 36 -18.48 -2.22 -2.33
C PRO A 36 -17.02 -2.09 -2.77
N PHE A 37 -16.79 -1.35 -3.84
CA PHE A 37 -15.45 -1.15 -4.37
C PHE A 37 -14.49 -0.71 -3.25
N ARG A 38 -14.90 0.32 -2.51
CA ARG A 38 -14.09 0.84 -1.41
C ARG A 38 -13.65 -0.29 -0.48
N SER A 39 -14.58 -1.18 -0.16
CA SER A 39 -14.29 -2.30 0.73
C SER A 39 -13.33 -3.28 0.08
N GLU A 40 -13.67 -3.70 -1.14
CA GLU A 40 -12.84 -4.64 -1.88
C GLU A 40 -11.40 -4.14 -1.99
N LEU A 41 -11.25 -2.88 -2.41
CA LEU A 41 -9.94 -2.29 -2.55
C LEU A 41 -9.15 -2.36 -1.23
N ARG A 42 -9.78 -1.90 -0.16
CA ARG A 42 -9.14 -1.93 1.15
C ARG A 42 -8.58 -3.31 1.46
N ASP A 43 -9.46 -4.30 1.52
CA ASP A 43 -9.07 -5.67 1.81
C ASP A 43 -7.77 -6.03 1.08
N LYS A 44 -7.81 -5.97 -0.25
CA LYS A 44 -6.64 -6.29 -1.06
C LYS A 44 -5.40 -5.60 -0.51
N ALA A 45 -5.51 -4.31 -0.23
CA ALA A 45 -4.40 -3.54 0.31
C ALA A 45 -3.87 -4.17 1.60
N LEU A 46 -4.78 -4.68 2.41
CA LEU A 46 -4.41 -5.31 3.68
C LEU A 46 -3.62 -6.59 3.44
N GLU A 47 -4.08 -7.39 2.49
CA GLU A 47 -3.41 -8.65 2.17
C GLU A 47 -1.93 -8.42 1.88
N LEU A 48 -1.65 -7.50 0.98
CA LEU A 48 -0.27 -7.18 0.61
C LEU A 48 0.56 -6.84 1.85
N GLY A 49 -0.13 -6.50 2.94
CA GLY A 49 0.56 -6.16 4.17
C GLY A 49 0.75 -4.67 4.35
N ALA A 50 -0.09 -3.89 3.67
CA ALA A 50 -0.02 -2.44 3.76
C ALA A 50 -1.01 -1.90 4.78
N LYS A 51 -0.67 -0.76 5.38
CA LYS A 51 -1.53 -0.14 6.39
C LYS A 51 -2.58 0.75 5.71
N TYR A 52 -3.82 0.60 6.14
CA TYR A 52 -4.92 1.40 5.58
C TYR A 52 -5.37 2.47 6.57
N ARG A 53 -5.12 3.73 6.22
CA ARG A 53 -5.50 4.85 7.08
C ARG A 53 -6.71 5.59 6.49
N PRO A 54 -7.58 6.07 7.38
CA PRO A 54 -8.79 6.81 6.98
C PRO A 54 -8.47 8.18 6.40
N ASP A 55 -7.21 8.59 6.54
CA ASP A 55 -6.77 9.89 6.04
C ASP A 55 -5.24 9.94 5.94
N TRP A 56 -4.74 10.93 5.20
CA TRP A 56 -3.31 11.09 5.03
C TRP A 56 -2.61 11.23 6.38
N THR A 57 -1.67 10.33 6.67
CA THR A 57 -0.93 10.36 7.92
C THR A 57 0.54 10.65 7.68
N ARG A 58 1.24 11.06 8.74
CA ARG A 58 2.66 11.37 8.65
C ARG A 58 3.47 10.13 8.32
N ASP A 59 2.85 8.96 8.49
CA ASP A 59 3.52 7.70 8.21
C ASP A 59 3.14 7.17 6.83
N SER A 60 2.23 7.89 6.16
CA SER A 60 1.78 7.49 4.84
C SER A 60 2.92 7.59 3.82
N THR A 61 3.14 6.50 3.10
CA THR A 61 4.21 6.46 2.09
C THR A 61 3.64 6.57 0.68
N HIS A 62 2.47 5.99 0.48
CA HIS A 62 1.83 6.03 -0.82
C HIS A 62 0.35 6.39 -0.66
N LEU A 63 -0.19 7.06 -1.68
CA LEU A 63 -1.58 7.48 -1.67
C LEU A 63 -2.34 6.84 -2.82
N ILE A 64 -3.46 6.19 -2.50
CA ILE A 64 -4.28 5.53 -3.52
C ILE A 64 -5.40 6.46 -3.99
N CYS A 65 -5.25 7.00 -5.20
CA CYS A 65 -6.25 7.89 -5.76
C CYS A 65 -7.06 7.17 -6.85
N ALA A 66 -8.34 7.52 -6.93
CA ALA A 66 -9.23 6.91 -7.92
C ALA A 66 -9.24 7.71 -9.21
N PHE A 67 -8.94 9.00 -9.11
CA PHE A 67 -8.91 9.88 -10.28
C PHE A 67 -8.29 11.23 -9.93
N ALA A 68 -7.61 11.83 -10.90
CA ALA A 68 -6.96 13.12 -10.70
C ALA A 68 -8.00 14.22 -10.48
N ASN A 69 -7.52 15.45 -10.35
CA ASN A 69 -8.40 16.59 -10.13
C ASN A 69 -9.17 16.45 -8.82
N THR A 70 -8.51 15.86 -7.82
CA THR A 70 -9.12 15.67 -6.51
C THR A 70 -8.46 16.55 -5.46
N PRO A 71 -9.19 16.78 -4.35
CA PRO A 71 -8.68 17.61 -3.25
C PRO A 71 -7.55 16.95 -2.49
N LYS A 72 -7.66 15.64 -2.29
CA LYS A 72 -6.63 14.88 -1.58
C LYS A 72 -5.42 14.64 -2.48
N TYR A 73 -5.56 14.94 -3.75
CA TYR A 73 -4.48 14.76 -4.72
C TYR A 73 -3.43 15.84 -4.56
N SER A 74 -3.86 17.09 -4.70
CA SER A 74 -2.95 18.23 -4.58
C SER A 74 -2.37 18.32 -3.17
N GLN A 75 -3.19 17.99 -2.18
CA GLN A 75 -2.75 18.02 -0.79
C GLN A 75 -1.48 17.20 -0.59
N VAL A 76 -1.57 15.91 -0.89
CA VAL A 76 -0.42 15.02 -0.75
C VAL A 76 0.65 15.32 -1.79
N LEU A 77 0.28 16.09 -2.80
CA LEU A 77 1.21 16.47 -3.86
C LEU A 77 2.23 17.48 -3.35
N GLY A 78 1.75 18.54 -2.72
CA GLY A 78 2.64 19.56 -2.20
C GLY A 78 3.48 19.06 -1.04
N LEU A 79 2.91 18.16 -0.25
CA LEU A 79 3.62 17.59 0.90
C LEU A 79 4.88 16.86 0.46
N GLY A 80 4.74 16.00 -0.55
CA GLY A 80 5.87 15.25 -1.04
C GLY A 80 5.63 13.76 -1.01
N GLY A 81 4.37 13.36 -0.83
CA GLY A 81 4.04 11.95 -0.77
C GLY A 81 3.98 11.32 -2.15
N ARG A 82 4.17 10.01 -2.21
CA ARG A 82 4.13 9.29 -3.48
C ARG A 82 2.68 9.02 -3.91
N ILE A 83 2.20 9.84 -4.84
CA ILE A 83 0.83 9.69 -5.33
C ILE A 83 0.78 8.73 -6.52
N VAL A 84 0.10 7.61 -6.33
CA VAL A 84 -0.03 6.61 -7.38
C VAL A 84 -1.49 6.24 -7.62
N ARG A 85 -1.73 5.43 -8.65
CA ARG A 85 -3.09 5.00 -8.97
C ARG A 85 -3.43 3.70 -8.26
N LYS A 86 -4.71 3.31 -8.32
CA LYS A 86 -5.16 2.08 -7.69
C LYS A 86 -4.64 0.85 -8.44
N GLU A 87 -4.51 0.98 -9.75
CA GLU A 87 -4.02 -0.11 -10.58
C GLU A 87 -2.82 -0.81 -9.92
N TRP A 88 -2.09 -0.05 -9.10
CA TRP A 88 -0.94 -0.59 -8.41
C TRP A 88 -1.33 -1.69 -7.43
N VAL A 89 -2.36 -1.41 -6.64
CA VAL A 89 -2.85 -2.38 -5.66
C VAL A 89 -3.57 -3.54 -6.34
N LEU A 90 -4.45 -3.22 -7.28
CA LEU A 90 -5.20 -4.23 -8.00
C LEU A 90 -4.26 -5.24 -8.65
N ASP A 91 -3.24 -4.74 -9.34
CA ASP A 91 -2.27 -5.60 -10.00
C ASP A 91 -1.42 -6.36 -8.98
N CYS A 92 -1.09 -5.68 -7.88
CA CYS A 92 -0.28 -6.29 -6.84
C CYS A 92 -0.99 -7.50 -6.24
N HIS A 93 -2.25 -7.33 -5.89
CA HIS A 93 -3.03 -8.42 -5.30
C HIS A 93 -3.31 -9.47 -6.38
N ARG A 94 -3.87 -9.02 -7.48
CA ARG A 94 -4.19 -9.90 -8.60
C ARG A 94 -3.01 -10.79 -8.96
N MET A 95 -1.81 -10.20 -8.97
CA MET A 95 -0.59 -10.93 -9.29
C MET A 95 0.15 -11.34 -8.03
N ARG A 96 -0.37 -10.91 -6.88
CA ARG A 96 0.25 -11.23 -5.60
C ARG A 96 1.77 -11.09 -5.67
N ARG A 97 2.23 -10.00 -6.29
CA ARG A 97 3.65 -9.75 -6.43
C ARG A 97 3.96 -8.27 -6.27
N ARG A 98 5.23 -7.96 -6.02
CA ARG A 98 5.65 -6.57 -5.84
C ARG A 98 5.88 -5.88 -7.18
N LEU A 99 5.07 -4.87 -7.46
CA LEU A 99 5.18 -4.13 -8.72
C LEU A 99 5.73 -2.73 -8.48
N PRO A 100 6.48 -2.21 -9.47
CA PRO A 100 7.08 -0.88 -9.39
C PRO A 100 6.02 0.23 -9.46
N SER A 101 5.87 0.96 -8.35
CA SER A 101 4.91 2.04 -8.29
C SER A 101 5.31 3.19 -9.19
N GLN A 102 6.60 3.26 -9.52
CA GLN A 102 7.12 4.31 -10.38
C GLN A 102 6.34 4.36 -11.70
N ARG A 103 6.04 3.18 -12.24
CA ARG A 103 5.30 3.08 -13.50
C ARG A 103 3.87 3.60 -13.33
N TYR A 104 3.39 3.59 -12.10
CA TYR A 104 2.03 4.05 -11.81
C TYR A 104 2.05 5.40 -11.08
N LEU A 105 3.13 6.14 -11.28
CA LEU A 105 3.27 7.46 -10.65
C LEU A 105 2.29 8.46 -11.25
N MET A 106 1.48 9.06 -10.39
CA MET A 106 0.49 10.05 -10.83
C MET A 106 1.10 11.45 -10.86
N ALA A 107 1.81 11.80 -9.80
CA ALA A 107 2.44 13.12 -9.70
C ALA A 107 3.93 12.98 -9.44
N GLY A 108 4.63 14.12 -9.39
CA GLY A 108 6.05 14.11 -9.15
C GLY A 108 6.86 13.85 -10.42
N PRO A 109 8.05 14.43 -10.50
CA PRO A 109 8.94 14.27 -11.65
C PRO A 109 9.52 12.87 -11.75
N GLY A 110 9.52 12.15 -10.63
CA GLY A 110 10.06 10.80 -10.60
C GLY A 110 10.77 10.49 -9.30
N SER A 111 10.94 9.20 -9.02
CA SER A 111 11.60 8.76 -7.80
C SER A 111 12.92 9.49 -7.60
N SER A 112 13.03 10.24 -6.51
CA SER A 112 14.24 10.99 -6.22
C SER A 112 15.23 10.13 -5.44
N SER A 113 15.48 8.93 -5.93
CA SER A 113 16.41 8.01 -5.28
C SER A 113 16.16 7.96 -3.78
N GLU A 114 14.89 7.88 -3.39
CA GLU A 114 14.53 7.83 -1.98
C GLU A 114 14.20 6.41 -1.56
N GLU A 115 15.21 5.66 -1.14
CA GLU A 115 15.03 4.28 -0.71
C GLU A 115 15.14 4.16 0.81
N ASP A 116 14.54 3.13 1.37
CA ASP A 116 14.59 2.90 2.80
C ASP A 116 15.62 1.82 3.15
N GLU A 117 16.26 1.98 4.31
CA GLU A 117 17.27 1.02 4.76
C GLU A 117 16.71 0.11 5.85
N ALA A 118 16.00 0.70 6.80
CA ALA A 118 15.40 -0.05 7.89
C ALA A 118 14.05 0.53 8.31
N SER A 119 12.99 -0.24 8.10
CA SER A 119 11.65 0.20 8.45
C SER A 119 11.04 -0.69 9.52
N HIS A 120 10.00 -0.19 10.17
CA HIS A 120 9.35 -0.95 11.23
C HIS A 120 8.00 -1.48 10.71
N SER A 121 7.53 -2.54 11.37
CA SER A 121 6.27 -3.17 11.00
C SER A 121 5.51 -3.65 12.24
N GLY A 122 4.33 -4.21 12.02
CA GLY A 122 3.53 -4.70 13.12
C GLY A 122 2.17 -5.19 12.68
N GLY A 123 1.26 -5.39 13.63
CA GLY A 123 -0.07 -5.86 13.31
C GLY A 123 -0.09 -7.32 12.91
N SER A 124 0.15 -8.20 13.89
CA SER A 124 0.16 -9.63 13.63
C SER A 124 -1.26 -10.19 13.60
N GLY A 125 -2.15 -9.48 12.94
CA GLY A 125 -3.54 -9.93 12.83
C GLY A 125 -4.29 -9.24 11.71
N PRO A 126 -4.15 -9.77 10.49
CA PRO A 126 -4.81 -9.22 9.30
C PRO A 126 -6.32 -9.44 9.34
N SER A 127 -6.80 -10.04 10.41
CA SER A 127 -8.23 -10.32 10.56
C SER A 127 -8.92 -9.19 11.31
N SER A 128 -9.28 -8.13 10.57
CA SER A 128 -9.96 -6.99 11.17
C SER A 128 -11.27 -7.39 11.81
N GLY A 129 -11.21 -7.80 13.07
CA GLY A 129 -12.41 -8.22 13.78
C GLY A 129 -13.57 -7.28 13.55
N GLY A 1 -7.81 -17.67 31.37
CA GLY A 1 -6.56 -18.26 30.93
C GLY A 1 -6.76 -19.62 30.30
N SER A 2 -7.40 -19.65 29.14
CA SER A 2 -7.66 -20.89 28.43
C SER A 2 -7.94 -20.63 26.95
N SER A 3 -7.52 -21.56 26.10
CA SER A 3 -7.72 -21.44 24.66
C SER A 3 -7.30 -22.70 23.95
N GLY A 4 -7.50 -22.73 22.63
CA GLY A 4 -7.14 -23.89 21.84
C GLY A 4 -7.56 -23.76 20.39
N SER A 5 -6.86 -24.45 19.50
CA SER A 5 -7.17 -24.41 18.08
C SER A 5 -7.44 -25.81 17.54
N SER A 6 -8.64 -26.01 17.00
CA SER A 6 -9.04 -27.30 16.44
C SER A 6 -9.46 -27.16 14.99
N GLY A 7 -8.95 -28.07 14.15
CA GLY A 7 -9.28 -28.04 12.74
C GLY A 7 -8.51 -26.97 11.99
N GLU A 8 -7.34 -27.33 11.48
CA GLU A 8 -6.50 -26.39 10.74
C GLU A 8 -6.30 -26.86 9.30
N PRO A 9 -7.39 -26.88 8.53
CA PRO A 9 -7.37 -27.29 7.12
C PRO A 9 -6.63 -26.31 6.23
N ARG A 10 -6.32 -26.73 5.01
CA ARG A 10 -5.61 -25.88 4.06
C ARG A 10 -6.49 -24.70 3.63
N ARG A 11 -5.88 -23.75 2.93
CA ARG A 11 -6.61 -22.57 2.46
C ARG A 11 -6.71 -22.56 0.94
N PRO A 12 -7.74 -21.90 0.41
CA PRO A 12 -7.97 -21.80 -1.04
C PRO A 12 -6.94 -20.92 -1.73
N ARG A 13 -6.35 -19.99 -0.97
CA ARG A 13 -5.34 -19.10 -1.51
C ARG A 13 -3.95 -19.49 -1.02
N ALA A 14 -2.94 -18.76 -1.49
CA ALA A 14 -1.56 -19.02 -1.09
C ALA A 14 -1.25 -18.40 0.27
N GLY A 15 -2.18 -18.56 1.20
CA GLY A 15 -1.98 -18.01 2.53
C GLY A 15 -1.85 -16.50 2.53
N PRO A 16 -2.35 -15.85 3.59
CA PRO A 16 -2.29 -14.40 3.72
C PRO A 16 -0.88 -13.89 3.96
N GLU A 17 0.07 -14.82 4.09
CA GLU A 17 1.46 -14.46 4.32
C GLU A 17 2.13 -14.01 3.02
N GLU A 18 1.98 -14.82 1.97
CA GLU A 18 2.57 -14.50 0.68
C GLU A 18 2.29 -13.05 0.29
N LEU A 19 1.12 -12.55 0.70
CA LEU A 19 0.73 -11.18 0.40
C LEU A 19 1.40 -10.20 1.36
N GLY A 20 1.35 -10.52 2.65
CA GLY A 20 1.95 -9.66 3.65
C GLY A 20 3.43 -9.47 3.43
N LYS A 21 4.01 -10.24 2.52
CA LYS A 21 5.43 -10.15 2.21
C LYS A 21 5.67 -9.28 1.00
N ILE A 22 4.59 -8.72 0.44
CA ILE A 22 4.69 -7.87 -0.73
C ILE A 22 4.80 -6.39 -0.33
N LEU A 23 3.80 -5.91 0.40
CA LEU A 23 3.79 -4.52 0.85
C LEU A 23 4.12 -4.43 2.34
N GLN A 24 5.10 -5.21 2.77
CA GLN A 24 5.52 -5.22 4.17
C GLN A 24 6.18 -3.90 4.54
N GLY A 25 5.47 -3.09 5.33
CA GLY A 25 6.00 -1.80 5.74
C GLY A 25 5.54 -0.67 4.86
N VAL A 26 4.37 -0.84 4.23
CA VAL A 26 3.82 0.18 3.35
C VAL A 26 2.46 0.66 3.85
N VAL A 27 2.26 1.97 3.84
CA VAL A 27 1.01 2.55 4.29
C VAL A 27 0.25 3.20 3.13
N VAL A 28 -0.89 2.63 2.77
CA VAL A 28 -1.71 3.15 1.69
C VAL A 28 -2.91 3.93 2.22
N VAL A 29 -3.36 4.91 1.43
CA VAL A 29 -4.50 5.72 1.83
C VAL A 29 -5.56 5.75 0.73
N LEU A 30 -6.79 5.39 1.10
CA LEU A 30 -7.89 5.37 0.16
C LEU A 30 -8.57 6.73 0.07
N SER A 31 -8.64 7.27 -1.14
CA SER A 31 -9.26 8.58 -1.37
C SER A 31 -9.98 8.62 -2.71
N GLY A 32 -11.09 9.34 -2.75
CA GLY A 32 -11.86 9.44 -3.98
C GLY A 32 -12.24 8.09 -4.55
N PHE A 33 -12.87 7.26 -3.73
CA PHE A 33 -13.28 5.93 -4.15
C PHE A 33 -14.77 5.71 -3.86
N GLN A 34 -15.32 4.65 -4.45
CA GLN A 34 -16.73 4.33 -4.26
C GLN A 34 -16.89 3.06 -3.41
N ASN A 35 -18.14 2.68 -3.16
CA ASN A 35 -18.42 1.49 -2.37
C ASN A 35 -19.48 0.63 -3.04
N PRO A 36 -19.55 -0.65 -2.65
CA PRO A 36 -18.65 -1.20 -1.61
C PRO A 36 -17.21 -1.33 -2.10
N PHE A 37 -16.98 -0.98 -3.36
CA PHE A 37 -15.65 -1.04 -3.95
C PHE A 37 -14.59 -0.75 -2.91
N ARG A 38 -14.80 0.31 -2.13
CA ARG A 38 -13.85 0.71 -1.10
C ARG A 38 -13.33 -0.51 -0.34
N SER A 39 -14.24 -1.29 0.23
CA SER A 39 -13.88 -2.48 0.98
C SER A 39 -13.01 -3.40 0.14
N GLU A 40 -13.50 -3.77 -1.04
CA GLU A 40 -12.76 -4.65 -1.93
C GLU A 40 -11.31 -4.19 -2.09
N LEU A 41 -11.13 -2.90 -2.33
CA LEU A 41 -9.80 -2.33 -2.49
C LEU A 41 -9.01 -2.41 -1.19
N ARG A 42 -9.68 -2.14 -0.07
CA ARG A 42 -9.05 -2.19 1.23
C ARG A 42 -8.50 -3.58 1.53
N ASP A 43 -9.39 -4.57 1.52
CA ASP A 43 -9.00 -5.96 1.78
C ASP A 43 -7.69 -6.29 1.07
N LYS A 44 -7.66 -6.09 -0.24
CA LYS A 44 -6.48 -6.37 -1.04
C LYS A 44 -5.24 -5.69 -0.44
N ALA A 45 -5.39 -4.41 -0.12
CA ALA A 45 -4.29 -3.64 0.47
C ALA A 45 -3.87 -4.23 1.81
N LEU A 46 -4.82 -4.80 2.53
CA LEU A 46 -4.55 -5.40 3.83
C LEU A 46 -3.70 -6.66 3.69
N GLU A 47 -4.12 -7.54 2.78
CA GLU A 47 -3.39 -8.79 2.54
C GLU A 47 -1.93 -8.52 2.22
N LEU A 48 -1.70 -7.55 1.33
CA LEU A 48 -0.34 -7.19 0.93
C LEU A 48 0.50 -6.80 2.14
N GLY A 49 -0.17 -6.56 3.26
CA GLY A 49 0.53 -6.18 4.47
C GLY A 49 0.69 -4.68 4.60
N ALA A 50 -0.26 -3.93 4.05
CA ALA A 50 -0.21 -2.47 4.11
C ALA A 50 -1.25 -1.93 5.08
N LYS A 51 -0.96 -0.77 5.66
CA LYS A 51 -1.86 -0.14 6.62
C LYS A 51 -2.84 0.79 5.91
N TYR A 52 -4.11 0.70 6.29
CA TYR A 52 -5.15 1.54 5.68
C TYR A 52 -5.55 2.66 6.62
N ARG A 53 -5.21 3.89 6.25
CA ARG A 53 -5.54 5.06 7.06
C ARG A 53 -6.72 5.82 6.46
N PRO A 54 -7.57 6.36 7.33
CA PRO A 54 -8.75 7.13 6.91
C PRO A 54 -8.38 8.47 6.29
N ASP A 55 -7.11 8.87 6.46
CA ASP A 55 -6.64 10.13 5.91
C ASP A 55 -5.11 10.15 5.87
N TRP A 56 -4.55 11.10 5.12
CA TRP A 56 -3.11 11.23 5.00
C TRP A 56 -2.47 11.51 6.35
N THR A 57 -1.48 10.72 6.72
CA THR A 57 -0.79 10.89 7.99
C THR A 57 0.72 11.04 7.78
N ARG A 58 1.46 11.16 8.89
CA ARG A 58 2.90 11.31 8.82
C ARG A 58 3.58 9.96 8.57
N ASP A 59 2.77 8.90 8.56
CA ASP A 59 3.30 7.55 8.34
C ASP A 59 2.94 7.07 6.94
N SER A 60 2.02 7.77 6.29
CA SER A 60 1.58 7.41 4.95
C SER A 60 2.73 7.55 3.95
N THR A 61 2.95 6.50 3.16
CA THR A 61 4.00 6.51 2.15
C THR A 61 3.44 6.71 0.76
N HIS A 62 2.36 6.00 0.46
CA HIS A 62 1.74 6.11 -0.86
C HIS A 62 0.27 6.50 -0.69
N LEU A 63 -0.26 7.17 -1.71
CA LEU A 63 -1.65 7.61 -1.71
C LEU A 63 -2.42 6.99 -2.87
N ILE A 64 -3.39 6.14 -2.56
CA ILE A 64 -4.19 5.49 -3.58
C ILE A 64 -5.30 6.41 -4.07
N CYS A 65 -5.20 6.85 -5.32
CA CYS A 65 -6.20 7.74 -5.90
C CYS A 65 -6.95 7.03 -7.03
N ALA A 66 -8.20 7.45 -7.25
CA ALA A 66 -9.02 6.87 -8.30
C ALA A 66 -8.80 7.57 -9.63
N PHE A 67 -8.45 8.85 -9.57
CA PHE A 67 -8.20 9.65 -10.76
C PHE A 67 -7.58 11.00 -10.42
N ALA A 68 -7.14 11.71 -11.43
CA ALA A 68 -6.52 13.03 -11.23
C ALA A 68 -7.58 14.11 -11.11
N ASN A 69 -7.13 15.36 -11.00
CA ASN A 69 -8.04 16.50 -10.89
C ASN A 69 -8.84 16.41 -9.59
N THR A 70 -8.21 15.87 -8.54
CA THR A 70 -8.87 15.74 -7.25
C THR A 70 -8.19 16.60 -6.20
N PRO A 71 -8.91 16.88 -5.10
CA PRO A 71 -8.38 17.69 -3.99
C PRO A 71 -7.29 16.98 -3.21
N LYS A 72 -7.55 15.73 -2.84
CA LYS A 72 -6.58 14.93 -2.10
C LYS A 72 -5.38 14.56 -2.97
N TYR A 73 -5.54 14.74 -4.27
CA TYR A 73 -4.47 14.43 -5.22
C TYR A 73 -3.34 15.45 -5.12
N SER A 74 -3.71 16.73 -5.10
CA SER A 74 -2.73 17.81 -5.02
C SER A 74 -2.33 18.06 -3.57
N GLN A 75 -3.23 17.75 -2.64
CA GLN A 75 -2.96 17.95 -1.22
C GLN A 75 -1.73 17.17 -0.78
N VAL A 76 -1.62 15.93 -1.27
CA VAL A 76 -0.49 15.08 -0.93
C VAL A 76 0.69 15.33 -1.86
N LEU A 77 0.43 16.01 -2.97
CA LEU A 77 1.47 16.31 -3.94
C LEU A 77 2.41 17.40 -3.41
N GLY A 78 1.85 18.40 -2.75
CA GLY A 78 2.65 19.48 -2.20
C GLY A 78 3.48 19.03 -1.01
N LEU A 79 2.97 18.03 -0.29
CA LEU A 79 3.68 17.52 0.88
C LEU A 79 4.93 16.74 0.47
N GLY A 80 4.75 15.79 -0.43
CA GLY A 80 5.87 14.99 -0.90
C GLY A 80 5.60 13.50 -0.82
N GLY A 81 4.31 13.13 -0.85
CA GLY A 81 3.95 11.73 -0.77
C GLY A 81 3.95 11.05 -2.12
N ARG A 82 3.89 9.73 -2.13
CA ARG A 82 3.89 8.96 -3.37
C ARG A 82 2.48 8.80 -3.91
N ILE A 83 2.10 9.68 -4.84
CA ILE A 83 0.77 9.63 -5.44
C ILE A 83 0.74 8.68 -6.63
N VAL A 84 0.03 7.57 -6.47
CA VAL A 84 -0.09 6.58 -7.54
C VAL A 84 -1.54 6.18 -7.76
N ARG A 85 -1.80 5.48 -8.86
CA ARG A 85 -3.15 5.03 -9.19
C ARG A 85 -3.50 3.76 -8.41
N LYS A 86 -4.74 3.30 -8.59
CA LYS A 86 -5.20 2.09 -7.91
C LYS A 86 -4.63 0.85 -8.57
N GLU A 87 -4.56 0.86 -9.89
CA GLU A 87 -4.03 -0.28 -10.64
C GLU A 87 -2.87 -0.93 -9.88
N TRP A 88 -2.12 -0.11 -9.15
CA TRP A 88 -0.98 -0.61 -8.38
C TRP A 88 -1.41 -1.72 -7.43
N VAL A 89 -2.35 -1.42 -6.55
CA VAL A 89 -2.85 -2.40 -5.60
C VAL A 89 -3.51 -3.58 -6.29
N LEU A 90 -4.48 -3.27 -7.16
CA LEU A 90 -5.19 -4.30 -7.90
C LEU A 90 -4.22 -5.27 -8.57
N ASP A 91 -3.38 -4.74 -9.45
CA ASP A 91 -2.40 -5.56 -10.15
C ASP A 91 -1.51 -6.32 -9.16
N CYS A 92 -1.05 -5.62 -8.14
CA CYS A 92 -0.19 -6.22 -7.12
C CYS A 92 -0.85 -7.47 -6.52
N HIS A 93 -2.12 -7.33 -6.15
CA HIS A 93 -2.85 -8.45 -5.57
C HIS A 93 -3.04 -9.54 -6.63
N ARG A 94 -3.63 -9.14 -7.74
CA ARG A 94 -3.88 -10.07 -8.84
C ARG A 94 -2.66 -10.95 -9.11
N MET A 95 -1.51 -10.31 -9.28
CA MET A 95 -0.27 -11.03 -9.54
C MET A 95 0.40 -11.45 -8.24
N ARG A 96 -0.13 -10.96 -7.12
CA ARG A 96 0.42 -11.28 -5.81
C ARG A 96 1.93 -11.05 -5.78
N ARG A 97 2.38 -9.96 -6.40
CA ARG A 97 3.79 -9.64 -6.45
C ARG A 97 4.01 -8.14 -6.28
N ARG A 98 5.24 -7.76 -5.94
CA ARG A 98 5.58 -6.36 -5.75
C ARG A 98 5.84 -5.67 -7.09
N LEU A 99 5.03 -4.66 -7.40
CA LEU A 99 5.18 -3.93 -8.65
C LEU A 99 5.74 -2.52 -8.39
N PRO A 100 6.50 -2.01 -9.37
CA PRO A 100 7.11 -0.68 -9.27
C PRO A 100 6.08 0.44 -9.35
N SER A 101 5.73 0.99 -8.21
CA SER A 101 4.75 2.07 -8.14
C SER A 101 5.25 3.31 -8.89
N GLN A 102 6.52 3.28 -9.28
CA GLN A 102 7.12 4.40 -10.00
C GLN A 102 6.58 4.49 -11.42
N ARG A 103 5.86 3.45 -11.84
CA ARG A 103 5.28 3.41 -13.18
C ARG A 103 3.84 3.89 -13.16
N TYR A 104 3.23 3.88 -11.98
CA TYR A 104 1.84 4.32 -11.83
C TYR A 104 1.77 5.75 -11.30
N LEU A 105 2.93 6.33 -11.05
CA LEU A 105 3.00 7.70 -10.54
C LEU A 105 2.20 8.65 -11.42
N MET A 106 1.43 9.53 -10.79
CA MET A 106 0.62 10.50 -11.52
C MET A 106 1.22 11.90 -11.41
N ALA A 107 1.75 12.22 -10.23
CA ALA A 107 2.35 13.53 -10.01
C ALA A 107 3.60 13.72 -10.85
N GLY A 108 3.61 14.79 -11.65
CA GLY A 108 4.75 15.07 -12.51
C GLY A 108 5.02 13.95 -13.49
N PRO A 109 5.50 14.31 -14.69
CA PRO A 109 5.80 13.35 -15.75
C PRO A 109 7.02 12.49 -15.42
N GLY A 110 6.79 11.39 -14.70
CA GLY A 110 7.88 10.51 -14.34
C GLY A 110 8.93 11.20 -13.50
N SER A 111 9.66 10.42 -12.71
CA SER A 111 10.71 10.98 -11.85
C SER A 111 12.00 11.19 -12.63
N SER A 112 12.28 12.44 -12.97
CA SER A 112 13.49 12.78 -13.71
C SER A 112 14.49 13.49 -12.83
N SER A 113 14.08 14.63 -12.27
CA SER A 113 14.95 15.42 -11.40
C SER A 113 15.26 14.67 -10.11
N GLU A 114 14.22 14.06 -9.53
CA GLU A 114 14.37 13.32 -8.29
C GLU A 114 14.32 11.82 -8.54
N GLU A 115 15.47 11.24 -8.91
CA GLU A 115 15.54 9.82 -9.19
C GLU A 115 15.43 9.00 -7.91
N ASP A 116 15.03 7.74 -8.04
CA ASP A 116 14.88 6.85 -6.89
C ASP A 116 16.00 7.07 -5.88
N GLU A 117 15.65 7.11 -4.60
CA GLU A 117 16.63 7.32 -3.54
C GLU A 117 17.59 6.13 -3.45
N ALA A 118 17.04 4.93 -3.54
CA ALA A 118 17.84 3.71 -3.47
C ALA A 118 18.90 3.82 -2.37
N SER A 119 18.48 4.24 -1.19
CA SER A 119 19.39 4.39 -0.05
C SER A 119 19.15 3.30 0.98
N HIS A 120 19.90 2.21 0.86
CA HIS A 120 19.75 1.11 1.79
C HIS A 120 19.49 1.64 3.19
N SER A 121 20.11 2.78 3.48
CA SER A 121 19.97 3.42 4.79
C SER A 121 18.85 4.46 4.76
N GLY A 122 17.83 4.26 5.60
CA GLY A 122 16.72 5.18 5.65
C GLY A 122 15.69 4.79 6.69
N GLY A 123 14.42 4.97 6.36
CA GLY A 123 13.35 4.64 7.29
C GLY A 123 12.39 3.62 6.71
N SER A 124 12.91 2.47 6.29
CA SER A 124 12.09 1.42 5.72
C SER A 124 11.86 0.29 6.72
N GLY A 125 10.65 -0.26 6.71
CA GLY A 125 10.32 -1.34 7.62
C GLY A 125 9.29 -0.94 8.65
N PRO A 126 8.46 -1.89 9.07
CA PRO A 126 7.40 -1.65 10.07
C PRO A 126 7.97 -1.41 11.46
N SER A 127 9.25 -1.71 11.63
CA SER A 127 9.91 -1.53 12.92
C SER A 127 9.05 -2.07 14.05
N SER A 128 8.54 -3.28 13.86
CA SER A 128 7.69 -3.91 14.87
C SER A 128 8.35 -5.17 15.42
N GLY A 129 7.71 -5.77 16.42
CA GLY A 129 8.26 -6.98 17.03
C GLY A 129 8.12 -6.98 18.53
N GLY A 1 26.21 -20.38 15.77
CA GLY A 1 25.24 -19.50 15.12
C GLY A 1 23.91 -20.17 14.89
N SER A 2 23.46 -20.18 13.64
CA SER A 2 22.17 -20.80 13.29
C SER A 2 22.16 -22.27 13.67
N SER A 3 21.01 -22.74 14.15
CA SER A 3 20.86 -24.14 14.56
C SER A 3 20.20 -24.95 13.45
N GLY A 4 20.60 -24.69 12.21
CA GLY A 4 20.05 -25.41 11.08
C GLY A 4 19.21 -24.53 10.18
N SER A 5 18.33 -25.14 9.40
CA SER A 5 17.47 -24.39 8.49
C SER A 5 16.08 -25.04 8.39
N SER A 6 15.05 -24.22 8.45
CA SER A 6 13.68 -24.72 8.37
C SER A 6 13.47 -25.54 7.11
N GLY A 7 13.68 -24.90 5.96
CA GLY A 7 13.51 -25.59 4.69
C GLY A 7 12.43 -24.96 3.82
N GLU A 8 12.38 -25.37 2.57
CA GLU A 8 11.39 -24.84 1.63
C GLU A 8 11.04 -25.87 0.56
N PRO A 9 9.76 -25.89 0.15
CA PRO A 9 9.28 -26.82 -0.87
C PRO A 9 9.81 -26.49 -2.26
N ARG A 10 9.50 -27.34 -3.23
CA ARG A 10 9.95 -27.14 -4.60
C ARG A 10 8.91 -26.37 -5.41
N ARG A 11 7.67 -26.42 -4.96
CA ARG A 11 6.58 -25.72 -5.64
C ARG A 11 6.51 -24.26 -5.21
N PRO A 12 6.38 -23.36 -6.20
CA PRO A 12 6.30 -21.92 -5.96
C PRO A 12 4.99 -21.52 -5.27
N ARG A 13 4.14 -22.51 -5.00
CA ARG A 13 2.87 -22.25 -4.35
C ARG A 13 3.00 -21.19 -3.27
N ALA A 14 2.36 -20.04 -3.49
CA ALA A 14 2.41 -18.94 -2.54
C ALA A 14 1.12 -18.85 -1.74
N GLY A 15 1.24 -18.73 -0.42
CA GLY A 15 0.07 -18.63 0.43
C GLY A 15 -0.29 -17.20 0.77
N PRO A 16 -1.18 -17.03 1.74
CA PRO A 16 -1.64 -15.70 2.18
C PRO A 16 -0.54 -14.93 2.91
N GLU A 17 0.60 -15.58 3.11
CA GLU A 17 1.73 -14.95 3.79
C GLU A 17 2.61 -14.17 2.81
N GLU A 18 2.78 -14.73 1.62
CA GLU A 18 3.59 -14.08 0.59
C GLU A 18 3.10 -12.67 0.31
N LEU A 19 1.79 -12.48 0.40
CA LEU A 19 1.18 -11.17 0.16
C LEU A 19 1.73 -10.14 1.13
N GLY A 20 1.66 -10.44 2.42
CA GLY A 20 2.15 -9.52 3.43
C GLY A 20 3.62 -9.19 3.24
N LYS A 21 4.32 -10.00 2.46
CA LYS A 21 5.73 -9.79 2.20
C LYS A 21 5.93 -8.86 1.01
N ILE A 22 4.85 -8.57 0.31
CA ILE A 22 4.90 -7.69 -0.87
C ILE A 22 4.96 -6.23 -0.44
N LEU A 23 3.95 -5.79 0.29
CA LEU A 23 3.88 -4.41 0.76
C LEU A 23 4.19 -4.33 2.26
N GLN A 24 5.18 -5.11 2.69
CA GLN A 24 5.57 -5.13 4.09
C GLN A 24 6.19 -3.80 4.50
N GLY A 25 5.56 -3.12 5.45
CA GLY A 25 6.07 -1.83 5.90
C GLY A 25 5.56 -0.68 5.06
N VAL A 26 4.52 -0.94 4.27
CA VAL A 26 3.95 0.09 3.41
C VAL A 26 2.57 0.52 3.92
N VAL A 27 2.23 1.78 3.68
CA VAL A 27 0.93 2.31 4.11
C VAL A 27 0.20 2.97 2.94
N VAL A 28 -1.06 2.57 2.75
CA VAL A 28 -1.87 3.12 1.68
C VAL A 28 -3.07 3.87 2.22
N VAL A 29 -3.68 4.71 1.39
CA VAL A 29 -4.84 5.49 1.80
C VAL A 29 -5.87 5.59 0.66
N LEU A 30 -7.12 5.32 0.99
CA LEU A 30 -8.20 5.37 0.00
C LEU A 30 -8.79 6.77 -0.09
N SER A 31 -8.73 7.35 -1.28
CA SER A 31 -9.25 8.70 -1.49
C SER A 31 -9.80 8.85 -2.92
N GLY A 32 -11.12 8.86 -3.05
CA GLY A 32 -11.73 9.00 -4.35
C GLY A 32 -12.39 7.71 -4.82
N PHE A 33 -12.68 6.82 -3.89
CA PHE A 33 -13.30 5.54 -4.21
C PHE A 33 -14.65 5.40 -3.51
N GLN A 34 -15.49 4.52 -4.04
CA GLN A 34 -16.82 4.30 -3.47
C GLN A 34 -17.12 2.81 -3.39
N ASN A 35 -17.55 2.37 -2.20
CA ASN A 35 -17.88 0.96 -1.97
C ASN A 35 -18.93 0.48 -2.97
N PRO A 36 -19.02 -0.84 -3.14
CA PRO A 36 -18.17 -1.79 -2.42
C PRO A 36 -16.72 -1.73 -2.88
N PHE A 37 -16.46 -0.91 -3.90
CA PHE A 37 -15.11 -0.76 -4.43
C PHE A 37 -14.10 -0.52 -3.31
N ARG A 38 -14.29 0.56 -2.57
CA ARG A 38 -13.40 0.91 -1.47
C ARG A 38 -13.24 -0.27 -0.51
N SER A 39 -14.36 -0.91 -0.19
CA SER A 39 -14.34 -2.05 0.73
C SER A 39 -13.48 -3.19 0.16
N GLU A 40 -13.45 -3.30 -1.16
CA GLU A 40 -12.67 -4.34 -1.83
C GLU A 40 -11.19 -3.99 -1.82
N LEU A 41 -10.87 -2.77 -2.24
CA LEU A 41 -9.49 -2.30 -2.28
C LEU A 41 -8.80 -2.51 -0.94
N ARG A 42 -9.48 -2.11 0.14
CA ARG A 42 -8.93 -2.24 1.48
C ARG A 42 -8.56 -3.70 1.77
N ASP A 43 -9.55 -4.58 1.71
CA ASP A 43 -9.33 -5.99 1.97
C ASP A 43 -8.05 -6.48 1.29
N LYS A 44 -7.99 -6.30 -0.03
CA LYS A 44 -6.82 -6.71 -0.79
C LYS A 44 -5.57 -6.00 -0.31
N ALA A 45 -5.69 -4.70 -0.08
CA ALA A 45 -4.57 -3.89 0.39
C ALA A 45 -3.98 -4.46 1.68
N LEU A 46 -4.84 -5.07 2.49
CA LEU A 46 -4.41 -5.66 3.76
C LEU A 46 -3.53 -6.89 3.51
N GLU A 47 -3.92 -7.70 2.54
CA GLU A 47 -3.18 -8.91 2.21
C GLU A 47 -1.72 -8.58 1.91
N LEU A 48 -1.50 -7.62 1.02
CA LEU A 48 -0.15 -7.20 0.65
C LEU A 48 0.66 -6.82 1.88
N GLY A 49 -0.03 -6.59 2.99
CA GLY A 49 0.63 -6.22 4.22
C GLY A 49 0.78 -4.72 4.37
N ALA A 50 -0.16 -3.97 3.81
CA ALA A 50 -0.13 -2.52 3.88
C ALA A 50 -1.17 -2.00 4.87
N LYS A 51 -0.91 -0.83 5.44
CA LYS A 51 -1.83 -0.22 6.40
C LYS A 51 -2.85 0.67 5.70
N TYR A 52 -4.07 0.63 6.18
CA TYR A 52 -5.15 1.42 5.59
C TYR A 52 -5.60 2.52 6.55
N ARG A 53 -5.28 3.77 6.21
CA ARG A 53 -5.65 4.90 7.04
C ARG A 53 -6.85 5.65 6.45
N PRO A 54 -7.73 6.14 7.31
CA PRO A 54 -8.93 6.88 6.90
C PRO A 54 -8.58 8.25 6.32
N ASP A 55 -7.39 8.74 6.63
CA ASP A 55 -6.95 10.04 6.14
C ASP A 55 -5.42 10.08 6.05
N TRP A 56 -4.91 10.94 5.16
CA TRP A 56 -3.48 11.09 4.98
C TRP A 56 -2.80 11.54 6.27
N THR A 57 -1.79 10.78 6.71
CA THR A 57 -1.07 11.09 7.94
C THR A 57 0.44 11.05 7.71
N ARG A 58 1.19 11.49 8.70
CA ARG A 58 2.65 11.50 8.62
C ARG A 58 3.19 10.09 8.48
N ASP A 59 2.33 9.10 8.67
CA ASP A 59 2.72 7.70 8.56
C ASP A 59 2.40 7.14 7.18
N SER A 60 1.51 7.83 6.46
CA SER A 60 1.11 7.41 5.13
C SER A 60 2.24 7.60 4.13
N THR A 61 2.64 6.52 3.46
CA THR A 61 3.71 6.58 2.48
C THR A 61 3.15 6.75 1.07
N HIS A 62 2.31 5.82 0.66
CA HIS A 62 1.72 5.88 -0.68
C HIS A 62 0.22 6.21 -0.56
N LEU A 63 -0.25 7.02 -1.49
CA LEU A 63 -1.65 7.43 -1.52
C LEU A 63 -2.37 6.81 -2.71
N ILE A 64 -3.54 6.22 -2.44
CA ILE A 64 -4.33 5.59 -3.49
C ILE A 64 -5.41 6.54 -4.00
N CYS A 65 -5.22 7.06 -5.21
CA CYS A 65 -6.18 7.97 -5.81
C CYS A 65 -6.88 7.31 -7.00
N ALA A 66 -8.12 7.74 -7.26
CA ALA A 66 -8.90 7.20 -8.36
C ALA A 66 -8.61 7.96 -9.65
N PHE A 67 -8.41 9.27 -9.54
CA PHE A 67 -8.14 10.11 -10.70
C PHE A 67 -7.42 11.39 -10.29
N ALA A 68 -6.82 12.06 -11.26
CA ALA A 68 -6.09 13.30 -11.00
C ALA A 68 -7.06 14.48 -10.80
N ASN A 69 -6.50 15.66 -10.59
CA ASN A 69 -7.30 16.85 -10.39
C ASN A 69 -8.18 16.72 -9.14
N THR A 70 -7.57 16.25 -8.05
CA THR A 70 -8.29 16.08 -6.79
C THR A 70 -7.67 16.92 -5.69
N PRO A 71 -8.46 17.19 -4.64
CA PRO A 71 -8.01 18.00 -3.49
C PRO A 71 -6.97 17.26 -2.64
N LYS A 72 -7.05 15.94 -2.64
CA LYS A 72 -6.11 15.12 -1.86
C LYS A 72 -4.86 14.82 -2.67
N TYR A 73 -4.96 14.99 -4.00
CA TYR A 73 -3.83 14.73 -4.88
C TYR A 73 -2.79 15.83 -4.75
N SER A 74 -3.22 17.08 -4.90
CA SER A 74 -2.32 18.22 -4.80
C SER A 74 -1.66 18.28 -3.44
N GLN A 75 -2.46 18.09 -2.38
CA GLN A 75 -1.95 18.12 -1.02
C GLN A 75 -0.72 17.21 -0.88
N VAL A 76 -0.96 15.91 -0.97
CA VAL A 76 0.12 14.93 -0.85
C VAL A 76 1.23 15.21 -1.86
N LEU A 77 0.93 16.03 -2.85
CA LEU A 77 1.89 16.38 -3.88
C LEU A 77 2.99 17.29 -3.32
N GLY A 78 2.58 18.33 -2.61
CA GLY A 78 3.53 19.25 -2.02
C GLY A 78 4.25 18.67 -0.83
N LEU A 79 3.51 17.93 -0.01
CA LEU A 79 4.08 17.30 1.19
C LEU A 79 5.35 16.52 0.84
N GLY A 80 5.23 15.61 -0.11
CA GLY A 80 6.37 14.81 -0.52
C GLY A 80 6.06 13.32 -0.55
N GLY A 81 4.78 13.00 -0.66
CA GLY A 81 4.37 11.60 -0.70
C GLY A 81 4.38 11.03 -2.10
N ARG A 82 4.23 9.72 -2.20
CA ARG A 82 4.23 9.04 -3.50
C ARG A 82 2.80 8.77 -3.97
N ILE A 83 2.29 9.66 -4.81
CA ILE A 83 0.94 9.51 -5.34
C ILE A 83 0.90 8.55 -6.53
N VAL A 84 0.13 7.48 -6.39
CA VAL A 84 0.01 6.49 -7.45
C VAL A 84 -1.45 6.19 -7.76
N ARG A 85 -1.68 5.38 -8.78
CA ARG A 85 -3.04 5.01 -9.18
C ARG A 85 -3.54 3.82 -8.36
N LYS A 86 -4.80 3.45 -8.57
CA LYS A 86 -5.39 2.32 -7.86
C LYS A 86 -4.85 1.00 -8.38
N GLU A 87 -4.66 0.92 -9.68
CA GLU A 87 -4.15 -0.30 -10.31
C GLU A 87 -3.04 -0.91 -9.47
N TRP A 88 -2.27 -0.06 -8.81
CA TRP A 88 -1.16 -0.50 -7.97
C TRP A 88 -1.59 -1.67 -7.07
N VAL A 89 -2.62 -1.44 -6.27
CA VAL A 89 -3.13 -2.46 -5.37
C VAL A 89 -3.81 -3.58 -6.15
N LEU A 90 -4.89 -3.25 -6.85
CA LEU A 90 -5.62 -4.23 -7.64
C LEU A 90 -4.67 -5.23 -8.29
N ASP A 91 -3.64 -4.71 -8.96
CA ASP A 91 -2.67 -5.55 -9.63
C ASP A 91 -1.77 -6.26 -8.61
N CYS A 92 -0.99 -5.48 -7.88
CA CYS A 92 -0.08 -6.02 -6.87
C CYS A 92 -0.70 -7.24 -6.18
N HIS A 93 -2.01 -7.19 -5.98
CA HIS A 93 -2.70 -8.30 -5.34
C HIS A 93 -2.95 -9.41 -6.35
N ARG A 94 -3.67 -9.06 -7.41
CA ARG A 94 -3.98 -10.01 -8.47
C ARG A 94 -2.77 -10.87 -8.82
N MET A 95 -1.66 -10.22 -9.14
CA MET A 95 -0.43 -10.92 -9.49
C MET A 95 0.33 -11.33 -8.23
N ARG A 96 -0.13 -10.84 -7.08
CA ARG A 96 0.51 -11.15 -5.81
C ARG A 96 2.01 -10.90 -5.88
N ARG A 97 2.39 -9.78 -6.47
CA ARG A 97 3.80 -9.42 -6.61
C ARG A 97 4.00 -7.91 -6.45
N ARG A 98 5.21 -7.51 -6.12
CA ARG A 98 5.53 -6.10 -5.95
C ARG A 98 5.83 -5.43 -7.28
N LEU A 99 5.02 -4.45 -7.65
CA LEU A 99 5.19 -3.74 -8.90
C LEU A 99 5.81 -2.35 -8.66
N PRO A 100 6.60 -1.89 -9.64
CA PRO A 100 7.25 -0.57 -9.56
C PRO A 100 6.26 0.58 -9.66
N SER A 101 5.91 1.16 -8.52
CA SER A 101 4.97 2.27 -8.48
C SER A 101 5.46 3.42 -9.35
N GLN A 102 6.75 3.41 -9.66
CA GLN A 102 7.34 4.46 -10.49
C GLN A 102 6.67 4.51 -11.86
N ARG A 103 5.90 3.48 -12.18
CA ARG A 103 5.20 3.41 -13.46
C ARG A 103 3.78 3.95 -13.34
N TYR A 104 3.19 3.79 -12.16
CA TYR A 104 1.83 4.27 -11.93
C TYR A 104 1.85 5.68 -11.34
N LEU A 105 3.05 6.20 -11.10
CA LEU A 105 3.20 7.55 -10.54
C LEU A 105 2.27 8.53 -11.24
N MET A 106 1.53 9.30 -10.45
CA MET A 106 0.61 10.30 -11.00
C MET A 106 1.26 11.67 -11.03
N ALA A 107 1.85 12.07 -9.91
CA ALA A 107 2.51 13.37 -9.81
C ALA A 107 4.00 13.26 -10.09
N GLY A 108 4.62 14.38 -10.45
CA GLY A 108 6.05 14.37 -10.73
C GLY A 108 6.35 14.08 -12.19
N PRO A 109 7.43 14.68 -12.70
CA PRO A 109 7.85 14.49 -14.09
C PRO A 109 8.36 13.07 -14.36
N GLY A 110 8.79 12.40 -13.31
CA GLY A 110 9.30 11.05 -13.45
C GLY A 110 10.13 10.61 -12.26
N SER A 111 11.44 10.46 -12.48
CA SER A 111 12.34 10.04 -11.41
C SER A 111 12.68 11.20 -10.49
N SER A 112 11.90 11.35 -9.42
CA SER A 112 12.11 12.42 -8.46
C SER A 112 12.43 11.87 -7.08
N SER A 113 11.57 10.98 -6.59
CA SER A 113 11.76 10.37 -5.28
C SER A 113 12.35 8.97 -5.41
N GLU A 114 13.31 8.82 -6.29
CA GLU A 114 13.96 7.52 -6.52
C GLU A 114 14.82 7.13 -5.33
N GLU A 115 14.19 6.57 -4.31
CA GLU A 115 14.91 6.15 -3.10
C GLU A 115 15.71 4.87 -3.36
N ASP A 116 16.44 4.43 -2.35
CA ASP A 116 17.24 3.22 -2.47
C ASP A 116 16.47 2.11 -3.17
N GLU A 117 17.16 1.35 -4.01
CA GLU A 117 16.53 0.26 -4.74
C GLU A 117 17.05 -1.09 -4.27
N ALA A 118 17.67 -1.10 -3.10
CA ALA A 118 18.22 -2.32 -2.52
C ALA A 118 17.14 -3.10 -1.76
N SER A 119 16.39 -3.93 -2.48
CA SER A 119 15.33 -4.72 -1.87
C SER A 119 15.46 -6.18 -2.27
N HIS A 120 14.78 -7.05 -1.52
CA HIS A 120 14.82 -8.47 -1.81
C HIS A 120 13.45 -9.10 -1.54
N SER A 121 13.38 -10.40 -1.74
CA SER A 121 12.13 -11.14 -1.54
C SER A 121 12.10 -11.76 -0.14
N GLY A 122 13.27 -12.16 0.35
CA GLY A 122 13.34 -12.77 1.66
C GLY A 122 12.67 -14.13 1.71
N GLY A 123 12.32 -14.57 2.92
CA GLY A 123 11.68 -15.86 3.09
C GLY A 123 11.05 -16.02 4.45
N SER A 124 10.90 -17.26 4.89
CA SER A 124 10.30 -17.56 6.19
C SER A 124 10.81 -16.59 7.24
N GLY A 125 9.89 -16.10 8.08
CA GLY A 125 10.26 -15.18 9.13
C GLY A 125 9.80 -15.63 10.50
N PRO A 126 10.26 -14.92 11.55
CA PRO A 126 9.90 -15.24 12.93
C PRO A 126 8.43 -14.95 13.24
N SER A 127 7.93 -15.54 14.31
CA SER A 127 6.54 -15.35 14.71
C SER A 127 6.31 -13.91 15.18
N SER A 128 5.24 -13.30 14.68
CA SER A 128 4.90 -11.93 15.05
C SER A 128 4.37 -11.87 16.48
N GLY A 129 3.57 -12.85 16.86
CA GLY A 129 3.01 -12.89 18.19
C GLY A 129 3.87 -13.67 19.16
N GLY A 1 1.09 -16.49 19.32
CA GLY A 1 0.95 -16.46 20.76
C GLY A 1 2.26 -16.69 21.49
N SER A 2 2.26 -17.63 22.43
CA SER A 2 3.45 -17.94 23.20
C SER A 2 3.54 -19.44 23.48
N SER A 3 4.66 -19.86 24.06
CA SER A 3 4.88 -21.26 24.38
C SER A 3 4.53 -22.15 23.19
N GLY A 4 4.92 -21.72 22.00
CA GLY A 4 4.64 -22.49 20.79
C GLY A 4 3.21 -23.00 20.76
N SER A 5 2.27 -22.11 20.46
CA SER A 5 0.86 -22.48 20.40
C SER A 5 0.61 -23.45 19.25
N SER A 6 0.05 -24.61 19.58
CA SER A 6 -0.25 -25.63 18.58
C SER A 6 -1.57 -25.33 17.87
N GLY A 7 -1.49 -24.85 16.64
CA GLY A 7 -2.68 -24.53 15.88
C GLY A 7 -2.37 -24.01 14.50
N GLU A 8 -2.62 -24.82 13.48
CA GLU A 8 -2.37 -24.42 12.10
C GLU A 8 -3.05 -25.38 11.13
N PRO A 9 -3.40 -24.85 9.94
CA PRO A 9 -4.06 -25.65 8.89
C PRO A 9 -3.14 -26.69 8.28
N ARG A 10 -3.70 -27.53 7.43
CA ARG A 10 -2.92 -28.58 6.76
C ARG A 10 -3.08 -28.50 5.25
N ARG A 11 -4.21 -27.97 4.80
CA ARG A 11 -4.49 -27.84 3.38
C ARG A 11 -3.64 -26.74 2.75
N PRO A 12 -3.14 -27.00 1.54
CA PRO A 12 -2.29 -26.04 0.81
C PRO A 12 -3.08 -24.81 0.35
N ARG A 13 -2.70 -23.65 0.87
CA ARG A 13 -3.37 -22.40 0.50
C ARG A 13 -2.53 -21.21 0.91
N ALA A 14 -2.50 -20.19 0.04
CA ALA A 14 -1.73 -18.98 0.31
C ALA A 14 -2.56 -17.96 1.08
N GLY A 15 -2.26 -17.79 2.36
CA GLY A 15 -2.99 -16.84 3.17
C GLY A 15 -2.40 -15.44 3.11
N PRO A 16 -2.71 -14.61 4.12
CA PRO A 16 -2.22 -13.24 4.20
C PRO A 16 -0.72 -13.18 4.48
N GLU A 17 -0.10 -14.34 4.62
CA GLU A 17 1.33 -14.42 4.88
C GLU A 17 2.14 -14.11 3.63
N GLU A 18 1.86 -14.86 2.55
CA GLU A 18 2.56 -14.66 1.29
C GLU A 18 2.43 -13.22 0.80
N LEU A 19 1.20 -12.71 0.81
CA LEU A 19 0.93 -11.35 0.37
C LEU A 19 1.48 -10.35 1.36
N GLY A 20 1.35 -10.65 2.65
CA GLY A 20 1.86 -9.76 3.69
C GLY A 20 3.33 -9.49 3.55
N LYS A 21 4.02 -10.32 2.77
CA LYS A 21 5.46 -10.16 2.56
C LYS A 21 5.74 -9.34 1.30
N ILE A 22 4.68 -8.83 0.68
CA ILE A 22 4.82 -8.03 -0.52
C ILE A 22 5.00 -6.55 -0.19
N LEU A 23 4.06 -6.01 0.58
CA LEU A 23 4.11 -4.61 0.98
C LEU A 23 4.37 -4.47 2.47
N GLN A 24 5.29 -5.29 2.99
CA GLN A 24 5.62 -5.26 4.41
C GLN A 24 6.27 -3.92 4.79
N GLY A 25 5.51 -3.10 5.52
CA GLY A 25 6.02 -1.81 5.93
C GLY A 25 5.55 -0.69 5.04
N VAL A 26 4.37 -0.85 4.45
CA VAL A 26 3.80 0.15 3.57
C VAL A 26 2.46 0.66 4.10
N VAL A 27 2.17 1.93 3.84
CA VAL A 27 0.91 2.52 4.28
C VAL A 27 0.15 3.14 3.11
N VAL A 28 -1.07 2.65 2.90
CA VAL A 28 -1.90 3.16 1.80
C VAL A 28 -3.11 3.90 2.35
N VAL A 29 -3.54 4.93 1.62
CA VAL A 29 -4.69 5.73 2.03
C VAL A 29 -5.73 5.81 0.91
N LEU A 30 -6.94 5.35 1.21
CA LEU A 30 -8.02 5.36 0.23
C LEU A 30 -8.68 6.74 0.17
N SER A 31 -8.70 7.33 -1.03
CA SER A 31 -9.31 8.65 -1.21
C SER A 31 -9.93 8.76 -2.59
N GLY A 32 -11.26 8.74 -2.64
CA GLY A 32 -11.96 8.83 -3.91
C GLY A 32 -12.55 7.52 -4.36
N PHE A 33 -13.06 6.74 -3.40
CA PHE A 33 -13.66 5.44 -3.70
C PHE A 33 -15.03 5.32 -3.04
N GLN A 34 -15.83 4.38 -3.53
CA GLN A 34 -17.16 4.15 -3.00
C GLN A 34 -17.47 2.65 -2.91
N ASN A 35 -17.78 2.20 -1.70
CA ASN A 35 -18.10 0.79 -1.48
C ASN A 35 -19.15 0.31 -2.47
N PRO A 36 -19.17 -1.02 -2.71
CA PRO A 36 -18.25 -1.95 -2.07
C PRO A 36 -16.82 -1.79 -2.57
N PHE A 37 -16.68 -1.25 -3.78
CA PHE A 37 -15.36 -1.05 -4.37
C PHE A 37 -14.35 -0.61 -3.32
N ARG A 38 -14.71 0.42 -2.55
CA ARG A 38 -13.84 0.93 -1.51
C ARG A 38 -13.37 -0.19 -0.59
N SER A 39 -14.31 -1.00 -0.11
CA SER A 39 -13.99 -2.11 0.77
C SER A 39 -13.09 -3.13 0.08
N GLU A 40 -13.61 -3.74 -0.97
CA GLU A 40 -12.86 -4.73 -1.74
C GLU A 40 -11.41 -4.28 -1.94
N LEU A 41 -11.24 -3.05 -2.41
CA LEU A 41 -9.92 -2.50 -2.65
C LEU A 41 -9.11 -2.44 -1.35
N ARG A 42 -9.77 -2.06 -0.27
CA ARG A 42 -9.11 -1.97 1.04
C ARG A 42 -8.59 -3.34 1.48
N ASP A 43 -9.42 -4.36 1.30
CA ASP A 43 -9.04 -5.72 1.68
C ASP A 43 -7.69 -6.10 1.07
N LYS A 44 -7.64 -6.11 -0.25
CA LYS A 44 -6.40 -6.46 -0.96
C LYS A 44 -5.22 -5.70 -0.39
N ALA A 45 -5.40 -4.41 -0.17
CA ALA A 45 -4.33 -3.56 0.38
C ALA A 45 -3.80 -4.15 1.67
N LEU A 46 -4.70 -4.66 2.52
CA LEU A 46 -4.30 -5.25 3.79
C LEU A 46 -3.52 -6.54 3.58
N GLU A 47 -4.01 -7.37 2.66
CA GLU A 47 -3.35 -8.64 2.36
C GLU A 47 -1.88 -8.44 2.03
N LEU A 48 -1.60 -7.47 1.17
CA LEU A 48 -0.23 -7.17 0.77
C LEU A 48 0.61 -6.75 1.99
N GLY A 49 -0.07 -6.47 3.09
CA GLY A 49 0.62 -6.07 4.30
C GLY A 49 0.68 -4.56 4.46
N ALA A 50 -0.14 -3.85 3.69
CA ALA A 50 -0.18 -2.40 3.74
C ALA A 50 -1.23 -1.92 4.73
N LYS A 51 -0.94 -0.80 5.41
CA LYS A 51 -1.86 -0.24 6.38
C LYS A 51 -2.85 0.70 5.70
N TYR A 52 -4.12 0.56 6.05
CA TYR A 52 -5.18 1.39 5.48
C TYR A 52 -5.61 2.47 6.47
N ARG A 53 -5.33 3.73 6.12
CA ARG A 53 -5.69 4.85 6.97
C ARG A 53 -6.78 5.70 6.33
N PRO A 54 -7.69 6.23 7.17
CA PRO A 54 -8.80 7.05 6.70
C PRO A 54 -8.33 8.42 6.19
N ASP A 55 -7.29 8.95 6.81
CA ASP A 55 -6.75 10.25 6.42
C ASP A 55 -5.23 10.18 6.29
N TRP A 56 -4.67 11.10 5.51
CA TRP A 56 -3.22 11.14 5.31
C TRP A 56 -2.49 11.21 6.64
N THR A 57 -1.85 10.10 7.02
CA THR A 57 -1.10 10.03 8.27
C THR A 57 0.37 10.34 8.06
N ARG A 58 1.09 10.58 9.15
CA ARG A 58 2.51 10.88 9.08
C ARG A 58 3.28 9.73 8.46
N ASP A 59 2.88 8.51 8.78
CA ASP A 59 3.53 7.32 8.25
C ASP A 59 3.18 7.11 6.79
N SER A 60 2.14 7.79 6.33
CA SER A 60 1.70 7.68 4.94
C SER A 60 2.88 7.68 3.99
N THR A 61 3.02 6.61 3.22
CA THR A 61 4.11 6.49 2.26
C THR A 61 3.62 6.58 0.83
N HIS A 62 2.42 6.06 0.60
CA HIS A 62 1.84 6.09 -0.74
C HIS A 62 0.33 6.36 -0.63
N LEU A 63 -0.14 7.25 -1.50
CA LEU A 63 -1.56 7.61 -1.52
C LEU A 63 -2.28 6.88 -2.66
N ILE A 64 -3.31 6.12 -2.30
CA ILE A 64 -4.09 5.38 -3.29
C ILE A 64 -5.21 6.24 -3.86
N CYS A 65 -4.94 6.91 -4.97
CA CYS A 65 -5.93 7.76 -5.62
C CYS A 65 -6.66 7.00 -6.73
N ALA A 66 -7.78 7.55 -7.16
CA ALA A 66 -8.58 6.93 -8.22
C ALA A 66 -8.51 7.74 -9.50
N PHE A 67 -8.46 9.06 -9.36
CA PHE A 67 -8.40 9.95 -10.51
C PHE A 67 -7.78 11.29 -10.13
N ALA A 68 -7.12 11.93 -11.09
CA ALA A 68 -6.49 13.22 -10.85
C ALA A 68 -7.53 14.32 -10.66
N ASN A 69 -7.06 15.55 -10.44
CA ASN A 69 -7.95 16.67 -10.24
C ASN A 69 -8.75 16.53 -8.95
N THR A 70 -8.15 15.84 -7.97
CA THR A 70 -8.80 15.62 -6.69
C THR A 70 -8.20 16.50 -5.60
N PRO A 71 -8.99 16.77 -4.55
CA PRO A 71 -8.54 17.60 -3.42
C PRO A 71 -7.47 16.92 -2.58
N LYS A 72 -7.34 15.60 -2.76
CA LYS A 72 -6.35 14.83 -2.01
C LYS A 72 -5.09 14.62 -2.83
N TYR A 73 -5.23 14.67 -4.15
CA TYR A 73 -4.10 14.49 -5.06
C TYR A 73 -3.13 15.66 -4.95
N SER A 74 -3.66 16.87 -4.79
CA SER A 74 -2.84 18.06 -4.67
C SER A 74 -2.38 18.27 -3.24
N GLN A 75 -3.05 17.60 -2.30
CA GLN A 75 -2.70 17.71 -0.89
C GLN A 75 -1.47 16.87 -0.57
N VAL A 76 -1.46 15.63 -1.06
CA VAL A 76 -0.35 14.73 -0.82
C VAL A 76 0.86 15.10 -1.69
N LEU A 77 0.62 15.93 -2.69
CA LEU A 77 1.68 16.35 -3.61
C LEU A 77 2.59 17.37 -2.93
N GLY A 78 1.98 18.42 -2.37
CA GLY A 78 2.76 19.45 -1.71
C GLY A 78 3.60 18.90 -0.57
N LEU A 79 3.08 17.89 0.12
CA LEU A 79 3.80 17.27 1.23
C LEU A 79 5.03 16.52 0.73
N GLY A 80 4.81 15.51 -0.09
CA GLY A 80 5.92 14.72 -0.62
C GLY A 80 5.66 13.23 -0.56
N GLY A 81 4.40 12.85 -0.81
CA GLY A 81 4.04 11.44 -0.79
C GLY A 81 3.94 10.85 -2.18
N ARG A 82 4.21 9.55 -2.28
CA ARG A 82 4.15 8.85 -3.57
C ARG A 82 2.70 8.66 -4.01
N ILE A 83 2.22 9.58 -4.85
CA ILE A 83 0.85 9.51 -5.35
C ILE A 83 0.75 8.53 -6.51
N VAL A 84 0.01 7.44 -6.31
CA VAL A 84 -0.18 6.43 -7.34
C VAL A 84 -1.65 6.05 -7.48
N ARG A 85 -2.00 5.47 -8.61
CA ARG A 85 -3.37 5.05 -8.87
C ARG A 85 -3.66 3.70 -8.23
N LYS A 86 -4.94 3.32 -8.20
CA LYS A 86 -5.35 2.06 -7.62
C LYS A 86 -4.75 0.88 -8.38
N GLU A 87 -4.65 1.03 -9.71
CA GLU A 87 -4.10 -0.01 -10.55
C GLU A 87 -2.94 -0.72 -9.86
N TRP A 88 -2.11 0.05 -9.18
CA TRP A 88 -0.95 -0.49 -8.45
C TRP A 88 -1.38 -1.63 -7.53
N VAL A 89 -2.32 -1.33 -6.64
CA VAL A 89 -2.82 -2.33 -5.70
C VAL A 89 -3.51 -3.47 -6.41
N LEU A 90 -4.55 -3.14 -7.17
CA LEU A 90 -5.30 -4.14 -7.92
C LEU A 90 -4.36 -5.14 -8.59
N ASP A 91 -3.32 -4.63 -9.24
CA ASP A 91 -2.34 -5.47 -9.91
C ASP A 91 -1.48 -6.23 -8.91
N CYS A 92 -0.94 -5.49 -7.94
CA CYS A 92 -0.08 -6.09 -6.91
C CYS A 92 -0.75 -7.32 -6.31
N HIS A 93 -2.03 -7.21 -5.99
CA HIS A 93 -2.75 -8.32 -5.42
C HIS A 93 -3.01 -9.38 -6.49
N ARG A 94 -3.69 -8.97 -7.55
CA ARG A 94 -4.00 -9.86 -8.66
C ARG A 94 -2.79 -10.70 -9.04
N MET A 95 -1.60 -10.13 -8.90
CA MET A 95 -0.37 -10.83 -9.22
C MET A 95 0.35 -11.29 -7.95
N ARG A 96 -0.14 -10.82 -6.81
CA ARG A 96 0.47 -11.18 -5.53
C ARG A 96 1.98 -10.99 -5.56
N ARG A 97 2.42 -9.84 -6.08
CA ARG A 97 3.84 -9.54 -6.17
C ARG A 97 4.07 -8.03 -6.09
N ARG A 98 5.35 -7.64 -6.06
CA ARG A 98 5.71 -6.24 -5.97
C ARG A 98 5.83 -5.62 -7.37
N LEU A 99 5.13 -4.52 -7.59
CA LEU A 99 5.16 -3.83 -8.87
C LEU A 99 5.77 -2.43 -8.74
N PRO A 100 6.42 -1.96 -9.82
CA PRO A 100 7.05 -0.65 -9.85
C PRO A 100 6.03 0.49 -9.83
N SER A 101 5.82 1.06 -8.66
CA SER A 101 4.87 2.16 -8.50
C SER A 101 5.18 3.28 -9.48
N GLN A 102 6.45 3.43 -9.83
CA GLN A 102 6.87 4.47 -10.76
C GLN A 102 6.00 4.47 -12.01
N ARG A 103 5.83 3.30 -12.62
CA ARG A 103 5.01 3.16 -13.82
C ARG A 103 3.59 3.66 -13.56
N TYR A 104 3.21 3.71 -12.29
CA TYR A 104 1.87 4.15 -11.91
C TYR A 104 1.93 5.47 -11.17
N LEU A 105 2.82 6.35 -11.60
CA LEU A 105 2.98 7.66 -10.96
C LEU A 105 2.05 8.69 -11.59
N MET A 106 1.25 9.33 -10.77
CA MET A 106 0.31 10.35 -11.24
C MET A 106 0.96 11.73 -11.27
N ALA A 107 1.45 12.16 -10.11
CA ALA A 107 2.11 13.46 -10.00
C ALA A 107 3.38 13.51 -10.83
N GLY A 108 3.67 14.67 -11.42
CA GLY A 108 4.86 14.82 -12.22
C GLY A 108 5.00 13.72 -13.27
N PRO A 109 6.08 13.79 -14.05
CA PRO A 109 6.35 12.80 -15.10
C PRO A 109 6.75 11.44 -14.52
N GLY A 110 7.60 11.46 -13.50
CA GLY A 110 8.03 10.22 -12.87
C GLY A 110 8.16 9.08 -13.86
N SER A 111 9.28 9.05 -14.60
CA SER A 111 9.52 8.01 -15.59
C SER A 111 11.01 7.94 -15.95
N SER A 112 11.47 6.73 -16.23
CA SER A 112 12.87 6.52 -16.58
C SER A 112 13.33 7.55 -17.61
N SER A 113 12.54 7.72 -18.66
CA SER A 113 12.87 8.67 -19.72
C SER A 113 13.20 10.04 -19.13
N GLU A 114 12.35 10.52 -18.21
CA GLU A 114 12.55 11.81 -17.58
C GLU A 114 12.75 11.65 -16.08
N GLU A 115 14.00 11.48 -15.66
CA GLU A 115 14.32 11.31 -14.25
C GLU A 115 13.90 12.54 -13.44
N ASP A 116 13.83 12.39 -12.13
CA ASP A 116 13.44 13.47 -11.24
C ASP A 116 14.50 14.57 -11.23
N GLU A 117 14.06 15.82 -11.11
CA GLU A 117 14.97 16.95 -11.08
C GLU A 117 15.58 17.13 -9.70
N ALA A 118 14.71 17.33 -8.71
CA ALA A 118 15.15 17.52 -7.34
C ALA A 118 16.15 16.43 -6.93
N SER A 119 15.74 15.18 -7.05
CA SER A 119 16.59 14.05 -6.69
C SER A 119 18.05 14.35 -7.03
N HIS A 120 18.92 14.17 -6.05
CA HIS A 120 20.33 14.42 -6.25
C HIS A 120 21.15 13.30 -5.61
N SER A 121 21.78 12.50 -6.47
CA SER A 121 22.60 11.38 -6.01
C SER A 121 24.07 11.60 -6.36
N GLY A 122 24.94 10.84 -5.72
CA GLY A 122 26.37 10.96 -5.97
C GLY A 122 26.90 12.34 -5.63
N GLY A 123 28.22 12.49 -5.67
CA GLY A 123 28.83 13.77 -5.36
C GLY A 123 28.91 14.69 -6.55
N SER A 124 30.06 15.33 -6.73
CA SER A 124 30.26 16.26 -7.84
C SER A 124 31.43 15.80 -8.71
N GLY A 125 31.34 16.10 -10.01
CA GLY A 125 32.40 15.71 -10.93
C GLY A 125 31.87 14.96 -12.13
N PRO A 126 31.47 15.70 -13.18
CA PRO A 126 30.94 15.11 -14.41
C PRO A 126 32.02 14.39 -15.22
N SER A 127 33.19 14.98 -15.30
CA SER A 127 34.31 14.40 -16.04
C SER A 127 35.64 14.94 -15.54
N SER A 128 36.60 14.04 -15.32
CA SER A 128 37.91 14.42 -14.83
C SER A 128 38.33 15.77 -15.42
N GLY A 129 38.87 16.64 -14.56
CA GLY A 129 39.31 17.94 -15.01
C GLY A 129 38.96 19.03 -14.03
N GLY A 1 -19.52 -2.58 22.95
CA GLY A 1 -18.31 -3.32 23.26
C GLY A 1 -18.52 -4.82 23.22
N SER A 2 -18.49 -5.40 22.02
CA SER A 2 -18.68 -6.83 21.85
C SER A 2 -18.08 -7.32 20.54
N SER A 3 -17.96 -8.63 20.39
CA SER A 3 -17.40 -9.22 19.19
C SER A 3 -18.00 -10.60 18.91
N GLY A 4 -17.81 -11.09 17.70
CA GLY A 4 -18.34 -12.39 17.33
C GLY A 4 -18.76 -12.46 15.89
N SER A 5 -18.08 -13.31 15.11
CA SER A 5 -18.38 -13.47 13.69
C SER A 5 -17.86 -14.79 13.17
N SER A 6 -18.74 -15.58 12.57
CA SER A 6 -18.38 -16.88 12.03
C SER A 6 -19.03 -17.12 10.67
N GLY A 7 -18.28 -17.70 9.75
CA GLY A 7 -18.81 -17.97 8.43
C GLY A 7 -18.02 -17.26 7.34
N GLU A 8 -17.10 -17.99 6.71
CA GLU A 8 -16.29 -17.42 5.64
C GLU A 8 -16.40 -18.25 4.36
N PRO A 9 -16.38 -17.56 3.21
CA PRO A 9 -16.48 -18.20 1.90
C PRO A 9 -15.24 -19.02 1.55
N ARG A 10 -15.43 -20.07 0.76
CA ARG A 10 -14.32 -20.93 0.36
C ARG A 10 -13.59 -20.34 -0.84
N ARG A 11 -12.39 -19.83 -0.60
CA ARG A 11 -11.59 -19.23 -1.67
C ARG A 11 -10.14 -19.72 -1.59
N PRO A 12 -9.52 -19.91 -2.77
CA PRO A 12 -8.13 -20.36 -2.86
C PRO A 12 -7.13 -19.31 -2.39
N ARG A 13 -6.65 -19.47 -1.16
CA ARG A 13 -5.69 -18.52 -0.59
C ARG A 13 -4.46 -19.25 -0.05
N ALA A 14 -3.29 -18.67 -0.29
CA ALA A 14 -2.05 -19.27 0.19
C ALA A 14 -1.53 -18.56 1.44
N GLY A 15 -2.46 -18.23 2.34
CA GLY A 15 -2.08 -17.56 3.57
C GLY A 15 -1.74 -16.10 3.34
N PRO A 16 -2.06 -15.25 4.33
CA PRO A 16 -1.79 -13.81 4.26
C PRO A 16 -0.30 -13.50 4.34
N GLU A 17 0.51 -14.52 4.53
CA GLU A 17 1.95 -14.35 4.62
C GLU A 17 2.56 -14.06 3.25
N GLU A 18 2.16 -14.85 2.25
CA GLU A 18 2.65 -14.68 0.90
C GLU A 18 2.49 -13.23 0.44
N LEU A 19 1.30 -12.68 0.65
CA LEU A 19 1.01 -11.31 0.26
C LEU A 19 1.48 -10.32 1.32
N GLY A 20 1.37 -10.72 2.58
CA GLY A 20 1.80 -9.86 3.68
C GLY A 20 3.27 -9.56 3.63
N LYS A 21 4.00 -10.27 2.76
CA LYS A 21 5.44 -10.08 2.62
C LYS A 21 5.76 -9.29 1.36
N ILE A 22 4.72 -8.78 0.70
CA ILE A 22 4.89 -8.01 -0.53
C ILE A 22 5.02 -6.52 -0.22
N LEU A 23 3.99 -5.97 0.41
CA LEU A 23 3.97 -4.55 0.77
C LEU A 23 4.28 -4.35 2.25
N GLN A 24 5.20 -5.16 2.77
CA GLN A 24 5.57 -5.08 4.18
C GLN A 24 6.27 -3.75 4.48
N GLY A 25 5.69 -2.97 5.38
CA GLY A 25 6.26 -1.69 5.75
C GLY A 25 5.71 -0.56 4.91
N VAL A 26 4.69 -0.85 4.10
CA VAL A 26 4.07 0.15 3.25
C VAL A 26 2.72 0.58 3.78
N VAL A 27 2.40 1.86 3.64
CA VAL A 27 1.13 2.40 4.11
C VAL A 27 0.38 3.10 2.99
N VAL A 28 -0.79 2.57 2.65
CA VAL A 28 -1.61 3.15 1.59
C VAL A 28 -2.83 3.87 2.16
N VAL A 29 -3.45 4.71 1.34
CA VAL A 29 -4.64 5.45 1.77
C VAL A 29 -5.71 5.44 0.68
N LEU A 30 -6.91 5.02 1.06
CA LEU A 30 -8.03 4.96 0.12
C LEU A 30 -8.71 6.32 0.01
N SER A 31 -8.68 6.89 -1.18
CA SER A 31 -9.30 8.19 -1.43
C SER A 31 -10.17 8.16 -2.68
N GLY A 32 -11.35 8.77 -2.59
CA GLY A 32 -12.26 8.79 -3.72
C GLY A 32 -12.79 7.42 -4.07
N PHE A 33 -13.06 6.62 -3.04
CA PHE A 33 -13.59 5.27 -3.24
C PHE A 33 -14.95 5.12 -2.56
N GLN A 34 -15.85 4.39 -3.22
CA GLN A 34 -17.19 4.17 -2.68
C GLN A 34 -17.51 2.67 -2.64
N ASN A 35 -17.87 2.18 -1.45
CA ASN A 35 -18.21 0.78 -1.27
C ASN A 35 -19.23 0.33 -2.31
N PRO A 36 -19.23 -0.98 -2.62
CA PRO A 36 -18.30 -1.93 -2.00
C PRO A 36 -16.87 -1.72 -2.47
N PHE A 37 -16.71 -1.15 -3.66
CA PHE A 37 -15.39 -0.89 -4.22
C PHE A 37 -14.40 -0.53 -3.11
N ARG A 38 -14.72 0.52 -2.36
CA ARG A 38 -13.85 0.97 -1.27
C ARG A 38 -13.47 -0.20 -0.36
N SER A 39 -14.45 -1.04 -0.06
CA SER A 39 -14.22 -2.20 0.81
C SER A 39 -13.31 -3.22 0.13
N GLU A 40 -13.73 -3.69 -1.03
CA GLU A 40 -12.95 -4.67 -1.79
C GLU A 40 -11.50 -4.22 -1.93
N LEU A 41 -11.32 -2.98 -2.38
CA LEU A 41 -9.99 -2.42 -2.56
C LEU A 41 -9.19 -2.46 -1.26
N ARG A 42 -9.84 -2.13 -0.16
CA ARG A 42 -9.19 -2.13 1.15
C ARG A 42 -8.61 -3.51 1.45
N ASP A 43 -9.47 -4.52 1.49
CA ASP A 43 -9.04 -5.89 1.77
C ASP A 43 -7.76 -6.23 0.99
N LYS A 44 -7.82 -6.07 -0.33
CA LYS A 44 -6.67 -6.36 -1.18
C LYS A 44 -5.43 -5.65 -0.66
N ALA A 45 -5.57 -4.37 -0.31
CA ALA A 45 -4.45 -3.59 0.19
C ALA A 45 -3.91 -4.17 1.50
N LEU A 46 -4.79 -4.81 2.26
CA LEU A 46 -4.40 -5.41 3.52
C LEU A 46 -3.58 -6.68 3.30
N GLU A 47 -4.01 -7.50 2.35
CA GLU A 47 -3.30 -8.73 2.03
C GLU A 47 -1.83 -8.47 1.79
N LEU A 48 -1.54 -7.51 0.91
CA LEU A 48 -0.16 -7.17 0.59
C LEU A 48 0.62 -6.80 1.85
N GLY A 49 -0.11 -6.48 2.92
CA GLY A 49 0.53 -6.12 4.17
C GLY A 49 0.65 -4.62 4.35
N ALA A 50 -0.17 -3.87 3.61
CA ALA A 50 -0.15 -2.42 3.69
C ALA A 50 -1.16 -1.91 4.71
N LYS A 51 -0.86 -0.76 5.31
CA LYS A 51 -1.75 -0.16 6.31
C LYS A 51 -2.72 0.82 5.66
N TYR A 52 -4.01 0.60 5.88
CA TYR A 52 -5.04 1.46 5.31
C TYR A 52 -5.45 2.54 6.30
N ARG A 53 -5.13 3.79 5.97
CA ARG A 53 -5.47 4.91 6.83
C ARG A 53 -6.62 5.72 6.25
N PRO A 54 -7.50 6.24 7.13
CA PRO A 54 -8.66 7.03 6.73
C PRO A 54 -8.26 8.40 6.17
N ASP A 55 -7.10 8.88 6.61
CA ASP A 55 -6.60 10.18 6.16
C ASP A 55 -5.10 10.13 5.92
N TRP A 56 -4.61 11.04 5.07
CA TRP A 56 -3.18 11.09 4.76
C TRP A 56 -2.36 11.41 6.00
N THR A 57 -1.96 10.37 6.73
CA THR A 57 -1.17 10.54 7.95
C THR A 57 0.30 10.69 7.62
N ARG A 58 1.05 11.28 8.56
CA ARG A 58 2.49 11.49 8.36
C ARG A 58 3.21 10.17 8.16
N ASP A 59 2.52 9.07 8.46
CA ASP A 59 3.09 7.74 8.30
C ASP A 59 2.83 7.19 6.90
N SER A 60 1.80 7.71 6.26
CA SER A 60 1.44 7.27 4.91
C SER A 60 2.60 7.46 3.95
N THR A 61 2.88 6.43 3.16
CA THR A 61 3.97 6.49 2.20
C THR A 61 3.44 6.60 0.77
N HIS A 62 2.36 5.89 0.50
CA HIS A 62 1.77 5.91 -0.83
C HIS A 62 0.28 6.27 -0.72
N LEU A 63 -0.18 7.07 -1.67
CA LEU A 63 -1.57 7.50 -1.71
C LEU A 63 -2.31 6.86 -2.88
N ILE A 64 -3.50 6.34 -2.60
CA ILE A 64 -4.31 5.71 -3.64
C ILE A 64 -5.45 6.62 -4.09
N CYS A 65 -5.23 7.31 -5.21
CA CYS A 65 -6.24 8.22 -5.75
C CYS A 65 -7.09 7.52 -6.79
N ALA A 66 -8.40 7.79 -6.76
CA ALA A 66 -9.32 7.18 -7.71
C ALA A 66 -9.12 7.75 -9.11
N PHE A 67 -8.87 9.05 -9.19
CA PHE A 67 -8.66 9.71 -10.48
C PHE A 67 -8.05 11.09 -10.28
N ALA A 68 -7.59 11.69 -11.37
CA ALA A 68 -6.98 13.01 -11.32
C ALA A 68 -8.01 14.08 -10.98
N ASN A 69 -7.59 15.34 -11.00
CA ASN A 69 -8.47 16.45 -10.69
C ASN A 69 -9.24 16.19 -9.40
N THR A 70 -8.53 15.72 -8.38
CA THR A 70 -9.14 15.43 -7.08
C THR A 70 -8.52 16.28 -5.99
N PRO A 71 -9.26 16.45 -4.87
CA PRO A 71 -8.80 17.24 -3.73
C PRO A 71 -7.65 16.58 -2.99
N LYS A 72 -7.69 15.25 -2.91
CA LYS A 72 -6.65 14.49 -2.23
C LYS A 72 -5.43 14.30 -3.13
N TYR A 73 -5.61 14.56 -4.42
CA TYR A 73 -4.52 14.42 -5.39
C TYR A 73 -3.58 15.62 -5.32
N SER A 74 -4.14 16.81 -5.18
CA SER A 74 -3.35 18.03 -5.10
C SER A 74 -3.00 18.36 -3.65
N GLN A 75 -3.61 17.63 -2.73
CA GLN A 75 -3.37 17.85 -1.31
C GLN A 75 -2.10 17.13 -0.85
N VAL A 76 -1.87 15.95 -1.42
CA VAL A 76 -0.68 15.16 -1.08
C VAL A 76 0.49 15.51 -1.99
N LEU A 77 0.20 16.20 -3.09
CA LEU A 77 1.23 16.60 -4.04
C LEU A 77 2.11 17.71 -3.45
N GLY A 78 1.48 18.75 -2.96
CA GLY A 78 2.21 19.87 -2.37
C GLY A 78 3.07 19.44 -1.20
N LEU A 79 2.56 18.50 -0.41
CA LEU A 79 3.28 18.00 0.76
C LEU A 79 4.55 17.26 0.33
N GLY A 80 4.44 16.45 -0.71
CA GLY A 80 5.58 15.71 -1.20
C GLY A 80 5.42 14.21 -1.01
N GLY A 81 4.19 13.73 -1.16
CA GLY A 81 3.92 12.31 -1.00
C GLY A 81 3.93 11.56 -2.31
N ARG A 82 3.95 10.24 -2.24
CA ARG A 82 3.97 9.41 -3.44
C ARG A 82 2.55 9.10 -3.91
N ILE A 83 2.06 9.90 -4.85
CA ILE A 83 0.72 9.72 -5.39
C ILE A 83 0.72 8.74 -6.55
N VAL A 84 0.07 7.59 -6.35
CA VAL A 84 -0.02 6.57 -7.38
C VAL A 84 -1.44 6.08 -7.56
N ARG A 85 -1.79 5.70 -8.79
CA ARG A 85 -3.13 5.22 -9.10
C ARG A 85 -3.45 3.96 -8.29
N LYS A 86 -4.70 3.54 -8.35
CA LYS A 86 -5.15 2.35 -7.62
C LYS A 86 -4.66 1.08 -8.32
N GLU A 87 -4.61 1.11 -9.64
CA GLU A 87 -4.17 -0.04 -10.42
C GLU A 87 -3.00 -0.74 -9.73
N TRP A 88 -2.24 0.02 -8.94
CA TRP A 88 -1.10 -0.53 -8.22
C TRP A 88 -1.54 -1.62 -7.25
N VAL A 89 -2.39 -1.25 -6.30
CA VAL A 89 -2.88 -2.20 -5.30
C VAL A 89 -3.61 -3.36 -5.97
N LEU A 90 -4.44 -3.04 -6.96
CA LEU A 90 -5.20 -4.05 -7.67
C LEU A 90 -4.28 -5.15 -8.20
N ASP A 91 -3.28 -4.76 -8.99
CA ASP A 91 -2.34 -5.71 -9.55
C ASP A 91 -1.61 -6.47 -8.45
N CYS A 92 -0.86 -5.75 -7.63
CA CYS A 92 -0.11 -6.37 -6.53
C CYS A 92 -0.88 -7.55 -5.95
N HIS A 93 -2.20 -7.44 -5.94
CA HIS A 93 -3.04 -8.50 -5.40
C HIS A 93 -3.33 -9.52 -6.50
N ARG A 94 -3.94 -9.03 -7.58
CA ARG A 94 -4.29 -9.89 -8.71
C ARG A 94 -3.19 -10.93 -8.97
N MET A 95 -1.94 -10.47 -8.93
CA MET A 95 -0.80 -11.35 -9.16
C MET A 95 -0.19 -11.80 -7.84
N ARG A 96 -0.37 -10.98 -6.80
CA ARG A 96 0.18 -11.29 -5.49
C ARG A 96 1.70 -11.14 -5.47
N ARG A 97 2.20 -10.16 -6.23
CA ARG A 97 3.63 -9.91 -6.31
C ARG A 97 3.94 -8.43 -6.12
N ARG A 98 5.21 -8.12 -5.87
CA ARG A 98 5.63 -6.74 -5.66
C ARG A 98 5.86 -6.04 -7.00
N LEU A 99 5.16 -4.92 -7.21
CA LEU A 99 5.29 -4.16 -8.44
C LEU A 99 5.79 -2.75 -8.16
N PRO A 100 6.51 -2.17 -9.13
CA PRO A 100 7.06 -0.82 -9.00
C PRO A 100 5.97 0.26 -9.04
N SER A 101 6.01 1.16 -8.07
CA SER A 101 5.02 2.23 -7.99
C SER A 101 5.42 3.40 -8.87
N GLN A 102 6.66 3.37 -9.35
CA GLN A 102 7.17 4.44 -10.21
C GLN A 102 6.49 4.40 -11.58
N ARG A 103 6.02 3.22 -11.97
CA ARG A 103 5.35 3.05 -13.26
C ARG A 103 3.90 3.50 -13.17
N TYR A 104 3.35 3.51 -11.96
CA TYR A 104 1.98 3.92 -11.75
C TYR A 104 1.89 5.37 -11.28
N LEU A 105 3.06 5.97 -11.04
CA LEU A 105 3.13 7.35 -10.59
C LEU A 105 2.21 8.24 -11.42
N MET A 106 1.41 9.06 -10.72
CA MET A 106 0.48 9.96 -11.39
C MET A 106 1.16 11.31 -11.69
N ALA A 107 1.53 12.02 -10.64
CA ALA A 107 2.17 13.31 -10.78
C ALA A 107 3.67 13.15 -11.03
N GLY A 108 4.35 14.27 -11.26
CA GLY A 108 5.78 14.24 -11.51
C GLY A 108 6.12 13.49 -12.78
N PRO A 109 7.27 13.84 -13.39
CA PRO A 109 7.73 13.20 -14.63
C PRO A 109 8.17 11.77 -14.42
N GLY A 110 8.82 11.51 -13.28
CA GLY A 110 9.28 10.16 -12.98
C GLY A 110 10.37 10.15 -11.93
N SER A 111 11.23 9.13 -11.98
CA SER A 111 12.32 9.00 -11.03
C SER A 111 13.67 9.28 -11.70
N SER A 112 13.91 10.55 -11.99
CA SER A 112 15.16 10.96 -12.63
C SER A 112 16.20 11.35 -11.60
N SER A 113 16.90 10.36 -11.05
CA SER A 113 17.93 10.61 -10.03
C SER A 113 17.31 11.25 -8.78
N GLU A 114 16.14 10.76 -8.40
CA GLU A 114 15.45 11.28 -7.23
C GLU A 114 15.36 10.21 -6.14
N GLU A 115 16.45 10.01 -5.42
CA GLU A 115 16.51 9.02 -4.36
C GLU A 115 16.46 9.69 -2.98
N ASP A 116 15.53 9.24 -2.14
CA ASP A 116 15.39 9.80 -0.80
C ASP A 116 16.64 9.56 0.03
N GLU A 117 16.91 10.47 0.96
CA GLU A 117 18.08 10.36 1.82
C GLU A 117 17.93 9.20 2.80
N ALA A 118 16.79 9.16 3.48
CA ALA A 118 16.52 8.10 4.45
C ALA A 118 15.04 8.04 4.80
N SER A 119 14.36 7.01 4.29
CA SER A 119 12.93 6.84 4.55
C SER A 119 12.67 6.59 6.03
N HIS A 120 11.44 6.86 6.44
CA HIS A 120 11.07 6.66 7.84
C HIS A 120 10.41 5.30 8.01
N SER A 121 10.61 4.71 9.19
CA SER A 121 10.05 3.41 9.50
C SER A 121 9.13 3.49 10.71
N GLY A 122 9.60 4.16 11.77
CA GLY A 122 8.80 4.30 12.97
C GLY A 122 8.63 2.98 13.70
N GLY A 123 8.43 3.05 15.02
CA GLY A 123 8.24 1.85 15.81
C GLY A 123 6.81 1.67 16.26
N SER A 124 6.16 0.63 15.74
CA SER A 124 4.78 0.35 16.09
C SER A 124 4.63 -1.09 16.60
N GLY A 125 3.43 -1.42 17.09
CA GLY A 125 3.17 -2.75 17.60
C GLY A 125 1.70 -3.03 17.80
N PRO A 126 1.35 -4.32 17.90
CA PRO A 126 -0.05 -4.74 18.08
C PRO A 126 -0.58 -4.38 19.47
N SER A 127 0.28 -4.45 20.47
CA SER A 127 -0.10 -4.14 21.84
C SER A 127 0.23 -2.68 22.17
N SER A 128 1.42 -2.24 21.78
CA SER A 128 1.84 -0.88 22.04
C SER A 128 1.05 0.11 21.18
N GLY A 129 1.20 1.40 21.49
CA GLY A 129 0.50 2.42 20.74
C GLY A 129 -0.97 2.51 21.11
N GLY A 1 -19.86 -39.07 26.95
CA GLY A 1 -20.31 -38.86 25.59
C GLY A 1 -19.89 -37.52 25.04
N SER A 2 -19.19 -37.53 23.91
CA SER A 2 -18.73 -36.30 23.28
C SER A 2 -18.21 -36.57 21.87
N SER A 3 -18.64 -35.76 20.92
CA SER A 3 -18.23 -35.91 19.53
C SER A 3 -17.33 -34.76 19.10
N GLY A 4 -16.40 -35.04 18.19
CA GLY A 4 -15.48 -34.02 17.72
C GLY A 4 -14.07 -34.53 17.59
N SER A 5 -13.70 -34.99 16.40
CA SER A 5 -12.36 -35.52 16.16
C SER A 5 -11.81 -35.00 14.83
N SER A 6 -10.82 -34.11 14.91
CA SER A 6 -10.21 -33.55 13.71
C SER A 6 -8.73 -33.90 13.64
N GLY A 7 -8.24 -34.12 12.41
CA GLY A 7 -6.85 -34.46 12.23
C GLY A 7 -6.53 -34.83 10.79
N GLU A 8 -6.83 -33.92 9.87
CA GLU A 8 -6.58 -34.14 8.45
C GLU A 8 -5.88 -32.95 7.82
N PRO A 9 -4.97 -33.23 6.87
CA PRO A 9 -4.21 -32.18 6.17
C PRO A 9 -5.10 -31.37 5.23
N ARG A 10 -5.22 -30.07 5.51
CA ARG A 10 -6.03 -29.18 4.69
C ARG A 10 -5.20 -28.56 3.57
N ARG A 11 -5.75 -28.52 2.37
CA ARG A 11 -5.06 -27.95 1.22
C ARG A 11 -4.47 -26.59 1.57
N PRO A 12 -3.29 -26.30 1.00
CA PRO A 12 -2.60 -25.02 1.23
C PRO A 12 -3.31 -23.85 0.57
N ARG A 13 -3.59 -22.81 1.36
CA ARG A 13 -4.26 -21.63 0.85
C ARG A 13 -3.34 -20.41 0.91
N ALA A 14 -3.51 -19.52 -0.06
CA ALA A 14 -2.68 -18.31 -0.14
C ALA A 14 -3.30 -17.18 0.68
N GLY A 15 -2.74 -16.95 1.87
CA GLY A 15 -3.24 -15.90 2.73
C GLY A 15 -2.43 -14.62 2.63
N PRO A 16 -2.52 -13.77 3.66
CA PRO A 16 -1.79 -12.50 3.71
C PRO A 16 -0.28 -12.69 3.85
N GLU A 17 0.14 -13.95 3.87
CA GLU A 17 1.57 -14.27 4.00
C GLU A 17 2.32 -13.90 2.73
N GLU A 18 2.02 -14.62 1.65
CA GLU A 18 2.67 -14.38 0.36
C GLU A 18 2.52 -12.92 -0.05
N LEU A 19 1.36 -12.34 0.25
CA LEU A 19 1.09 -10.95 -0.10
C LEU A 19 1.71 -10.00 0.92
N GLY A 20 1.68 -10.39 2.19
CA GLY A 20 2.25 -9.56 3.24
C GLY A 20 3.71 -9.24 2.99
N LYS A 21 4.39 -10.10 2.25
CA LYS A 21 5.81 -9.90 1.94
C LYS A 21 5.96 -8.99 0.73
N ILE A 22 4.85 -8.47 0.23
CA ILE A 22 4.88 -7.58 -0.92
C ILE A 22 4.98 -6.12 -0.50
N LEU A 23 4.01 -5.67 0.29
CA LEU A 23 3.98 -4.29 0.78
C LEU A 23 4.31 -4.23 2.27
N GLN A 24 5.18 -5.14 2.71
CA GLN A 24 5.58 -5.18 4.12
C GLN A 24 6.21 -3.85 4.55
N GLY A 25 5.50 -3.13 5.40
CA GLY A 25 6.00 -1.85 5.88
C GLY A 25 5.55 -0.69 5.01
N VAL A 26 4.35 -0.81 4.45
CA VAL A 26 3.81 0.24 3.59
C VAL A 26 2.49 0.76 4.14
N VAL A 27 2.20 2.03 3.84
CA VAL A 27 0.96 2.65 4.31
C VAL A 27 0.21 3.30 3.16
N VAL A 28 -0.99 2.81 2.90
CA VAL A 28 -1.82 3.35 1.82
C VAL A 28 -3.03 4.08 2.37
N VAL A 29 -3.54 5.03 1.59
CA VAL A 29 -4.70 5.81 2.00
C VAL A 29 -5.77 5.82 0.92
N LEU A 30 -6.97 5.35 1.27
CA LEU A 30 -8.08 5.31 0.32
C LEU A 30 -8.76 6.67 0.21
N SER A 31 -8.83 7.20 -1.00
CA SER A 31 -9.46 8.49 -1.24
C SER A 31 -10.26 8.48 -2.54
N GLY A 32 -11.50 8.98 -2.48
CA GLY A 32 -12.34 9.02 -3.66
C GLY A 32 -12.89 7.66 -4.01
N PHE A 33 -13.11 6.81 -3.01
CA PHE A 33 -13.63 5.48 -3.23
C PHE A 33 -15.04 5.34 -2.66
N GLN A 34 -15.77 4.33 -3.13
CA GLN A 34 -17.13 4.09 -2.67
C GLN A 34 -17.42 2.60 -2.58
N ASN A 35 -17.99 2.18 -1.46
CA ASN A 35 -18.32 0.77 -1.25
C ASN A 35 -19.35 0.29 -2.28
N PRO A 36 -19.34 -1.02 -2.55
CA PRO A 36 -18.41 -1.95 -1.92
C PRO A 36 -16.97 -1.75 -2.38
N PHE A 37 -16.81 -1.31 -3.62
CA PHE A 37 -15.48 -1.06 -4.18
C PHE A 37 -14.53 -0.56 -3.11
N ARG A 38 -14.87 0.56 -2.49
CA ARG A 38 -14.03 1.15 -1.45
C ARG A 38 -13.56 0.09 -0.47
N SER A 39 -14.51 -0.72 0.01
CA SER A 39 -14.20 -1.78 0.98
C SER A 39 -13.27 -2.82 0.35
N GLU A 40 -13.73 -3.41 -0.74
CA GLU A 40 -12.95 -4.43 -1.45
C GLU A 40 -11.50 -3.98 -1.62
N LEU A 41 -11.33 -2.80 -2.21
CA LEU A 41 -9.99 -2.26 -2.44
C LEU A 41 -9.12 -2.38 -1.19
N ARG A 42 -9.73 -2.14 -0.03
CA ARG A 42 -9.01 -2.22 1.24
C ARG A 42 -8.64 -3.67 1.55
N ASP A 43 -9.62 -4.56 1.44
CA ASP A 43 -9.39 -5.99 1.71
C ASP A 43 -8.07 -6.45 1.09
N LYS A 44 -7.94 -6.26 -0.22
CA LYS A 44 -6.73 -6.66 -0.93
C LYS A 44 -5.52 -5.92 -0.40
N ALA A 45 -5.64 -4.61 -0.26
CA ALA A 45 -4.54 -3.79 0.24
C ALA A 45 -3.97 -4.36 1.54
N LEU A 46 -4.85 -4.96 2.33
CA LEU A 46 -4.44 -5.55 3.60
C LEU A 46 -3.57 -6.78 3.38
N GLU A 47 -3.96 -7.61 2.42
CA GLU A 47 -3.21 -8.82 2.10
C GLU A 47 -1.75 -8.50 1.79
N LEU A 48 -1.54 -7.44 1.01
CA LEU A 48 -0.19 -7.01 0.64
C LEU A 48 0.61 -6.60 1.87
N GLY A 49 -0.09 -6.40 2.99
CA GLY A 49 0.57 -6.00 4.21
C GLY A 49 0.68 -4.50 4.36
N ALA A 50 -0.20 -3.78 3.67
CA ALA A 50 -0.19 -2.32 3.73
C ALA A 50 -1.17 -1.81 4.78
N LYS A 51 -0.88 -0.63 5.33
CA LYS A 51 -1.73 -0.02 6.34
C LYS A 51 -2.81 0.85 5.70
N TYR A 52 -4.05 0.65 6.12
CA TYR A 52 -5.16 1.43 5.58
C TYR A 52 -5.58 2.53 6.55
N ARG A 53 -5.26 3.77 6.20
CA ARG A 53 -5.60 4.91 7.04
C ARG A 53 -6.77 5.70 6.44
N PRO A 54 -7.65 6.23 7.31
CA PRO A 54 -8.80 7.01 6.89
C PRO A 54 -8.41 8.37 6.32
N ASP A 55 -7.30 8.90 6.80
CA ASP A 55 -6.81 10.19 6.33
C ASP A 55 -5.29 10.18 6.19
N TRP A 56 -4.77 11.13 5.42
CA TRP A 56 -3.33 11.23 5.20
C TRP A 56 -2.59 11.39 6.51
N THR A 57 -1.84 10.35 6.90
CA THR A 57 -1.08 10.38 8.14
C THR A 57 0.37 10.77 7.88
N ARG A 58 1.12 10.98 8.96
CA ARG A 58 2.52 11.36 8.86
C ARG A 58 3.38 10.15 8.49
N ASP A 59 2.74 8.99 8.38
CA ASP A 59 3.45 7.76 8.03
C ASP A 59 3.05 7.27 6.64
N SER A 60 2.07 7.94 6.04
CA SER A 60 1.59 7.58 4.71
C SER A 60 2.72 7.65 3.69
N THR A 61 3.02 6.51 3.07
CA THR A 61 4.08 6.45 2.07
C THR A 61 3.51 6.54 0.66
N HIS A 62 2.32 6.01 0.47
CA HIS A 62 1.68 6.05 -0.84
C HIS A 62 0.19 6.40 -0.67
N LEU A 63 -0.33 7.10 -1.67
CA LEU A 63 -1.73 7.51 -1.66
C LEU A 63 -2.50 6.86 -2.82
N ILE A 64 -3.50 6.07 -2.49
CA ILE A 64 -4.31 5.40 -3.51
C ILE A 64 -5.44 6.30 -3.98
N CYS A 65 -5.19 7.05 -5.06
CA CYS A 65 -6.19 7.95 -5.61
C CYS A 65 -6.96 7.27 -6.73
N ALA A 66 -8.25 7.58 -6.83
CA ALA A 66 -9.11 7.01 -7.85
C ALA A 66 -8.95 7.75 -9.18
N PHE A 67 -8.94 9.07 -9.11
CA PHE A 67 -8.79 9.90 -10.31
C PHE A 67 -8.14 11.23 -9.97
N ALA A 68 -7.34 11.74 -10.90
CA ALA A 68 -6.66 13.02 -10.70
C ALA A 68 -7.66 14.16 -10.62
N ASN A 69 -7.15 15.39 -10.53
CA ASN A 69 -7.99 16.57 -10.45
C ASN A 69 -8.81 16.55 -9.16
N THR A 70 -8.27 15.91 -8.13
CA THR A 70 -8.96 15.82 -6.84
C THR A 70 -8.31 16.73 -5.81
N PRO A 71 -9.06 17.05 -4.74
CA PRO A 71 -8.58 17.92 -3.67
C PRO A 71 -7.50 17.25 -2.83
N LYS A 72 -7.63 15.94 -2.65
CA LYS A 72 -6.67 15.18 -1.86
C LYS A 72 -5.40 14.90 -2.67
N TYR A 73 -5.54 14.90 -3.99
CA TYR A 73 -4.40 14.65 -4.87
C TYR A 73 -3.33 15.73 -4.71
N SER A 74 -3.75 16.98 -4.86
CA SER A 74 -2.83 18.11 -4.73
C SER A 74 -2.31 18.22 -3.31
N GLN A 75 -3.21 18.03 -2.34
CA GLN A 75 -2.84 18.13 -0.93
C GLN A 75 -1.60 17.27 -0.64
N VAL A 76 -1.63 16.02 -1.11
CA VAL A 76 -0.51 15.11 -0.90
C VAL A 76 0.61 15.37 -1.89
N LEU A 77 0.30 16.12 -2.94
CA LEU A 77 1.28 16.45 -3.98
C LEU A 77 2.28 17.48 -3.47
N GLY A 78 1.77 18.50 -2.78
CA GLY A 78 2.63 19.54 -2.25
C GLY A 78 3.51 19.05 -1.12
N LEU A 79 2.96 18.17 -0.29
CA LEU A 79 3.69 17.61 0.85
C LEU A 79 4.92 16.86 0.38
N GLY A 80 4.75 16.01 -0.63
CA GLY A 80 5.85 15.23 -1.15
C GLY A 80 5.66 13.74 -0.98
N GLY A 81 4.44 13.27 -1.23
CA GLY A 81 4.14 11.86 -1.09
C GLY A 81 4.11 11.14 -2.42
N ARG A 82 4.12 9.81 -2.39
CA ARG A 82 4.09 9.01 -3.60
C ARG A 82 2.66 8.80 -4.08
N ILE A 83 2.22 9.65 -5.00
CA ILE A 83 0.86 9.56 -5.54
C ILE A 83 0.81 8.57 -6.70
N VAL A 84 0.07 7.49 -6.51
CA VAL A 84 -0.07 6.47 -7.54
C VAL A 84 -1.53 6.08 -7.73
N ARG A 85 -1.83 5.44 -8.86
CA ARG A 85 -3.19 5.01 -9.17
C ARG A 85 -3.62 3.88 -8.25
N LYS A 86 -4.88 3.45 -8.39
CA LYS A 86 -5.42 2.37 -7.57
C LYS A 86 -4.96 1.02 -8.09
N GLU A 87 -4.74 0.93 -9.40
CA GLU A 87 -4.30 -0.32 -10.02
C GLU A 87 -3.09 -0.89 -9.28
N TRP A 88 -2.18 -0.03 -8.87
CA TRP A 88 -0.98 -0.45 -8.16
C TRP A 88 -1.31 -1.55 -7.16
N VAL A 89 -2.51 -1.48 -6.59
CA VAL A 89 -2.95 -2.47 -5.60
C VAL A 89 -3.62 -3.65 -6.29
N LEU A 90 -4.45 -3.36 -7.29
CA LEU A 90 -5.16 -4.41 -8.02
C LEU A 90 -4.18 -5.35 -8.70
N ASP A 91 -3.30 -4.79 -9.53
CA ASP A 91 -2.31 -5.58 -10.26
C ASP A 91 -1.42 -6.34 -9.28
N CYS A 92 -0.92 -5.65 -8.27
CA CYS A 92 -0.05 -6.26 -7.26
C CYS A 92 -0.74 -7.47 -6.62
N HIS A 93 -1.95 -7.25 -6.13
CA HIS A 93 -2.70 -8.32 -5.49
C HIS A 93 -2.92 -9.46 -6.49
N ARG A 94 -3.51 -9.11 -7.62
CA ARG A 94 -3.79 -10.08 -8.66
C ARG A 94 -2.57 -10.95 -8.93
N MET A 95 -1.43 -10.32 -9.18
CA MET A 95 -0.20 -11.04 -9.45
C MET A 95 0.50 -11.44 -8.15
N ARG A 96 -0.06 -11.00 -7.03
CA ARG A 96 0.50 -11.31 -5.72
C ARG A 96 2.01 -11.07 -5.70
N ARG A 97 2.42 -9.94 -6.28
CA ARG A 97 3.84 -9.59 -6.33
C ARG A 97 4.03 -8.09 -6.11
N ARG A 98 5.29 -7.68 -5.94
CA ARG A 98 5.61 -6.27 -5.73
C ARG A 98 5.95 -5.58 -7.05
N LEU A 99 5.12 -4.63 -7.45
CA LEU A 99 5.33 -3.90 -8.69
C LEU A 99 5.97 -2.54 -8.42
N PRO A 100 6.77 -2.07 -9.38
CA PRO A 100 7.47 -0.78 -9.27
C PRO A 100 6.51 0.40 -9.35
N SER A 101 6.22 1.02 -8.21
CA SER A 101 5.32 2.16 -8.15
C SER A 101 5.72 3.22 -9.17
N GLN A 102 7.01 3.27 -9.49
CA GLN A 102 7.53 4.25 -10.44
C GLN A 102 6.74 4.20 -11.74
N ARG A 103 6.34 3.00 -12.14
CA ARG A 103 5.58 2.82 -13.37
C ARG A 103 4.15 3.30 -13.20
N TYR A 104 3.65 3.27 -11.96
CA TYR A 104 2.30 3.69 -11.66
C TYR A 104 2.29 5.09 -11.05
N LEU A 105 3.35 5.85 -11.31
CA LEU A 105 3.46 7.20 -10.79
C LEU A 105 2.46 8.13 -11.46
N MET A 106 1.58 8.73 -10.65
CA MET A 106 0.56 9.64 -11.17
C MET A 106 1.13 11.05 -11.32
N ALA A 107 1.75 11.55 -10.25
CA ALA A 107 2.34 12.89 -10.27
C ALA A 107 3.85 12.83 -10.09
N GLY A 108 4.53 13.90 -10.46
CA GLY A 108 5.97 13.95 -10.32
C GLY A 108 6.69 13.64 -11.62
N PRO A 109 7.84 14.28 -11.83
CA PRO A 109 8.65 14.09 -13.04
C PRO A 109 9.29 12.71 -13.10
N GLY A 110 9.44 12.08 -11.94
CA GLY A 110 10.04 10.77 -11.88
C GLY A 110 10.65 10.47 -10.52
N SER A 111 11.49 9.43 -10.46
CA SER A 111 12.14 9.04 -9.22
C SER A 111 13.31 9.98 -8.90
N SER A 112 13.00 11.09 -8.25
CA SER A 112 14.02 12.07 -7.88
C SER A 112 14.41 11.93 -6.42
N SER A 113 13.44 12.10 -5.53
CA SER A 113 13.69 11.99 -4.10
C SER A 113 12.75 10.97 -3.45
N GLU A 114 12.75 9.76 -4.00
CA GLU A 114 11.89 8.70 -3.48
C GLU A 114 12.47 8.09 -2.21
N GLU A 115 12.61 8.92 -1.18
CA GLU A 115 13.17 8.48 0.09
C GLU A 115 12.15 7.63 0.85
N ASP A 116 12.65 6.78 1.74
CA ASP A 116 11.78 5.92 2.54
C ASP A 116 12.07 6.09 4.03
N GLU A 117 11.18 5.55 4.86
CA GLU A 117 11.34 5.64 6.31
C GLU A 117 11.75 4.30 6.91
N ALA A 118 11.01 3.25 6.56
CA ALA A 118 11.31 1.91 7.06
C ALA A 118 11.02 1.81 8.55
N SER A 119 9.89 2.38 8.98
CA SER A 119 9.51 2.36 10.38
C SER A 119 8.08 1.86 10.54
N HIS A 120 7.89 0.94 11.47
CA HIS A 120 6.56 0.38 11.72
C HIS A 120 5.88 1.16 12.85
N SER A 121 4.60 1.39 12.68
CA SER A 121 3.81 2.12 13.67
C SER A 121 3.04 1.16 14.56
N GLY A 122 2.26 0.27 13.93
CA GLY A 122 1.48 -0.70 14.69
C GLY A 122 0.26 -1.17 13.93
N GLY A 123 -0.55 -2.00 14.58
CA GLY A 123 -1.75 -2.52 13.94
C GLY A 123 -2.88 -1.51 13.94
N SER A 124 -3.05 -0.82 12.82
CA SER A 124 -4.10 0.18 12.69
C SER A 124 -5.08 -0.19 11.59
N GLY A 125 -6.36 -0.28 11.94
CA GLY A 125 -7.37 -0.63 10.96
C GLY A 125 -8.71 -0.92 11.60
N PRO A 126 -9.49 0.13 11.88
CA PRO A 126 -10.81 0.00 12.50
C PRO A 126 -11.83 -0.63 11.57
N SER A 127 -13.00 -0.96 12.10
CA SER A 127 -14.07 -1.58 11.31
C SER A 127 -14.56 -0.60 10.25
N SER A 128 -15.34 -1.13 9.30
CA SER A 128 -15.88 -0.31 8.22
C SER A 128 -17.09 0.48 8.70
N GLY A 129 -17.71 1.22 7.78
CA GLY A 129 -18.88 2.01 8.13
C GLY A 129 -18.96 3.29 7.32
N GLY A 1 3.88 0.75 23.70
CA GLY A 1 4.03 0.04 24.96
C GLY A 1 3.79 -1.45 24.83
N SER A 2 2.79 -1.82 24.04
CA SER A 2 2.46 -3.23 23.84
C SER A 2 1.41 -3.38 22.73
N SER A 3 1.60 -4.39 21.89
CA SER A 3 0.68 -4.65 20.79
C SER A 3 -0.13 -5.92 21.05
N GLY A 4 0.56 -6.97 21.49
CA GLY A 4 -0.11 -8.23 21.78
C GLY A 4 -0.55 -8.94 20.51
N SER A 5 -0.91 -10.21 20.64
CA SER A 5 -1.35 -11.01 19.50
C SER A 5 -2.20 -12.19 19.95
N SER A 6 -3.14 -12.59 19.10
CA SER A 6 -4.02 -13.70 19.42
C SER A 6 -4.61 -14.31 18.15
N GLY A 7 -4.79 -15.63 18.14
CA GLY A 7 -5.34 -16.30 16.99
C GLY A 7 -4.52 -17.52 16.58
N GLU A 8 -5.07 -18.33 15.69
CA GLU A 8 -4.39 -19.52 15.21
C GLU A 8 -4.26 -19.52 13.69
N PRO A 9 -3.25 -18.80 13.19
CA PRO A 9 -2.99 -18.68 11.75
C PRO A 9 -2.48 -19.99 11.16
N ARG A 10 -3.36 -20.71 10.49
CA ARG A 10 -3.00 -21.98 9.87
C ARG A 10 -3.40 -22.01 8.40
N ARG A 11 -3.27 -20.87 7.73
CA ARG A 11 -3.62 -20.75 6.32
C ARG A 11 -3.30 -22.04 5.58
N PRO A 12 -4.21 -22.44 4.68
CA PRO A 12 -4.05 -23.66 3.88
C PRO A 12 -2.94 -23.55 2.86
N ARG A 13 -2.98 -22.47 2.07
CA ARG A 13 -1.97 -22.24 1.04
C ARG A 13 -1.90 -20.76 0.68
N ALA A 14 -0.68 -20.27 0.42
CA ALA A 14 -0.47 -18.87 0.07
C ALA A 14 -1.33 -17.96 0.93
N GLY A 15 -1.30 -18.19 2.24
CA GLY A 15 -2.08 -17.38 3.15
C GLY A 15 -1.75 -15.91 3.04
N PRO A 16 -2.06 -15.14 4.10
CA PRO A 16 -1.79 -13.70 4.15
C PRO A 16 -0.30 -13.38 4.23
N GLU A 17 0.52 -14.43 4.26
CA GLU A 17 1.97 -14.26 4.33
C GLU A 17 2.54 -13.83 2.99
N GLU A 18 2.42 -14.72 2.00
CA GLU A 18 2.92 -14.44 0.66
C GLU A 18 2.63 -12.99 0.26
N LEU A 19 1.39 -12.56 0.50
CA LEU A 19 0.98 -11.20 0.17
C LEU A 19 1.58 -10.19 1.14
N GLY A 20 1.48 -10.47 2.43
CA GLY A 20 2.02 -9.59 3.43
C GLY A 20 3.51 -9.33 3.24
N LYS A 21 4.17 -10.24 2.54
CA LYS A 21 5.60 -10.12 2.28
C LYS A 21 5.87 -9.27 1.04
N ILE A 22 4.80 -8.72 0.46
CA ILE A 22 4.91 -7.89 -0.72
C ILE A 22 5.03 -6.42 -0.35
N LEU A 23 4.02 -5.91 0.35
CA LEU A 23 4.01 -4.51 0.77
C LEU A 23 4.31 -4.38 2.26
N GLN A 24 5.27 -5.18 2.74
CA GLN A 24 5.66 -5.16 4.14
C GLN A 24 6.24 -3.81 4.52
N GLY A 25 5.52 -3.07 5.36
CA GLY A 25 5.98 -1.77 5.80
C GLY A 25 5.50 -0.65 4.89
N VAL A 26 4.34 -0.86 4.28
CA VAL A 26 3.76 0.13 3.39
C VAL A 26 2.43 0.65 3.91
N VAL A 27 2.25 1.96 3.89
CA VAL A 27 1.01 2.58 4.36
C VAL A 27 0.26 3.27 3.24
N VAL A 28 -0.87 2.71 2.85
CA VAL A 28 -1.68 3.27 1.78
C VAL A 28 -2.94 3.94 2.32
N VAL A 29 -3.43 4.94 1.61
CA VAL A 29 -4.62 5.66 2.02
C VAL A 29 -5.66 5.70 0.90
N LEU A 30 -6.89 5.34 1.24
CA LEU A 30 -7.98 5.33 0.26
C LEU A 30 -8.56 6.72 0.09
N SER A 31 -8.56 7.21 -1.15
CA SER A 31 -9.09 8.53 -1.45
C SER A 31 -9.89 8.51 -2.76
N GLY A 32 -11.20 8.57 -2.65
CA GLY A 32 -12.05 8.57 -3.83
C GLY A 32 -12.63 7.19 -4.12
N PHE A 33 -13.02 6.48 -3.08
CA PHE A 33 -13.58 5.14 -3.22
C PHE A 33 -14.92 5.04 -2.50
N GLN A 34 -15.81 4.21 -3.03
CA GLN A 34 -17.12 4.01 -2.43
C GLN A 34 -17.50 2.54 -2.41
N ASN A 35 -17.90 2.04 -1.24
CA ASN A 35 -18.29 0.64 -1.09
C ASN A 35 -19.36 0.27 -2.10
N PRO A 36 -19.43 -1.03 -2.44
CA PRO A 36 -18.53 -2.04 -1.88
C PRO A 36 -17.09 -1.87 -2.38
N PHE A 37 -16.94 -1.25 -3.54
CA PHE A 37 -15.63 -1.02 -4.13
C PHE A 37 -14.62 -0.61 -3.06
N ARG A 38 -14.97 0.41 -2.29
CA ARG A 38 -14.09 0.90 -1.23
C ARG A 38 -13.60 -0.24 -0.36
N SER A 39 -14.54 -1.01 0.18
CA SER A 39 -14.21 -2.14 1.05
C SER A 39 -13.29 -3.12 0.34
N GLU A 40 -13.76 -3.67 -0.78
CA GLU A 40 -12.98 -4.62 -1.56
C GLU A 40 -11.53 -4.13 -1.72
N LEU A 41 -11.39 -2.89 -2.18
CA LEU A 41 -10.07 -2.31 -2.38
C LEU A 41 -9.25 -2.36 -1.10
N ARG A 42 -9.87 -1.97 0.01
CA ARG A 42 -9.19 -1.97 1.30
C ARG A 42 -8.68 -3.36 1.64
N ASP A 43 -9.56 -4.35 1.56
CA ASP A 43 -9.19 -5.73 1.87
C ASP A 43 -7.93 -6.14 1.10
N LYS A 44 -7.96 -5.94 -0.21
CA LYS A 44 -6.82 -6.30 -1.05
C LYS A 44 -5.54 -5.65 -0.53
N ALA A 45 -5.63 -4.38 -0.18
CA ALA A 45 -4.48 -3.65 0.34
C ALA A 45 -3.94 -4.30 1.61
N LEU A 46 -4.84 -4.82 2.43
CA LEU A 46 -4.46 -5.48 3.68
C LEU A 46 -3.63 -6.73 3.40
N GLU A 47 -4.05 -7.50 2.40
CA GLU A 47 -3.36 -8.74 2.04
C GLU A 47 -1.86 -8.47 1.85
N LEU A 48 -1.55 -7.50 1.00
CA LEU A 48 -0.16 -7.15 0.72
C LEU A 48 0.58 -6.77 2.00
N GLY A 49 -0.19 -6.57 3.08
CA GLY A 49 0.41 -6.21 4.35
C GLY A 49 0.59 -4.71 4.50
N ALA A 50 -0.27 -3.94 3.83
CA ALA A 50 -0.20 -2.49 3.91
C ALA A 50 -1.21 -1.94 4.90
N LYS A 51 -0.95 -0.75 5.42
CA LYS A 51 -1.83 -0.11 6.38
C LYS A 51 -2.83 0.81 5.68
N TYR A 52 -4.11 0.64 6.01
CA TYR A 52 -5.17 1.46 5.41
C TYR A 52 -5.59 2.57 6.35
N ARG A 53 -5.32 3.81 5.96
CA ARG A 53 -5.68 4.97 6.77
C ARG A 53 -6.83 5.75 6.13
N PRO A 54 -7.72 6.29 6.97
CA PRO A 54 -8.87 7.07 6.51
C PRO A 54 -8.47 8.41 5.92
N ASP A 55 -7.33 8.93 6.35
CA ASP A 55 -6.83 10.20 5.86
C ASP A 55 -5.31 10.19 5.75
N TRP A 56 -4.77 11.15 5.01
CA TRP A 56 -3.33 11.25 4.83
C TRP A 56 -2.62 11.45 6.16
N THR A 57 -1.92 10.42 6.62
CA THR A 57 -1.20 10.48 7.88
C THR A 57 0.29 10.72 7.65
N ARG A 58 1.00 11.07 8.72
CA ARG A 58 2.43 11.34 8.64
C ARG A 58 3.21 10.05 8.37
N ASP A 59 2.61 8.92 8.76
CA ASP A 59 3.24 7.62 8.56
C ASP A 59 2.97 7.08 7.16
N SER A 60 2.00 7.69 6.49
CA SER A 60 1.62 7.26 5.14
C SER A 60 2.83 7.28 4.21
N THR A 61 2.93 6.27 3.35
CA THR A 61 4.04 6.16 2.41
C THR A 61 3.57 6.43 0.99
N HIS A 62 2.43 5.86 0.63
CA HIS A 62 1.88 6.04 -0.71
C HIS A 62 0.43 6.52 -0.61
N LEU A 63 -0.05 7.07 -1.72
CA LEU A 63 -1.42 7.57 -1.79
C LEU A 63 -2.21 6.85 -2.88
N ILE A 64 -3.30 6.21 -2.47
CA ILE A 64 -4.15 5.49 -3.41
C ILE A 64 -5.24 6.38 -3.98
N CYS A 65 -5.01 6.93 -5.17
CA CYS A 65 -5.98 7.81 -5.82
C CYS A 65 -6.68 7.08 -6.96
N ALA A 66 -7.98 7.33 -7.09
CA ALA A 66 -8.77 6.70 -8.15
C ALA A 66 -8.76 7.53 -9.42
N PHE A 67 -8.83 8.85 -9.26
CA PHE A 67 -8.82 9.76 -10.39
C PHE A 67 -8.29 11.13 -9.99
N ALA A 68 -7.45 11.71 -10.85
CA ALA A 68 -6.87 13.02 -10.58
C ALA A 68 -7.97 14.07 -10.36
N ASN A 69 -7.55 15.31 -10.12
CA ASN A 69 -8.49 16.41 -9.90
C ASN A 69 -9.27 16.19 -8.59
N THR A 70 -8.55 15.81 -7.54
CA THR A 70 -9.17 15.57 -6.25
C THR A 70 -8.50 16.41 -5.16
N PRO A 71 -9.23 16.63 -4.05
CA PRO A 71 -8.73 17.42 -2.92
C PRO A 71 -7.62 16.69 -2.16
N LYS A 72 -7.63 15.37 -2.24
CA LYS A 72 -6.62 14.55 -1.56
C LYS A 72 -5.42 14.31 -2.46
N TYR A 73 -5.68 14.18 -3.77
CA TYR A 73 -4.62 13.95 -4.73
C TYR A 73 -3.56 15.05 -4.67
N SER A 74 -4.00 16.28 -4.90
CA SER A 74 -3.10 17.43 -4.89
C SER A 74 -2.45 17.58 -3.51
N GLN A 75 -3.27 17.48 -2.47
CA GLN A 75 -2.77 17.61 -1.10
C GLN A 75 -1.53 16.76 -0.89
N VAL A 76 -1.68 15.45 -1.06
CA VAL A 76 -0.57 14.52 -0.89
C VAL A 76 0.51 14.75 -1.95
N LEU A 77 0.15 15.49 -3.00
CA LEU A 77 1.08 15.78 -4.08
C LEU A 77 2.07 16.88 -3.67
N GLY A 78 1.53 18.04 -3.30
CA GLY A 78 2.37 19.14 -2.90
C GLY A 78 3.30 18.78 -1.74
N LEU A 79 2.77 18.01 -0.79
CA LEU A 79 3.54 17.59 0.37
C LEU A 79 4.83 16.88 -0.07
N GLY A 80 4.73 16.08 -1.13
CA GLY A 80 5.89 15.36 -1.62
C GLY A 80 5.74 13.87 -1.49
N GLY A 81 4.51 13.42 -1.23
CA GLY A 81 4.27 11.99 -1.08
C GLY A 81 4.18 11.28 -2.42
N ARG A 82 4.32 9.96 -2.38
CA ARG A 82 4.27 9.15 -3.60
C ARG A 82 2.83 8.82 -3.97
N ILE A 83 2.29 9.56 -4.93
CA ILE A 83 0.91 9.34 -5.37
C ILE A 83 0.86 8.36 -6.54
N VAL A 84 0.06 7.31 -6.38
CA VAL A 84 -0.08 6.30 -7.43
C VAL A 84 -1.53 5.90 -7.62
N ARG A 85 -1.85 5.35 -8.79
CA ARG A 85 -3.22 4.94 -9.09
C ARG A 85 -3.55 3.63 -8.39
N LYS A 86 -4.84 3.34 -8.26
CA LYS A 86 -5.29 2.12 -7.60
C LYS A 86 -4.76 0.88 -8.34
N GLU A 87 -4.57 1.02 -9.65
CA GLU A 87 -4.07 -0.09 -10.46
C GLU A 87 -2.90 -0.78 -9.77
N TRP A 88 -2.15 -0.02 -8.98
CA TRP A 88 -1.00 -0.55 -8.26
C TRP A 88 -1.42 -1.68 -7.32
N VAL A 89 -2.40 -1.41 -6.47
CA VAL A 89 -2.91 -2.40 -5.53
C VAL A 89 -3.59 -3.55 -6.25
N LEU A 90 -4.51 -3.22 -7.14
CA LEU A 90 -5.24 -4.23 -7.90
C LEU A 90 -4.28 -5.22 -8.56
N ASP A 91 -3.36 -4.69 -9.37
CA ASP A 91 -2.39 -5.52 -10.06
C ASP A 91 -1.54 -6.31 -9.06
N CYS A 92 -0.86 -5.58 -8.17
CA CYS A 92 -0.01 -6.21 -7.17
C CYS A 92 -0.70 -7.41 -6.54
N HIS A 93 -1.95 -7.22 -6.12
CA HIS A 93 -2.70 -8.30 -5.50
C HIS A 93 -2.82 -9.46 -6.49
N ARG A 94 -3.57 -9.23 -7.56
CA ARG A 94 -3.78 -10.23 -8.59
C ARG A 94 -2.49 -10.99 -8.88
N MET A 95 -1.47 -10.27 -9.31
CA MET A 95 -0.18 -10.87 -9.63
C MET A 95 0.49 -11.40 -8.36
N ARG A 96 0.13 -10.84 -7.22
CA ARG A 96 0.69 -11.26 -5.95
C ARG A 96 2.20 -11.02 -5.91
N ARG A 97 2.64 -9.96 -6.59
CA ARG A 97 4.05 -9.61 -6.64
C ARG A 97 4.27 -8.15 -6.29
N ARG A 98 5.54 -7.74 -6.22
CA ARG A 98 5.88 -6.36 -5.90
C ARG A 98 6.16 -5.55 -7.16
N LEU A 99 5.10 -4.97 -7.72
CA LEU A 99 5.23 -4.17 -8.93
C LEU A 99 5.71 -2.75 -8.60
N PRO A 100 6.46 -2.15 -9.53
CA PRO A 100 6.99 -0.79 -9.37
C PRO A 100 5.89 0.27 -9.42
N SER A 101 5.78 1.05 -8.35
CA SER A 101 4.77 2.10 -8.28
C SER A 101 5.19 3.32 -9.10
N GLN A 102 6.49 3.45 -9.33
CA GLN A 102 7.01 4.57 -10.10
C GLN A 102 6.35 4.64 -11.46
N ARG A 103 5.99 3.48 -12.01
CA ARG A 103 5.34 3.42 -13.32
C ARG A 103 3.89 3.86 -13.23
N TYR A 104 3.36 3.89 -12.01
CA TYR A 104 1.97 4.28 -11.78
C TYR A 104 1.90 5.63 -11.08
N LEU A 105 2.90 6.47 -11.32
CA LEU A 105 2.95 7.80 -10.69
C LEU A 105 2.15 8.81 -11.51
N MET A 106 1.15 9.42 -10.88
CA MET A 106 0.31 10.41 -11.54
C MET A 106 0.94 11.80 -11.46
N ALA A 107 1.28 12.21 -10.24
CA ALA A 107 1.90 13.51 -10.02
C ALA A 107 3.06 13.75 -10.97
N GLY A 108 2.94 14.79 -11.79
CA GLY A 108 3.99 15.11 -12.74
C GLY A 108 4.57 13.87 -13.40
N PRO A 109 5.78 14.00 -13.95
CA PRO A 109 6.47 12.90 -14.63
C PRO A 109 6.91 11.81 -13.64
N GLY A 110 6.81 12.10 -12.35
CA GLY A 110 7.20 11.13 -11.34
C GLY A 110 8.28 11.67 -10.42
N SER A 111 9.40 10.97 -10.35
CA SER A 111 10.50 11.38 -9.49
C SER A 111 11.84 11.24 -10.22
N SER A 112 12.58 12.34 -10.29
CA SER A 112 13.87 12.35 -10.97
C SER A 112 15.01 12.25 -9.96
N SER A 113 15.31 11.02 -9.54
CA SER A 113 16.38 10.79 -8.57
C SER A 113 16.32 11.80 -7.44
N GLU A 114 15.11 12.06 -6.94
CA GLU A 114 14.92 13.00 -5.85
C GLU A 114 14.31 12.32 -4.64
N GLU A 115 15.17 11.94 -3.69
CA GLU A 115 14.71 11.27 -2.48
C GLU A 115 15.56 11.68 -1.28
N ASP A 116 15.14 11.29 -0.09
CA ASP A 116 15.86 11.61 1.14
C ASP A 116 17.06 10.69 1.31
N GLU A 117 18.26 11.26 1.18
CA GLU A 117 19.49 10.49 1.32
C GLU A 117 19.65 9.99 2.75
N ALA A 118 19.31 10.83 3.71
CA ALA A 118 19.41 10.48 5.12
C ALA A 118 18.27 9.55 5.54
N SER A 119 18.42 8.27 5.23
CA SER A 119 17.40 7.28 5.57
C SER A 119 17.33 7.08 7.07
N HIS A 120 16.50 7.87 7.74
CA HIS A 120 16.34 7.76 9.18
C HIS A 120 15.41 6.60 9.51
N SER A 121 15.97 5.60 10.19
CA SER A 121 15.20 4.43 10.58
C SER A 121 14.06 4.81 11.50
N GLY A 122 13.03 3.96 11.54
CA GLY A 122 11.88 4.23 12.39
C GLY A 122 10.94 3.04 12.48
N GLY A 123 10.41 2.80 13.68
CA GLY A 123 9.50 1.69 13.87
C GLY A 123 8.04 2.12 13.84
N SER A 124 7.17 1.19 13.46
CA SER A 124 5.74 1.47 13.37
C SER A 124 5.18 1.87 14.74
N GLY A 125 4.46 2.98 14.78
CA GLY A 125 3.87 3.44 16.02
C GLY A 125 2.42 3.06 16.17
N PRO A 126 2.00 2.79 17.42
CA PRO A 126 0.62 2.40 17.72
C PRO A 126 -0.36 3.55 17.52
N SER A 127 -1.62 3.32 17.88
CA SER A 127 -2.66 4.32 17.74
C SER A 127 -2.90 5.05 19.06
N SER A 128 -3.09 6.37 18.99
CA SER A 128 -3.32 7.18 20.18
C SER A 128 -2.24 6.93 21.22
N GLY A 129 -1.00 6.82 20.76
CA GLY A 129 0.11 6.58 21.66
C GLY A 129 1.46 6.86 21.03
N GLY A 1 -9.87 -4.17 18.11
CA GLY A 1 -11.26 -4.61 18.20
C GLY A 1 -11.54 -5.79 17.30
N SER A 2 -10.59 -6.73 17.24
CA SER A 2 -10.75 -7.92 16.41
C SER A 2 -10.67 -9.19 17.27
N SER A 3 -11.23 -10.28 16.75
CA SER A 3 -11.22 -11.55 17.46
C SER A 3 -10.72 -12.67 16.56
N GLY A 4 -10.54 -13.85 17.14
CA GLY A 4 -10.06 -15.00 16.38
C GLY A 4 -10.08 -16.28 17.18
N SER A 5 -9.18 -17.19 16.85
CA SER A 5 -9.09 -18.47 17.55
C SER A 5 -7.77 -19.17 17.25
N SER A 6 -7.26 -19.91 18.23
CA SER A 6 -6.00 -20.62 18.07
C SER A 6 -6.18 -21.87 17.19
N GLY A 7 -5.38 -21.96 16.13
CA GLY A 7 -5.47 -23.09 15.23
C GLY A 7 -6.54 -22.91 14.18
N GLU A 8 -6.17 -22.35 13.04
CA GLU A 8 -7.12 -22.12 11.95
C GLU A 8 -6.70 -22.91 10.71
N PRO A 9 -7.71 -23.44 9.98
CA PRO A 9 -7.48 -24.22 8.76
C PRO A 9 -6.97 -23.36 7.62
N ARG A 10 -5.82 -23.71 7.07
CA ARG A 10 -5.23 -22.97 5.96
C ARG A 10 -4.95 -23.89 4.77
N ARG A 11 -4.94 -23.31 3.57
CA ARG A 11 -4.70 -24.09 2.36
C ARG A 11 -3.22 -24.04 1.98
N PRO A 12 -2.76 -25.06 1.24
CA PRO A 12 -1.37 -25.15 0.79
C PRO A 12 -1.02 -24.11 -0.26
N ARG A 13 -2.04 -23.45 -0.80
CA ARG A 13 -1.84 -22.43 -1.82
C ARG A 13 -1.18 -21.19 -1.22
N ALA A 14 -0.81 -20.25 -2.08
CA ALA A 14 -0.17 -19.02 -1.64
C ALA A 14 -1.15 -18.13 -0.88
N GLY A 15 -1.35 -18.43 0.40
CA GLY A 15 -2.26 -17.65 1.21
C GLY A 15 -1.83 -16.20 1.34
N PRO A 16 -2.32 -15.53 2.38
CA PRO A 16 -2.00 -14.11 2.64
C PRO A 16 -0.54 -13.92 3.06
N GLU A 17 0.21 -15.02 3.09
CA GLU A 17 1.61 -14.97 3.48
C GLU A 17 2.44 -14.22 2.45
N GLU A 18 2.36 -14.67 1.19
CA GLU A 18 3.10 -14.04 0.11
C GLU A 18 2.78 -12.55 0.02
N LEU A 19 1.50 -12.23 -0.11
CA LEU A 19 1.06 -10.84 -0.20
C LEU A 19 1.62 -10.02 0.95
N GLY A 20 1.41 -10.50 2.17
CA GLY A 20 1.90 -9.80 3.34
C GLY A 20 3.36 -9.40 3.22
N LYS A 21 4.06 -10.03 2.29
CA LYS A 21 5.47 -9.75 2.06
C LYS A 21 5.65 -8.72 0.96
N ILE A 22 4.70 -8.68 0.02
CA ILE A 22 4.76 -7.75 -1.09
C ILE A 22 4.87 -6.31 -0.59
N LEU A 23 3.88 -5.89 0.19
CA LEU A 23 3.87 -4.53 0.73
C LEU A 23 4.20 -4.54 2.22
N GLN A 24 5.36 -5.11 2.56
CA GLN A 24 5.80 -5.18 3.94
C GLN A 24 6.41 -3.85 4.39
N GLY A 25 5.68 -3.12 5.23
CA GLY A 25 6.17 -1.84 5.72
C GLY A 25 5.70 -0.67 4.87
N VAL A 26 4.53 -0.83 4.25
CA VAL A 26 3.98 0.22 3.41
C VAL A 26 2.63 0.69 3.95
N VAL A 27 2.37 1.99 3.79
CA VAL A 27 1.12 2.57 4.26
C VAL A 27 0.34 3.22 3.11
N VAL A 28 -0.81 2.63 2.79
CA VAL A 28 -1.64 3.14 1.70
C VAL A 28 -2.87 3.85 2.25
N VAL A 29 -3.35 4.85 1.53
CA VAL A 29 -4.51 5.62 1.94
C VAL A 29 -5.52 5.75 0.79
N LEU A 30 -6.77 5.36 1.07
CA LEU A 30 -7.83 5.43 0.07
C LEU A 30 -8.49 6.81 0.07
N SER A 31 -8.51 7.44 -1.09
CA SER A 31 -9.12 8.76 -1.23
C SER A 31 -9.86 8.89 -2.55
N GLY A 32 -11.19 8.85 -2.49
CA GLY A 32 -12.00 8.96 -3.69
C GLY A 32 -12.44 7.60 -4.22
N PHE A 33 -13.00 6.78 -3.33
CA PHE A 33 -13.46 5.45 -3.72
C PHE A 33 -14.93 5.25 -3.34
N GLN A 34 -15.55 4.26 -3.95
CA GLN A 34 -16.96 3.97 -3.68
C GLN A 34 -17.20 2.46 -3.62
N ASN A 35 -17.77 2.00 -2.51
CA ASN A 35 -18.05 0.58 -2.34
C ASN A 35 -19.00 0.08 -3.41
N PRO A 36 -19.01 -1.25 -3.61
CA PRO A 36 -18.18 -2.17 -2.86
C PRO A 36 -16.70 -2.03 -3.21
N PHE A 37 -16.42 -1.60 -4.43
CA PHE A 37 -15.05 -1.42 -4.89
C PHE A 37 -14.16 -0.91 -3.77
N ARG A 38 -14.63 0.11 -3.07
CA ARG A 38 -13.88 0.70 -1.96
C ARG A 38 -13.46 -0.38 -0.96
N SER A 39 -14.44 -1.11 -0.45
CA SER A 39 -14.18 -2.17 0.52
C SER A 39 -13.23 -3.22 -0.07
N GLU A 40 -13.64 -3.82 -1.17
CA GLU A 40 -12.84 -4.84 -1.83
C GLU A 40 -11.39 -4.39 -1.97
N LEU A 41 -11.20 -3.20 -2.53
CA LEU A 41 -9.87 -2.65 -2.72
C LEU A 41 -9.08 -2.64 -1.42
N ARG A 42 -9.72 -2.14 -0.36
CA ARG A 42 -9.07 -2.09 0.95
C ARG A 42 -8.63 -3.47 1.40
N ASP A 43 -9.49 -4.47 1.18
CA ASP A 43 -9.19 -5.84 1.57
C ASP A 43 -7.86 -6.28 0.97
N LYS A 44 -7.77 -6.26 -0.36
CA LYS A 44 -6.56 -6.66 -1.06
C LYS A 44 -5.34 -5.96 -0.48
N ALA A 45 -5.46 -4.66 -0.26
CA ALA A 45 -4.36 -3.87 0.29
C ALA A 45 -3.88 -4.45 1.61
N LEU A 46 -4.82 -4.88 2.44
CA LEU A 46 -4.49 -5.46 3.74
C LEU A 46 -3.69 -6.74 3.57
N GLU A 47 -4.09 -7.57 2.61
CA GLU A 47 -3.40 -8.83 2.35
C GLU A 47 -1.92 -8.58 2.06
N LEU A 48 -1.62 -7.50 1.36
CA LEU A 48 -0.25 -7.16 1.02
C LEU A 48 0.52 -6.70 2.25
N GLY A 49 -0.22 -6.39 3.32
CA GLY A 49 0.41 -5.94 4.54
C GLY A 49 0.53 -4.43 4.62
N ALA A 50 -0.23 -3.74 3.78
CA ALA A 50 -0.22 -2.29 3.76
C ALA A 50 -1.18 -1.71 4.79
N LYS A 51 -0.83 -0.56 5.34
CA LYS A 51 -1.67 0.10 6.34
C LYS A 51 -2.68 1.02 5.68
N TYR A 52 -3.96 0.81 5.96
CA TYR A 52 -5.02 1.62 5.40
C TYR A 52 -5.53 2.65 6.41
N ARG A 53 -5.26 3.92 6.13
CA ARG A 53 -5.69 4.99 7.02
C ARG A 53 -6.84 5.78 6.40
N PRO A 54 -7.78 6.22 7.26
CA PRO A 54 -8.95 6.99 6.82
C PRO A 54 -8.58 8.39 6.36
N ASP A 55 -7.34 8.80 6.64
CA ASP A 55 -6.86 10.12 6.25
C ASP A 55 -5.35 10.12 6.07
N TRP A 56 -4.84 11.15 5.41
CA TRP A 56 -3.41 11.26 5.17
C TRP A 56 -2.64 11.43 6.49
N THR A 57 -2.02 10.35 6.94
CA THR A 57 -1.26 10.38 8.18
C THR A 57 0.16 10.87 7.94
N ARG A 58 0.97 10.86 9.00
CA ARG A 58 2.36 11.31 8.91
C ARG A 58 3.28 10.14 8.54
N ASP A 59 2.70 8.95 8.46
CA ASP A 59 3.48 7.75 8.13
C ASP A 59 3.19 7.31 6.69
N SER A 60 2.11 7.84 6.12
CA SER A 60 1.73 7.48 4.76
C SER A 60 2.90 7.65 3.79
N THR A 61 3.17 6.62 3.00
CA THR A 61 4.27 6.66 2.05
C THR A 61 3.74 6.70 0.62
N HIS A 62 2.59 6.08 0.40
CA HIS A 62 2.00 6.05 -0.93
C HIS A 62 0.49 6.31 -0.82
N LEU A 63 0.04 7.31 -1.56
CA LEU A 63 -1.37 7.69 -1.57
C LEU A 63 -2.10 7.02 -2.73
N ILE A 64 -3.03 6.12 -2.40
CA ILE A 64 -3.80 5.42 -3.42
C ILE A 64 -4.94 6.29 -3.93
N CYS A 65 -4.71 6.93 -5.07
CA CYS A 65 -5.72 7.80 -5.69
C CYS A 65 -6.48 7.06 -6.79
N ALA A 66 -7.78 7.30 -6.87
CA ALA A 66 -8.61 6.66 -7.88
C ALA A 66 -8.56 7.42 -9.20
N PHE A 67 -8.44 8.74 -9.11
CA PHE A 67 -8.38 9.59 -10.29
C PHE A 67 -7.79 10.94 -9.96
N ALA A 68 -7.03 11.50 -10.91
CA ALA A 68 -6.41 12.81 -10.72
C ALA A 68 -7.45 13.92 -10.72
N ASN A 69 -6.99 15.16 -10.56
CA ASN A 69 -7.88 16.31 -10.54
C ASN A 69 -8.77 16.30 -9.30
N THR A 70 -8.21 15.86 -8.19
CA THR A 70 -8.95 15.79 -6.92
C THR A 70 -8.37 16.74 -5.88
N PRO A 71 -9.18 17.07 -4.88
CA PRO A 71 -8.77 17.97 -3.80
C PRO A 71 -7.73 17.35 -2.88
N LYS A 72 -7.77 16.02 -2.75
CA LYS A 72 -6.83 15.30 -1.91
C LYS A 72 -5.54 15.00 -2.67
N TYR A 73 -5.66 14.90 -3.99
CA TYR A 73 -4.49 14.61 -4.83
C TYR A 73 -3.47 15.74 -4.74
N SER A 74 -3.94 16.98 -4.83
CA SER A 74 -3.07 18.14 -4.77
C SER A 74 -2.41 18.25 -3.39
N GLN A 75 -3.21 18.11 -2.34
CA GLN A 75 -2.71 18.19 -0.98
C GLN A 75 -1.46 17.34 -0.80
N VAL A 76 -1.61 16.03 -0.97
CA VAL A 76 -0.50 15.10 -0.83
C VAL A 76 0.59 15.40 -1.85
N LEU A 77 0.25 16.21 -2.86
CA LEU A 77 1.20 16.57 -3.89
C LEU A 77 2.20 17.61 -3.38
N GLY A 78 1.69 18.63 -2.70
CA GLY A 78 2.56 19.66 -2.17
C GLY A 78 3.37 19.18 -0.99
N LEU A 79 2.77 18.36 -0.15
CA LEU A 79 3.44 17.82 1.03
C LEU A 79 4.71 17.07 0.63
N GLY A 80 4.59 16.20 -0.36
CA GLY A 80 5.73 15.43 -0.82
C GLY A 80 5.48 13.93 -0.74
N GLY A 81 4.23 13.54 -0.86
CA GLY A 81 3.88 12.12 -0.80
C GLY A 81 3.80 11.49 -2.18
N ARG A 82 4.06 10.19 -2.24
CA ARG A 82 4.02 9.46 -3.50
C ARG A 82 2.57 9.20 -3.93
N ILE A 83 2.09 9.96 -4.89
CA ILE A 83 0.72 9.80 -5.38
C ILE A 83 0.68 8.85 -6.57
N VAL A 84 0.07 7.68 -6.37
CA VAL A 84 -0.05 6.69 -7.42
C VAL A 84 -1.49 6.27 -7.62
N ARG A 85 -1.76 5.56 -8.72
CA ARG A 85 -3.11 5.10 -9.03
C ARG A 85 -3.53 3.98 -8.10
N LYS A 86 -4.78 3.56 -8.19
CA LYS A 86 -5.31 2.48 -7.36
C LYS A 86 -4.97 1.11 -7.96
N GLU A 87 -4.94 1.05 -9.28
CA GLU A 87 -4.63 -0.20 -9.97
C GLU A 87 -3.40 -0.86 -9.36
N TRP A 88 -2.48 -0.05 -8.86
CA TRP A 88 -1.25 -0.55 -8.26
C TRP A 88 -1.56 -1.64 -7.24
N VAL A 89 -2.49 -1.37 -6.34
CA VAL A 89 -2.88 -2.32 -5.31
C VAL A 89 -3.54 -3.55 -5.92
N LEU A 90 -4.58 -3.32 -6.71
CA LEU A 90 -5.30 -4.42 -7.36
C LEU A 90 -4.33 -5.36 -8.07
N ASP A 91 -3.64 -4.85 -9.08
CA ASP A 91 -2.68 -5.65 -9.84
C ASP A 91 -1.75 -6.40 -8.90
N CYS A 92 -1.19 -5.69 -7.92
CA CYS A 92 -0.28 -6.30 -6.95
C CYS A 92 -0.92 -7.52 -6.30
N HIS A 93 -2.15 -7.35 -5.84
CA HIS A 93 -2.86 -8.44 -5.19
C HIS A 93 -3.16 -9.54 -6.21
N ARG A 94 -3.99 -9.19 -7.18
CA ARG A 94 -4.38 -10.13 -8.23
C ARG A 94 -3.18 -10.98 -8.66
N MET A 95 -2.09 -10.32 -9.03
CA MET A 95 -0.89 -11.03 -9.46
C MET A 95 -0.08 -11.51 -8.26
N ARG A 96 -0.40 -10.96 -7.09
CA ARG A 96 0.30 -11.34 -5.86
C ARG A 96 1.80 -11.06 -5.99
N ARG A 97 2.14 -9.96 -6.62
CA ARG A 97 3.54 -9.58 -6.82
C ARG A 97 3.75 -8.10 -6.52
N ARG A 98 5.00 -7.72 -6.26
CA ARG A 98 5.33 -6.34 -5.96
C ARG A 98 5.65 -5.57 -7.24
N LEU A 99 4.82 -4.55 -7.53
CA LEU A 99 5.02 -3.74 -8.73
C LEU A 99 5.62 -2.38 -8.37
N PRO A 100 6.47 -1.86 -9.27
CA PRO A 100 7.12 -0.56 -9.07
C PRO A 100 6.15 0.61 -9.16
N SER A 101 5.75 1.12 -8.00
CA SER A 101 4.81 2.24 -7.95
C SER A 101 5.18 3.30 -8.98
N GLN A 102 6.44 3.33 -9.37
CA GLN A 102 6.92 4.29 -10.36
C GLN A 102 6.07 4.25 -11.62
N ARG A 103 5.76 3.05 -12.08
CA ARG A 103 4.95 2.86 -13.27
C ARG A 103 3.57 3.49 -13.11
N TYR A 104 3.20 3.75 -11.85
CA TYR A 104 1.90 4.34 -11.56
C TYR A 104 2.06 5.70 -10.88
N LEU A 105 3.11 6.43 -11.29
CA LEU A 105 3.38 7.75 -10.74
C LEU A 105 2.56 8.82 -11.45
N MET A 106 1.58 9.37 -10.75
CA MET A 106 0.73 10.42 -11.31
C MET A 106 1.32 11.80 -11.05
N ALA A 107 1.80 12.01 -9.83
CA ALA A 107 2.39 13.30 -9.46
C ALA A 107 3.85 13.37 -9.89
N GLY A 108 4.28 14.57 -10.27
CA GLY A 108 5.65 14.76 -10.70
C GLY A 108 6.01 13.89 -11.90
N PRO A 109 6.87 14.42 -12.79
CA PRO A 109 7.30 13.71 -13.98
C PRO A 109 8.21 12.54 -13.67
N GLY A 110 7.62 11.37 -13.45
CA GLY A 110 8.38 10.19 -13.14
C GLY A 110 9.19 10.34 -11.86
N SER A 111 10.03 9.35 -11.57
CA SER A 111 10.85 9.37 -10.36
C SER A 111 12.33 9.22 -10.71
N SER A 112 13.11 10.27 -10.45
CA SER A 112 14.54 10.26 -10.73
C SER A 112 15.35 10.23 -9.44
N SER A 113 15.74 9.02 -9.02
CA SER A 113 16.52 8.86 -7.79
C SER A 113 16.08 9.86 -6.72
N GLU A 114 14.77 9.93 -6.50
CA GLU A 114 14.21 10.84 -5.51
C GLU A 114 13.60 10.06 -4.34
N GLU A 115 14.46 9.63 -3.42
CA GLU A 115 14.00 8.87 -2.25
C GLU A 115 13.87 9.77 -1.03
N ASP A 116 13.32 9.24 0.04
CA ASP A 116 13.13 9.99 1.28
C ASP A 116 14.11 9.51 2.35
N GLU A 117 14.55 10.45 3.19
CA GLU A 117 15.49 10.12 4.26
C GLU A 117 14.98 8.96 5.09
N ALA A 118 13.71 9.01 5.46
CA ALA A 118 13.09 7.96 6.26
C ALA A 118 12.12 7.13 5.43
N SER A 119 12.54 6.80 4.21
CA SER A 119 11.70 6.01 3.31
C SER A 119 11.15 4.77 4.01
N HIS A 120 11.99 4.15 4.84
CA HIS A 120 11.59 2.97 5.57
C HIS A 120 11.06 3.37 6.95
N SER A 121 9.75 3.24 7.11
CA SER A 121 9.10 3.58 8.37
C SER A 121 9.55 2.66 9.48
N GLY A 122 9.40 1.35 9.27
CA GLY A 122 9.81 0.38 10.27
C GLY A 122 8.80 -0.73 10.45
N GLY A 123 7.58 -0.36 10.82
CA GLY A 123 6.54 -1.35 11.03
C GLY A 123 7.05 -2.60 11.70
N SER A 124 6.76 -3.76 11.11
CA SER A 124 7.20 -5.03 11.67
C SER A 124 6.97 -6.17 10.68
N GLY A 125 7.42 -7.37 11.04
CA GLY A 125 7.27 -8.52 10.17
C GLY A 125 6.16 -9.44 10.63
N PRO A 126 6.54 -10.48 11.40
CA PRO A 126 5.58 -11.47 11.93
C PRO A 126 4.67 -10.88 13.00
N SER A 127 3.42 -11.31 12.99
CA SER A 127 2.44 -10.82 13.96
C SER A 127 1.56 -11.96 14.47
N SER A 128 0.80 -11.69 15.52
CA SER A 128 -0.09 -12.70 16.11
C SER A 128 -1.51 -12.55 15.57
N GLY A 129 -1.62 -12.32 14.26
CA GLY A 129 -2.92 -12.16 13.64
C GLY A 129 -3.59 -13.49 13.37
N GLY A 1 2.21 -14.21 25.07
CA GLY A 1 1.58 -14.79 26.24
C GLY A 1 0.51 -15.80 25.90
N SER A 2 -0.71 -15.32 25.69
CA SER A 2 -1.83 -16.20 25.36
C SER A 2 -1.59 -16.90 24.03
N SER A 3 -2.15 -18.09 23.89
CA SER A 3 -1.99 -18.87 22.66
C SER A 3 -3.13 -19.88 22.50
N GLY A 4 -3.81 -19.83 21.36
CA GLY A 4 -4.91 -20.73 21.11
C GLY A 4 -5.71 -20.34 19.88
N SER A 5 -5.83 -21.26 18.94
CA SER A 5 -6.57 -21.01 17.70
C SER A 5 -7.85 -21.82 17.66
N SER A 6 -8.99 -21.14 17.68
CA SER A 6 -10.29 -21.79 17.65
C SER A 6 -10.35 -22.80 16.50
N GLY A 7 -9.96 -22.36 15.31
CA GLY A 7 -9.98 -23.24 14.16
C GLY A 7 -10.33 -22.50 12.88
N GLU A 8 -9.41 -21.64 12.43
CA GLU A 8 -9.62 -20.86 11.22
C GLU A 8 -9.94 -21.78 10.04
N PRO A 9 -10.75 -21.27 9.10
CA PRO A 9 -11.15 -22.03 7.91
C PRO A 9 -9.99 -22.23 6.93
N ARG A 10 -10.22 -23.06 5.92
CA ARG A 10 -9.19 -23.34 4.92
C ARG A 10 -9.48 -22.59 3.62
N ARG A 11 -8.67 -21.56 3.36
CA ARG A 11 -8.83 -20.76 2.16
C ARG A 11 -7.90 -21.25 1.05
N PRO A 12 -8.46 -21.39 -0.17
CA PRO A 12 -7.70 -21.84 -1.34
C PRO A 12 -6.67 -20.81 -1.81
N ARG A 13 -6.86 -19.57 -1.39
CA ARG A 13 -5.95 -18.49 -1.77
C ARG A 13 -4.50 -18.91 -1.57
N ALA A 14 -3.57 -18.06 -2.01
CA ALA A 14 -2.15 -18.35 -1.88
C ALA A 14 -1.63 -17.92 -0.51
N GLY A 15 -2.48 -18.04 0.51
CA GLY A 15 -2.09 -17.66 1.85
C GLY A 15 -1.78 -16.19 1.97
N PRO A 16 -2.09 -15.61 3.15
CA PRO A 16 -1.84 -14.18 3.42
C PRO A 16 -0.35 -13.86 3.54
N GLU A 17 0.48 -14.89 3.41
CA GLU A 17 1.92 -14.70 3.50
C GLU A 17 2.46 -14.01 2.26
N GLU A 18 2.39 -14.69 1.12
CA GLU A 18 2.87 -14.13 -0.14
C GLU A 18 2.57 -12.64 -0.22
N LEU A 19 1.30 -12.29 -0.17
CA LEU A 19 0.88 -10.90 -0.24
C LEU A 19 1.45 -10.10 0.93
N GLY A 20 1.31 -10.64 2.14
CA GLY A 20 1.82 -9.98 3.32
C GLY A 20 3.27 -9.58 3.19
N LYS A 21 3.95 -10.14 2.20
CA LYS A 21 5.36 -9.84 1.97
C LYS A 21 5.52 -8.84 0.83
N ILE A 22 4.48 -8.71 0.00
CA ILE A 22 4.51 -7.78 -1.12
C ILE A 22 4.63 -6.35 -0.64
N LEU A 23 3.67 -5.92 0.18
CA LEU A 23 3.67 -4.55 0.71
C LEU A 23 3.97 -4.56 2.21
N GLN A 24 5.01 -5.28 2.59
CA GLN A 24 5.39 -5.36 4.00
C GLN A 24 6.00 -4.04 4.48
N GLY A 25 5.34 -3.40 5.44
CA GLY A 25 5.83 -2.15 5.97
C GLY A 25 5.46 -0.96 5.09
N VAL A 26 4.30 -1.06 4.43
CA VAL A 26 3.83 0.01 3.56
C VAL A 26 2.52 0.59 4.07
N VAL A 27 2.34 1.89 3.84
CA VAL A 27 1.13 2.58 4.28
C VAL A 27 0.37 3.17 3.09
N VAL A 28 -0.87 2.72 2.90
CA VAL A 28 -1.70 3.21 1.80
C VAL A 28 -2.92 3.94 2.32
N VAL A 29 -3.35 4.96 1.59
CA VAL A 29 -4.53 5.73 1.97
C VAL A 29 -5.60 5.69 0.89
N LEU A 30 -6.80 5.29 1.29
CA LEU A 30 -7.92 5.20 0.35
C LEU A 30 -8.58 6.56 0.16
N SER A 31 -8.54 7.06 -1.08
CA SER A 31 -9.14 8.35 -1.39
C SER A 31 -10.16 8.22 -2.52
N GLY A 32 -11.12 9.13 -2.55
CA GLY A 32 -12.15 9.10 -3.58
C GLY A 32 -12.59 7.69 -3.91
N PHE A 33 -12.99 6.95 -2.88
CA PHE A 33 -13.45 5.57 -3.07
C PHE A 33 -14.85 5.38 -2.49
N GLN A 34 -15.60 4.46 -3.08
CA GLN A 34 -16.96 4.18 -2.62
C GLN A 34 -17.25 2.68 -2.67
N ASN A 35 -17.88 2.17 -1.61
CA ASN A 35 -18.22 0.76 -1.54
C ASN A 35 -19.26 0.39 -2.60
N PRO A 36 -19.34 -0.92 -2.91
CA PRO A 36 -18.51 -1.94 -2.26
C PRO A 36 -17.04 -1.85 -2.68
N PHE A 37 -16.82 -1.32 -3.89
CA PHE A 37 -15.46 -1.18 -4.41
C PHE A 37 -14.48 -0.83 -3.29
N ARG A 38 -14.83 0.17 -2.49
CA ARG A 38 -13.98 0.60 -1.39
C ARG A 38 -13.63 -0.58 -0.49
N SER A 39 -14.65 -1.30 -0.03
CA SER A 39 -14.44 -2.44 0.85
C SER A 39 -13.55 -3.48 0.19
N GLU A 40 -13.85 -3.80 -1.07
CA GLU A 40 -13.08 -4.78 -1.82
C GLU A 40 -11.61 -4.38 -1.88
N LEU A 41 -11.36 -3.15 -2.34
CA LEU A 41 -10.00 -2.64 -2.45
C LEU A 41 -9.31 -2.61 -1.08
N ARG A 42 -10.04 -2.13 -0.07
CA ARG A 42 -9.50 -2.05 1.28
C ARG A 42 -8.92 -3.39 1.72
N ASP A 43 -9.65 -4.47 1.44
CA ASP A 43 -9.20 -5.81 1.80
C ASP A 43 -7.87 -6.14 1.13
N LYS A 44 -7.84 -6.04 -0.19
CA LYS A 44 -6.64 -6.33 -0.96
C LYS A 44 -5.43 -5.62 -0.35
N ALA A 45 -5.56 -4.32 -0.12
CA ALA A 45 -4.48 -3.53 0.47
C ALA A 45 -3.95 -4.18 1.74
N LEU A 46 -4.85 -4.79 2.51
CA LEU A 46 -4.47 -5.46 3.75
C LEU A 46 -3.67 -6.72 3.47
N GLU A 47 -4.15 -7.53 2.53
CA GLU A 47 -3.47 -8.77 2.17
C GLU A 47 -2.00 -8.51 1.87
N LEU A 48 -1.73 -7.46 1.10
CA LEU A 48 -0.36 -7.11 0.75
C LEU A 48 0.45 -6.70 1.97
N GLY A 49 -0.27 -6.38 3.05
CA GLY A 49 0.40 -5.98 4.28
C GLY A 49 0.57 -4.48 4.38
N ALA A 50 -0.36 -3.74 3.79
CA ALA A 50 -0.31 -2.28 3.81
C ALA A 50 -1.27 -1.72 4.85
N LYS A 51 -0.95 -0.54 5.37
CA LYS A 51 -1.79 0.11 6.37
C LYS A 51 -2.78 1.06 5.72
N TYR A 52 -4.07 0.82 5.97
CA TYR A 52 -5.13 1.66 5.40
C TYR A 52 -5.57 2.72 6.40
N ARG A 53 -5.22 3.97 6.12
CA ARG A 53 -5.58 5.09 6.98
C ARG A 53 -6.71 5.91 6.37
N PRO A 54 -7.61 6.40 7.23
CA PRO A 54 -8.76 7.21 6.79
C PRO A 54 -8.34 8.58 6.30
N ASP A 55 -7.14 9.02 6.70
CA ASP A 55 -6.63 10.32 6.29
C ASP A 55 -5.12 10.26 6.08
N TRP A 56 -4.59 11.21 5.32
CA TRP A 56 -3.16 11.26 5.03
C TRP A 56 -2.35 11.34 6.32
N THR A 57 -1.72 10.22 6.69
CA THR A 57 -0.92 10.16 7.90
C THR A 57 0.54 10.49 7.61
N ARG A 58 1.33 10.66 8.66
CA ARG A 58 2.75 10.98 8.52
C ARG A 58 3.55 9.72 8.17
N ASP A 59 2.85 8.60 8.08
CA ASP A 59 3.50 7.33 7.75
C ASP A 59 3.12 6.88 6.35
N SER A 60 2.18 7.59 5.72
CA SER A 60 1.73 7.26 4.38
C SER A 60 2.89 7.32 3.39
N THR A 61 3.09 6.23 2.66
CA THR A 61 4.16 6.15 1.68
C THR A 61 3.61 6.19 0.26
N HIS A 62 2.40 5.65 0.08
CA HIS A 62 1.78 5.63 -1.23
C HIS A 62 0.31 6.05 -1.10
N LEU A 63 -0.05 7.05 -1.91
CA LEU A 63 -1.41 7.57 -1.91
C LEU A 63 -2.24 6.91 -3.01
N ILE A 64 -3.32 6.26 -2.60
CA ILE A 64 -4.20 5.59 -3.56
C ILE A 64 -5.36 6.49 -3.97
N CYS A 65 -5.16 7.24 -5.05
CA CYS A 65 -6.18 8.15 -5.54
C CYS A 65 -7.02 7.49 -6.63
N ALA A 66 -8.31 7.82 -6.67
CA ALA A 66 -9.21 7.26 -7.66
C ALA A 66 -9.05 7.95 -9.01
N PHE A 67 -8.94 9.27 -8.98
CA PHE A 67 -8.77 10.05 -10.21
C PHE A 67 -8.20 11.43 -9.90
N ALA A 68 -7.66 12.08 -10.92
CA ALA A 68 -7.08 13.41 -10.76
C ALA A 68 -8.15 14.43 -10.44
N ASN A 69 -7.75 15.70 -10.31
CA ASN A 69 -8.67 16.78 -10.00
C ASN A 69 -9.41 16.50 -8.70
N THR A 70 -8.66 16.20 -7.64
CA THR A 70 -9.25 15.91 -6.34
C THR A 70 -8.60 16.76 -5.25
N PRO A 71 -9.33 16.95 -4.14
CA PRO A 71 -8.86 17.75 -3.01
C PRO A 71 -7.73 17.07 -2.26
N LYS A 72 -7.58 15.77 -2.46
CA LYS A 72 -6.53 15.00 -1.81
C LYS A 72 -5.29 14.89 -2.70
N TYR A 73 -5.52 14.86 -4.01
CA TYR A 73 -4.43 14.76 -4.98
C TYR A 73 -3.44 15.91 -4.80
N SER A 74 -3.93 17.13 -4.92
CA SER A 74 -3.08 18.31 -4.78
C SER A 74 -2.48 18.38 -3.38
N GLN A 75 -3.33 18.22 -2.36
CA GLN A 75 -2.89 18.26 -0.98
C GLN A 75 -1.59 17.48 -0.80
N VAL A 76 -1.63 16.20 -1.15
CA VAL A 76 -0.46 15.34 -1.02
C VAL A 76 0.60 15.70 -2.05
N LEU A 77 0.20 16.46 -3.06
CA LEU A 77 1.10 16.88 -4.12
C LEU A 77 2.10 17.92 -3.61
N GLY A 78 1.58 18.97 -3.00
CA GLY A 78 2.43 20.02 -2.47
C GLY A 78 3.29 19.55 -1.32
N LEU A 79 2.70 18.73 -0.45
CA LEU A 79 3.41 18.20 0.71
C LEU A 79 4.71 17.52 0.29
N GLY A 80 4.64 16.73 -0.78
CA GLY A 80 5.81 16.03 -1.27
C GLY A 80 5.69 14.53 -1.13
N GLY A 81 4.46 14.02 -1.22
CA GLY A 81 4.22 12.60 -1.10
C GLY A 81 4.20 11.91 -2.45
N ARG A 82 4.11 10.59 -2.43
CA ARG A 82 4.08 9.81 -3.66
C ARG A 82 2.64 9.45 -4.04
N ILE A 83 2.12 10.13 -5.05
CA ILE A 83 0.75 9.88 -5.52
C ILE A 83 0.73 8.85 -6.64
N VAL A 84 0.14 7.69 -6.35
CA VAL A 84 0.04 6.62 -7.34
C VAL A 84 -1.38 6.13 -7.48
N ARG A 85 -1.72 5.63 -8.66
CA ARG A 85 -3.07 5.12 -8.93
C ARG A 85 -3.36 3.90 -8.07
N LYS A 86 -4.61 3.45 -8.08
CA LYS A 86 -5.03 2.29 -7.30
C LYS A 86 -4.56 1.00 -7.97
N GLU A 87 -4.33 1.06 -9.28
CA GLU A 87 -3.88 -0.10 -10.03
C GLU A 87 -2.69 -0.76 -9.35
N TRP A 88 -1.79 0.06 -8.81
CA TRP A 88 -0.60 -0.44 -8.14
C TRP A 88 -0.95 -1.56 -7.17
N VAL A 89 -2.04 -1.39 -6.43
CA VAL A 89 -2.49 -2.39 -5.47
C VAL A 89 -3.10 -3.60 -6.18
N LEU A 90 -4.13 -3.35 -6.98
CA LEU A 90 -4.81 -4.42 -7.71
C LEU A 90 -3.79 -5.37 -8.32
N ASP A 91 -3.09 -4.91 -9.35
CA ASP A 91 -2.08 -5.72 -10.02
C ASP A 91 -1.21 -6.46 -9.01
N CYS A 92 -0.73 -5.72 -8.01
CA CYS A 92 0.11 -6.32 -6.97
C CYS A 92 -0.58 -7.51 -6.31
N HIS A 93 -1.86 -7.35 -6.01
CA HIS A 93 -2.62 -8.41 -5.37
C HIS A 93 -2.88 -9.52 -6.39
N ARG A 94 -3.63 -9.17 -7.43
CA ARG A 94 -3.97 -10.12 -8.48
C ARG A 94 -2.76 -10.97 -8.87
N MET A 95 -1.61 -10.32 -9.01
CA MET A 95 -0.38 -11.01 -9.37
C MET A 95 0.39 -11.44 -8.13
N ARG A 96 -0.03 -10.93 -6.98
CA ARG A 96 0.61 -11.25 -5.72
C ARG A 96 2.13 -11.05 -5.81
N ARG A 97 2.53 -9.95 -6.44
CA ARG A 97 3.95 -9.65 -6.61
C ARG A 97 4.22 -8.17 -6.34
N ARG A 98 5.47 -7.84 -6.03
CA ARG A 98 5.85 -6.47 -5.75
C ARG A 98 6.18 -5.73 -7.04
N LEU A 99 5.28 -4.82 -7.44
CA LEU A 99 5.48 -4.04 -8.66
C LEU A 99 5.95 -2.63 -8.33
N PRO A 100 6.75 -2.05 -9.24
CA PRO A 100 7.27 -0.69 -9.06
C PRO A 100 6.19 0.38 -9.20
N SER A 101 6.13 1.27 -8.21
CA SER A 101 5.13 2.33 -8.21
C SER A 101 5.44 3.37 -9.29
N GLN A 102 6.64 3.27 -9.87
CA GLN A 102 7.06 4.19 -10.92
C GLN A 102 6.05 4.23 -12.05
N ARG A 103 5.72 3.07 -12.59
CA ARG A 103 4.77 2.97 -13.69
C ARG A 103 3.38 3.45 -13.25
N TYR A 104 3.21 3.62 -11.94
CA TYR A 104 1.94 4.06 -11.40
C TYR A 104 2.06 5.46 -10.79
N LEU A 105 3.00 6.24 -11.32
CA LEU A 105 3.23 7.59 -10.84
C LEU A 105 2.20 8.56 -11.42
N MET A 106 1.51 9.28 -10.54
CA MET A 106 0.50 10.25 -10.96
C MET A 106 1.05 11.67 -10.92
N ALA A 107 1.90 11.95 -9.93
CA ALA A 107 2.49 13.27 -9.77
C ALA A 107 4.00 13.21 -9.97
N GLY A 108 4.65 14.36 -9.85
CA GLY A 108 6.09 14.43 -10.02
C GLY A 108 6.51 14.24 -11.47
N PRO A 109 7.59 14.93 -11.86
CA PRO A 109 8.13 14.85 -13.23
C PRO A 109 8.75 13.49 -13.53
N GLY A 110 8.81 12.63 -12.52
CA GLY A 110 9.38 11.31 -12.69
C GLY A 110 10.60 11.09 -11.82
N SER A 111 11.54 10.30 -12.31
CA SER A 111 12.76 9.99 -11.57
C SER A 111 13.80 11.08 -11.75
N SER A 112 13.68 12.16 -10.97
CA SER A 112 14.61 13.28 -11.05
C SER A 112 15.87 12.99 -10.26
N SER A 113 16.40 11.78 -10.41
CA SER A 113 17.61 11.38 -9.70
C SER A 113 17.43 11.54 -8.19
N GLU A 114 16.28 11.11 -7.69
CA GLU A 114 15.99 11.20 -6.26
C GLU A 114 16.52 9.97 -5.52
N GLU A 115 17.54 9.34 -6.08
CA GLU A 115 18.13 8.15 -5.47
C GLU A 115 19.54 8.45 -4.96
N ASP A 116 20.04 7.58 -4.10
CA ASP A 116 21.38 7.74 -3.54
C ASP A 116 22.34 6.70 -4.11
N GLU A 117 23.64 6.94 -3.93
CA GLU A 117 24.67 6.04 -4.42
C GLU A 117 24.54 4.67 -3.76
N ALA A 118 24.48 4.67 -2.43
CA ALA A 118 24.35 3.42 -1.67
C ALA A 118 22.92 3.20 -1.22
N SER A 119 22.41 4.11 -0.40
CA SER A 119 21.04 4.00 0.11
C SER A 119 20.46 5.38 0.41
N HIS A 120 19.16 5.52 0.24
CA HIS A 120 18.50 6.79 0.49
C HIS A 120 17.92 6.79 1.91
N SER A 121 17.17 5.74 2.22
CA SER A 121 16.55 5.60 3.52
C SER A 121 17.59 5.66 4.63
N GLY A 122 18.64 4.85 4.50
CA GLY A 122 19.69 4.82 5.50
C GLY A 122 19.85 3.45 6.13
N GLY A 123 19.76 3.41 7.46
CA GLY A 123 19.91 2.15 8.17
C GLY A 123 19.81 2.32 9.68
N SER A 124 18.65 2.01 10.23
CA SER A 124 18.42 2.14 11.66
C SER A 124 18.36 0.77 12.32
N GLY A 125 19.12 0.61 13.41
CA GLY A 125 19.14 -0.66 14.12
C GLY A 125 18.21 -0.68 15.31
N PRO A 126 18.16 -1.81 16.02
CA PRO A 126 17.30 -1.98 17.19
C PRO A 126 17.78 -1.15 18.38
N SER A 127 17.32 0.10 18.46
CA SER A 127 17.71 0.99 19.54
C SER A 127 16.58 1.14 20.55
N SER A 128 16.92 1.15 21.83
CA SER A 128 15.94 1.28 22.89
C SER A 128 15.62 2.75 23.16
N GLY A 129 14.40 3.00 23.63
CA GLY A 129 13.98 4.37 23.90
C GLY A 129 12.48 4.51 23.99
N GLY A 1 7.44 -13.13 26.06
CA GLY A 1 6.16 -13.80 26.27
C GLY A 1 5.58 -14.36 24.99
N SER A 2 4.85 -13.52 24.26
CA SER A 2 4.22 -13.94 23.01
C SER A 2 5.19 -14.77 22.17
N SER A 3 6.36 -14.20 21.89
CA SER A 3 7.36 -14.89 21.09
C SER A 3 7.97 -16.06 21.87
N GLY A 4 7.70 -17.28 21.40
CA GLY A 4 8.23 -18.45 22.07
C GLY A 4 7.30 -19.64 21.96
N SER A 5 6.51 -19.88 23.00
CA SER A 5 5.56 -20.99 23.01
C SER A 5 4.70 -20.99 21.77
N SER A 6 4.16 -19.82 21.42
CA SER A 6 3.31 -19.69 20.25
C SER A 6 4.10 -19.90 18.97
N GLY A 7 3.44 -20.42 17.95
CA GLY A 7 4.11 -20.66 16.68
C GLY A 7 3.36 -20.06 15.51
N GLU A 8 3.39 -20.74 14.37
CA GLU A 8 2.71 -20.26 13.17
C GLU A 8 2.39 -21.42 12.22
N PRO A 9 1.24 -21.33 11.55
CA PRO A 9 0.78 -22.35 10.62
C PRO A 9 1.63 -22.39 9.35
N ARG A 10 1.61 -23.53 8.66
CA ARG A 10 2.38 -23.71 7.44
C ARG A 10 1.53 -24.34 6.34
N ARG A 11 1.67 -23.83 5.13
CA ARG A 11 0.90 -24.35 4.00
C ARG A 11 1.71 -24.25 2.70
N PRO A 12 1.55 -25.24 1.82
CA PRO A 12 2.26 -25.29 0.55
C PRO A 12 1.77 -24.23 -0.43
N ARG A 13 0.50 -23.85 -0.30
CA ARG A 13 -0.09 -22.84 -1.17
C ARG A 13 0.34 -21.44 -0.75
N ALA A 14 0.54 -20.57 -1.74
CA ALA A 14 0.96 -19.20 -1.47
C ALA A 14 -0.11 -18.44 -0.70
N GLY A 15 -0.23 -18.73 0.59
CA GLY A 15 -1.22 -18.07 1.42
C GLY A 15 -0.97 -16.58 1.53
N PRO A 16 -1.52 -15.96 2.59
CA PRO A 16 -1.37 -14.52 2.83
C PRO A 16 0.06 -14.15 3.23
N GLU A 17 0.92 -15.16 3.34
CA GLU A 17 2.30 -14.93 3.72
C GLU A 17 3.07 -14.24 2.60
N GLU A 18 2.83 -14.67 1.36
CA GLU A 18 3.50 -14.09 0.21
C GLU A 18 3.07 -12.64 0.01
N LEU A 19 1.76 -12.40 0.04
CA LEU A 19 1.23 -11.05 -0.13
C LEU A 19 1.72 -10.13 0.96
N GLY A 20 1.47 -10.51 2.22
CA GLY A 20 1.90 -9.69 3.34
C GLY A 20 3.37 -9.31 3.24
N LYS A 21 4.12 -10.01 2.40
CA LYS A 21 5.54 -9.73 2.23
C LYS A 21 5.74 -8.71 1.11
N ILE A 22 4.81 -8.66 0.17
CA ILE A 22 4.90 -7.73 -0.95
C ILE A 22 4.99 -6.30 -0.46
N LEU A 23 4.00 -5.87 0.31
CA LEU A 23 3.97 -4.51 0.85
C LEU A 23 4.27 -4.52 2.35
N GLN A 24 5.44 -5.05 2.71
CA GLN A 24 5.85 -5.11 4.11
C GLN A 24 6.38 -3.77 4.58
N GLY A 25 5.66 -3.12 5.48
CA GLY A 25 6.08 -1.84 6.00
C GLY A 25 5.60 -0.68 5.13
N VAL A 26 4.53 -0.92 4.38
CA VAL A 26 3.97 0.11 3.51
C VAL A 26 2.62 0.60 4.02
N VAL A 27 2.34 1.87 3.80
CA VAL A 27 1.08 2.46 4.25
C VAL A 27 0.34 3.11 3.08
N VAL A 28 -0.82 2.56 2.75
CA VAL A 28 -1.63 3.08 1.65
C VAL A 28 -2.84 3.84 2.18
N VAL A 29 -3.33 4.78 1.37
CA VAL A 29 -4.49 5.59 1.76
C VAL A 29 -5.55 5.57 0.67
N LEU A 30 -6.77 5.21 1.04
CA LEU A 30 -7.88 5.15 0.10
C LEU A 30 -8.57 6.51 -0.01
N SER A 31 -8.56 7.07 -1.22
CA SER A 31 -9.18 8.37 -1.46
C SER A 31 -10.12 8.31 -2.66
N GLY A 32 -11.31 8.86 -2.50
CA GLY A 32 -12.29 8.86 -3.58
C GLY A 32 -12.77 7.46 -3.91
N PHE A 33 -13.06 6.67 -2.89
CA PHE A 33 -13.53 5.30 -3.08
C PHE A 33 -14.85 5.08 -2.32
N GLN A 34 -15.67 4.18 -2.85
CA GLN A 34 -16.95 3.86 -2.23
C GLN A 34 -17.24 2.36 -2.30
N ASN A 35 -17.80 1.83 -1.23
CA ASN A 35 -18.13 0.41 -1.15
C ASN A 35 -19.15 0.03 -2.23
N PRO A 36 -19.14 -1.24 -2.64
CA PRO A 36 -18.21 -2.23 -2.11
C PRO A 36 -16.77 -1.98 -2.55
N PHE A 37 -16.62 -1.32 -3.70
CA PHE A 37 -15.30 -1.02 -4.24
C PHE A 37 -14.32 -0.71 -3.11
N ARG A 38 -14.70 0.18 -2.21
CA ARG A 38 -13.86 0.55 -1.08
C ARG A 38 -13.42 -0.69 -0.29
N SER A 39 -14.37 -1.55 0.02
CA SER A 39 -14.09 -2.77 0.77
C SER A 39 -13.13 -3.67 0.01
N GLU A 40 -13.42 -3.89 -1.27
CA GLU A 40 -12.58 -4.73 -2.11
C GLU A 40 -11.14 -4.22 -2.13
N LEU A 41 -10.99 -2.91 -2.35
CA LEU A 41 -9.67 -2.30 -2.40
C LEU A 41 -8.95 -2.46 -1.06
N ARG A 42 -9.58 -1.95 0.00
CA ARG A 42 -9.00 -2.03 1.34
C ARG A 42 -8.60 -3.47 1.67
N ASP A 43 -9.50 -4.41 1.40
CA ASP A 43 -9.24 -5.82 1.67
C ASP A 43 -7.93 -6.26 1.03
N LYS A 44 -7.85 -6.12 -0.30
CA LYS A 44 -6.65 -6.51 -1.03
C LYS A 44 -5.42 -5.78 -0.50
N ALA A 45 -5.61 -4.51 -0.14
CA ALA A 45 -4.51 -3.71 0.38
C ALA A 45 -3.96 -4.30 1.68
N LEU A 46 -4.85 -4.88 2.47
CA LEU A 46 -4.46 -5.49 3.75
C LEU A 46 -3.63 -6.75 3.51
N GLU A 47 -4.02 -7.53 2.51
CA GLU A 47 -3.31 -8.76 2.18
C GLU A 47 -1.82 -8.50 1.99
N LEU A 48 -1.50 -7.52 1.14
CA LEU A 48 -0.11 -7.17 0.88
C LEU A 48 0.62 -6.79 2.16
N GLY A 49 -0.16 -6.47 3.20
CA GLY A 49 0.43 -6.09 4.47
C GLY A 49 0.58 -4.59 4.62
N ALA A 50 -0.21 -3.84 3.86
CA ALA A 50 -0.17 -2.38 3.91
C ALA A 50 -1.23 -1.84 4.85
N LYS A 51 -0.99 -0.64 5.39
CA LYS A 51 -1.92 0.00 6.31
C LYS A 51 -2.90 0.89 5.55
N TYR A 52 -4.15 0.89 6.00
CA TYR A 52 -5.20 1.69 5.37
C TYR A 52 -5.64 2.83 6.28
N ARG A 53 -5.33 4.05 5.88
CA ARG A 53 -5.69 5.23 6.67
C ARG A 53 -6.69 6.10 5.91
N PRO A 54 -7.63 6.70 6.65
CA PRO A 54 -8.65 7.57 6.06
C PRO A 54 -8.08 8.89 5.55
N ASP A 55 -6.83 9.17 5.93
CA ASP A 55 -6.16 10.40 5.50
C ASP A 55 -4.66 10.20 5.45
N TRP A 56 -3.96 11.18 4.87
CA TRP A 56 -2.50 11.10 4.76
C TRP A 56 -1.84 11.36 6.10
N THR A 57 -1.05 10.40 6.56
CA THR A 57 -0.34 10.53 7.83
C THR A 57 1.15 10.69 7.62
N ARG A 58 1.90 10.77 8.72
CA ARG A 58 3.34 10.93 8.67
C ARG A 58 4.02 9.62 8.26
N ASP A 59 3.22 8.57 8.14
CA ASP A 59 3.74 7.26 7.77
C ASP A 59 3.28 6.87 6.36
N SER A 60 2.18 7.48 5.92
CA SER A 60 1.64 7.20 4.60
C SER A 60 2.71 7.33 3.52
N THR A 61 3.17 6.21 3.00
CA THR A 61 4.20 6.20 1.97
C THR A 61 3.59 6.37 0.58
N HIS A 62 2.52 5.63 0.32
CA HIS A 62 1.86 5.70 -0.96
C HIS A 62 0.39 6.09 -0.77
N LEU A 63 -0.14 6.81 -1.75
CA LEU A 63 -1.53 7.25 -1.71
C LEU A 63 -2.33 6.66 -2.87
N ILE A 64 -3.46 6.05 -2.55
CA ILE A 64 -4.32 5.45 -3.56
C ILE A 64 -5.33 6.45 -4.10
N CYS A 65 -4.95 7.14 -5.18
CA CYS A 65 -5.82 8.14 -5.79
C CYS A 65 -6.61 7.53 -6.94
N ALA A 66 -7.92 7.46 -6.78
CA ALA A 66 -8.80 6.89 -7.81
C ALA A 66 -8.82 7.78 -9.05
N PHE A 67 -8.74 9.10 -8.84
CA PHE A 67 -8.76 10.05 -9.94
C PHE A 67 -8.22 11.40 -9.49
N ALA A 68 -7.48 12.06 -10.38
CA ALA A 68 -6.90 13.37 -10.07
C ALA A 68 -7.99 14.39 -9.76
N ASN A 69 -7.58 15.64 -9.55
CA ASN A 69 -8.52 16.71 -9.26
C ASN A 69 -9.20 16.47 -7.91
N THR A 70 -8.53 15.73 -7.04
CA THR A 70 -9.07 15.42 -5.72
C THR A 70 -8.30 16.15 -4.62
N PRO A 71 -8.93 16.28 -3.45
CA PRO A 71 -8.32 16.96 -2.29
C PRO A 71 -7.18 16.15 -1.69
N LYS A 72 -7.14 14.85 -2.00
CA LYS A 72 -6.10 13.97 -1.49
C LYS A 72 -4.92 13.91 -2.46
N TYR A 73 -5.17 14.32 -3.70
CA TYR A 73 -4.12 14.30 -4.73
C TYR A 73 -3.16 15.47 -4.54
N SER A 74 -3.72 16.67 -4.37
CA SER A 74 -2.91 17.87 -4.18
C SER A 74 -2.28 17.89 -2.79
N GLN A 75 -2.98 17.31 -1.82
CA GLN A 75 -2.50 17.26 -0.45
C GLN A 75 -1.19 16.50 -0.37
N VAL A 76 -1.22 15.23 -0.76
CA VAL A 76 -0.03 14.38 -0.73
C VAL A 76 1.02 14.86 -1.74
N LEU A 77 0.58 15.72 -2.66
CA LEU A 77 1.47 16.25 -3.69
C LEU A 77 2.34 17.37 -3.12
N GLY A 78 1.71 18.33 -2.46
CA GLY A 78 2.44 19.44 -1.88
C GLY A 78 3.42 19.00 -0.81
N LEU A 79 3.06 17.94 -0.10
CA LEU A 79 3.92 17.42 0.96
C LEU A 79 5.16 16.74 0.37
N GLY A 80 4.93 15.74 -0.48
CA GLY A 80 6.03 15.03 -1.10
C GLY A 80 5.88 13.52 -0.99
N GLY A 81 4.64 13.05 -0.93
CA GLY A 81 4.39 11.64 -0.83
C GLY A 81 4.31 10.95 -2.19
N ARG A 82 4.21 9.63 -2.18
CA ARG A 82 4.14 8.86 -3.42
C ARG A 82 2.69 8.72 -3.89
N ILE A 83 2.27 9.62 -4.77
CA ILE A 83 0.92 9.59 -5.30
C ILE A 83 0.80 8.63 -6.47
N VAL A 84 -0.07 7.63 -6.32
CA VAL A 84 -0.29 6.64 -7.38
C VAL A 84 -1.77 6.32 -7.53
N ARG A 85 -2.09 5.47 -8.51
CA ARG A 85 -3.46 5.09 -8.77
C ARG A 85 -3.81 3.77 -8.06
N LYS A 86 -5.02 3.30 -8.25
CA LYS A 86 -5.48 2.06 -7.64
C LYS A 86 -4.91 0.85 -8.37
N GLU A 87 -4.68 1.00 -9.68
CA GLU A 87 -4.15 -0.07 -10.49
C GLU A 87 -3.00 -0.78 -9.78
N TRP A 88 -2.26 -0.04 -8.97
CA TRP A 88 -1.13 -0.59 -8.23
C TRP A 88 -1.60 -1.72 -7.31
N VAL A 89 -2.50 -1.39 -6.38
CA VAL A 89 -3.02 -2.38 -5.44
C VAL A 89 -3.71 -3.52 -6.18
N LEU A 90 -4.64 -3.17 -7.06
CA LEU A 90 -5.38 -4.17 -7.83
C LEU A 90 -4.42 -5.17 -8.48
N ASP A 91 -3.50 -4.66 -9.28
CA ASP A 91 -2.52 -5.51 -9.96
C ASP A 91 -1.65 -6.25 -8.95
N CYS A 92 -1.24 -5.54 -7.90
CA CYS A 92 -0.40 -6.12 -6.86
C CYS A 92 -1.06 -7.35 -6.25
N HIS A 93 -2.34 -7.24 -5.96
CA HIS A 93 -3.08 -8.36 -5.38
C HIS A 93 -3.40 -9.38 -6.47
N ARG A 94 -4.15 -8.93 -7.47
CA ARG A 94 -4.54 -9.80 -8.58
C ARG A 94 -3.36 -10.64 -9.04
N MET A 95 -2.16 -10.08 -8.97
CA MET A 95 -0.95 -10.79 -9.38
C MET A 95 -0.15 -11.25 -8.18
N ARG A 96 -0.52 -10.76 -7.00
CA ARG A 96 0.17 -11.12 -5.77
C ARG A 96 1.67 -10.91 -5.90
N ARG A 97 2.05 -9.80 -6.51
CA ARG A 97 3.47 -9.48 -6.71
C ARG A 97 3.73 -8.00 -6.43
N ARG A 98 5.01 -7.65 -6.29
CA ARG A 98 5.40 -6.27 -6.02
C ARG A 98 5.69 -5.53 -7.33
N LEU A 99 4.87 -4.52 -7.62
CA LEU A 99 5.04 -3.73 -8.82
C LEU A 99 5.69 -2.37 -8.51
N PRO A 100 6.54 -1.91 -9.43
CA PRO A 100 7.23 -0.62 -9.28
C PRO A 100 6.30 0.57 -9.39
N SER A 101 5.79 1.04 -8.25
CA SER A 101 4.88 2.17 -8.23
C SER A 101 5.43 3.33 -9.04
N GLN A 102 6.74 3.33 -9.26
CA GLN A 102 7.40 4.38 -10.02
C GLN A 102 6.73 4.55 -11.38
N ARG A 103 6.11 3.49 -11.86
CA ARG A 103 5.44 3.52 -13.16
C ARG A 103 3.97 3.89 -13.01
N TYR A 104 3.48 3.83 -11.78
CA TYR A 104 2.08 4.15 -11.50
C TYR A 104 1.98 5.50 -10.78
N LEU A 105 3.00 6.33 -10.93
CA LEU A 105 3.02 7.65 -10.30
C LEU A 105 2.26 8.67 -11.14
N MET A 106 1.41 9.45 -10.48
CA MET A 106 0.62 10.47 -11.16
C MET A 106 1.36 11.80 -11.18
N ALA A 107 1.63 12.34 -9.99
CA ALA A 107 2.32 13.61 -9.87
C ALA A 107 3.66 13.44 -9.17
N GLY A 108 4.01 12.19 -8.87
CA GLY A 108 5.26 11.90 -8.20
C GLY A 108 6.46 12.03 -9.11
N PRO A 109 7.60 12.48 -8.56
CA PRO A 109 8.83 12.66 -9.33
C PRO A 109 9.45 11.33 -9.74
N GLY A 110 10.65 11.39 -10.31
CA GLY A 110 11.34 10.19 -10.74
C GLY A 110 11.91 9.40 -9.58
N SER A 111 11.43 8.19 -9.38
CA SER A 111 11.90 7.34 -8.29
C SER A 111 13.39 7.04 -8.45
N SER A 112 14.23 8.01 -8.11
CA SER A 112 15.67 7.85 -8.21
C SER A 112 16.21 7.04 -7.04
N SER A 113 15.74 7.35 -5.84
CA SER A 113 16.18 6.65 -4.64
C SER A 113 15.26 5.48 -4.32
N GLU A 114 14.82 4.79 -5.36
CA GLU A 114 13.93 3.63 -5.20
C GLU A 114 14.70 2.42 -4.69
N GLU A 115 15.34 2.56 -3.54
CA GLU A 115 16.12 1.48 -2.95
C GLU A 115 15.20 0.32 -2.55
N ASP A 116 15.75 -0.89 -2.55
CA ASP A 116 14.99 -2.07 -2.17
C ASP A 116 14.99 -2.26 -0.66
N GLU A 117 13.83 -2.62 -0.12
CA GLU A 117 13.69 -2.83 1.32
C GLU A 117 13.54 -4.32 1.64
N ALA A 118 12.64 -4.98 0.92
CA ALA A 118 12.40 -6.40 1.12
C ALA A 118 13.61 -7.24 0.72
N SER A 119 14.59 -7.30 1.62
CA SER A 119 15.81 -8.06 1.36
C SER A 119 15.73 -9.45 1.98
N HIS A 120 16.67 -10.31 1.63
CA HIS A 120 16.70 -11.66 2.16
C HIS A 120 16.45 -11.62 3.67
N SER A 121 15.25 -12.01 4.06
CA SER A 121 14.85 -12.02 5.46
C SER A 121 14.29 -13.39 5.85
N GLY A 122 13.87 -13.51 7.11
CA GLY A 122 13.32 -14.76 7.59
C GLY A 122 11.97 -14.58 8.26
N GLY A 123 11.95 -13.86 9.38
CA GLY A 123 10.71 -13.62 10.10
C GLY A 123 10.52 -12.17 10.46
N SER A 124 10.20 -11.91 11.72
CA SER A 124 9.98 -10.54 12.18
C SER A 124 9.13 -9.76 11.18
N GLY A 125 8.26 -10.45 10.48
CA GLY A 125 7.40 -9.81 9.49
C GLY A 125 5.94 -10.14 9.69
N PRO A 126 5.53 -11.34 9.24
CA PRO A 126 4.15 -11.80 9.36
C PRO A 126 3.75 -12.09 10.81
N SER A 127 4.69 -11.90 11.72
CA SER A 127 4.45 -12.14 13.14
C SER A 127 3.04 -11.68 13.53
N SER A 128 2.21 -12.62 13.96
CA SER A 128 0.85 -12.31 14.36
C SER A 128 0.83 -11.22 15.43
N GLY A 129 0.11 -10.14 15.17
CA GLY A 129 0.02 -9.05 16.13
C GLY A 129 1.35 -8.75 16.78
N GLY A 1 -34.28 -39.35 2.99
CA GLY A 1 -33.59 -38.15 2.55
C GLY A 1 -32.09 -38.32 2.51
N SER A 2 -31.50 -38.04 1.34
CA SER A 2 -30.06 -38.17 1.17
C SER A 2 -29.36 -36.83 1.41
N SER A 3 -28.38 -36.84 2.30
CA SER A 3 -27.63 -35.63 2.63
C SER A 3 -26.16 -35.95 2.87
N GLY A 4 -25.28 -35.09 2.36
CA GLY A 4 -23.85 -35.30 2.55
C GLY A 4 -23.02 -34.37 1.68
N SER A 5 -21.73 -34.27 1.99
CA SER A 5 -20.83 -33.42 1.23
C SER A 5 -20.18 -34.18 0.09
N SER A 6 -19.63 -33.45 -0.88
CA SER A 6 -18.99 -34.06 -2.03
C SER A 6 -17.48 -33.81 -2.00
N GLY A 7 -17.10 -32.57 -1.72
CA GLY A 7 -15.69 -32.22 -1.67
C GLY A 7 -15.40 -30.91 -2.38
N GLU A 8 -14.47 -30.14 -1.81
CA GLU A 8 -14.09 -28.85 -2.40
C GLU A 8 -12.88 -28.27 -1.70
N PRO A 9 -12.09 -27.47 -2.43
CA PRO A 9 -10.88 -26.83 -1.89
C PRO A 9 -11.20 -25.75 -0.88
N ARG A 10 -10.76 -25.95 0.36
CA ARG A 10 -11.01 -24.98 1.43
C ARG A 10 -9.77 -24.12 1.68
N ARG A 11 -8.60 -24.69 1.43
CA ARG A 11 -7.35 -23.98 1.63
C ARG A 11 -7.14 -22.93 0.54
N PRO A 12 -6.52 -21.80 0.92
CA PRO A 12 -6.25 -20.69 0.00
C PRO A 12 -5.18 -21.05 -1.03
N ARG A 13 -4.80 -20.06 -1.84
CA ARG A 13 -3.79 -20.27 -2.86
C ARG A 13 -2.39 -20.37 -2.24
N ALA A 14 -1.90 -19.26 -1.71
CA ALA A 14 -0.58 -19.22 -1.09
C ALA A 14 -0.62 -18.50 0.25
N GLY A 15 -1.70 -18.74 1.00
CA GLY A 15 -1.85 -18.10 2.30
C GLY A 15 -1.82 -16.58 2.20
N PRO A 16 -2.51 -15.92 3.15
CA PRO A 16 -2.57 -14.46 3.19
C PRO A 16 -1.23 -13.82 3.58
N GLU A 17 -0.22 -14.66 3.77
CA GLU A 17 1.11 -14.19 4.13
C GLU A 17 1.85 -13.67 2.91
N GLU A 18 1.94 -14.50 1.88
CA GLU A 18 2.63 -14.13 0.65
C GLU A 18 2.46 -12.64 0.35
N LEU A 19 1.22 -12.22 0.17
CA LEU A 19 0.91 -10.82 -0.11
C LEU A 19 1.42 -9.91 1.01
N GLY A 20 1.09 -10.27 2.25
CA GLY A 20 1.52 -9.48 3.39
C GLY A 20 2.99 -9.14 3.33
N LYS A 21 3.74 -9.88 2.52
CA LYS A 21 5.17 -9.64 2.37
C LYS A 21 5.45 -8.65 1.25
N ILE A 22 4.57 -8.63 0.25
CA ILE A 22 4.73 -7.72 -0.88
C ILE A 22 4.90 -6.28 -0.41
N LEU A 23 3.94 -5.79 0.35
CA LEU A 23 3.99 -4.42 0.87
C LEU A 23 4.23 -4.42 2.37
N GLN A 24 5.21 -5.20 2.81
CA GLN A 24 5.55 -5.29 4.23
C GLN A 24 6.15 -3.98 4.72
N GLY A 25 5.43 -3.29 5.60
CA GLY A 25 5.92 -2.03 6.14
C GLY A 25 5.56 -0.85 5.26
N VAL A 26 4.36 -0.89 4.67
CA VAL A 26 3.90 0.18 3.80
C VAL A 26 2.61 0.79 4.32
N VAL A 27 2.37 2.05 3.99
CA VAL A 27 1.18 2.75 4.42
C VAL A 27 0.45 3.39 3.23
N VAL A 28 -0.77 2.92 2.97
CA VAL A 28 -1.57 3.44 1.88
C VAL A 28 -2.78 4.21 2.39
N VAL A 29 -3.47 4.91 1.49
CA VAL A 29 -4.65 5.67 1.85
C VAL A 29 -5.69 5.64 0.74
N LEU A 30 -6.91 5.21 1.08
CA LEU A 30 -7.99 5.14 0.12
C LEU A 30 -8.65 6.50 -0.08
N SER A 31 -8.57 7.01 -1.31
CA SER A 31 -9.15 8.31 -1.62
C SER A 31 -10.07 8.22 -2.85
N GLY A 32 -11.25 8.82 -2.75
CA GLY A 32 -12.18 8.79 -3.85
C GLY A 32 -12.73 7.40 -4.10
N PHE A 33 -13.06 6.68 -3.03
CA PHE A 33 -13.58 5.32 -3.15
C PHE A 33 -14.97 5.23 -2.51
N GLN A 34 -15.78 4.31 -3.01
CA GLN A 34 -17.13 4.11 -2.50
C GLN A 34 -17.52 2.64 -2.50
N ASN A 35 -17.87 2.13 -1.32
CA ASN A 35 -18.26 0.72 -1.19
C ASN A 35 -19.30 0.35 -2.22
N PRO A 36 -19.35 -0.95 -2.57
CA PRO A 36 -18.45 -1.95 -2.00
C PRO A 36 -17.00 -1.77 -2.47
N PHE A 37 -16.84 -1.17 -3.64
CA PHE A 37 -15.52 -0.94 -4.21
C PHE A 37 -14.51 -0.65 -3.10
N ARG A 38 -14.75 0.42 -2.35
CA ARG A 38 -13.85 0.81 -1.27
C ARG A 38 -13.47 -0.41 -0.42
N SER A 39 -14.48 -1.13 0.06
CA SER A 39 -14.25 -2.31 0.88
C SER A 39 -13.39 -3.32 0.15
N GLU A 40 -13.87 -3.78 -1.00
CA GLU A 40 -13.13 -4.75 -1.81
C GLU A 40 -11.66 -4.39 -1.90
N LEU A 41 -11.38 -3.12 -2.21
CA LEU A 41 -10.01 -2.64 -2.33
C LEU A 41 -9.29 -2.71 -1.00
N ARG A 42 -9.96 -2.24 0.06
CA ARG A 42 -9.38 -2.24 1.40
C ARG A 42 -8.72 -3.58 1.69
N ASP A 43 -9.47 -4.67 1.52
CA ASP A 43 -8.94 -6.01 1.77
C ASP A 43 -7.69 -6.27 0.94
N LYS A 44 -7.80 -6.08 -0.36
CA LYS A 44 -6.67 -6.28 -1.27
C LYS A 44 -5.40 -5.62 -0.72
N ALA A 45 -5.52 -4.36 -0.33
CA ALA A 45 -4.39 -3.62 0.21
C ALA A 45 -3.88 -4.27 1.49
N LEU A 46 -4.81 -4.69 2.35
CA LEU A 46 -4.45 -5.33 3.61
C LEU A 46 -3.65 -6.59 3.38
N GLU A 47 -4.08 -7.39 2.41
CA GLU A 47 -3.39 -8.64 2.08
C GLU A 47 -1.92 -8.40 1.82
N LEU A 48 -1.63 -7.41 0.97
CA LEU A 48 -0.25 -7.07 0.64
C LEU A 48 0.55 -6.72 1.89
N GLY A 49 -0.15 -6.30 2.94
CA GLY A 49 0.51 -5.94 4.18
C GLY A 49 0.68 -4.44 4.33
N ALA A 50 -0.20 -3.68 3.69
CA ALA A 50 -0.14 -2.22 3.76
C ALA A 50 -1.12 -1.68 4.80
N LYS A 51 -0.79 -0.53 5.37
CA LYS A 51 -1.62 0.09 6.39
C LYS A 51 -2.72 0.94 5.74
N TYR A 52 -3.95 0.75 6.18
CA TYR A 52 -5.08 1.50 5.65
C TYR A 52 -5.51 2.60 6.61
N ARG A 53 -5.21 3.85 6.24
CA ARG A 53 -5.56 4.99 7.08
C ARG A 53 -6.74 5.75 6.48
N PRO A 54 -7.65 6.22 7.35
CA PRO A 54 -8.83 6.97 6.92
C PRO A 54 -8.48 8.36 6.39
N ASP A 55 -7.27 8.82 6.70
CA ASP A 55 -6.81 10.13 6.26
C ASP A 55 -5.30 10.13 6.04
N TRP A 56 -4.81 11.12 5.31
CA TRP A 56 -3.38 11.24 5.03
C TRP A 56 -2.60 11.47 6.32
N THR A 57 -2.00 10.41 6.84
CA THR A 57 -1.22 10.50 8.07
C THR A 57 0.26 10.72 7.77
N ARG A 58 1.06 10.82 8.81
CA ARG A 58 2.50 11.03 8.66
C ARG A 58 3.18 9.77 8.14
N ASP A 59 2.66 8.61 8.53
CA ASP A 59 3.21 7.34 8.10
C ASP A 59 2.87 7.05 6.64
N SER A 60 1.86 7.76 6.13
CA SER A 60 1.42 7.58 4.75
C SER A 60 2.59 7.72 3.78
N THR A 61 2.88 6.64 3.05
CA THR A 61 3.98 6.65 2.10
C THR A 61 3.47 6.68 0.66
N HIS A 62 2.36 5.99 0.43
CA HIS A 62 1.77 5.94 -0.90
C HIS A 62 0.30 6.35 -0.83
N LEU A 63 -0.13 7.08 -1.86
CA LEU A 63 -1.51 7.55 -1.93
C LEU A 63 -2.28 6.81 -3.02
N ILE A 64 -3.32 6.08 -2.61
CA ILE A 64 -4.14 5.32 -3.55
C ILE A 64 -5.27 6.18 -4.11
N CYS A 65 -4.97 6.86 -5.23
CA CYS A 65 -5.95 7.71 -5.87
C CYS A 65 -6.69 6.96 -6.98
N ALA A 66 -8.00 7.17 -7.05
CA ALA A 66 -8.83 6.50 -8.07
C ALA A 66 -8.65 7.17 -9.43
N PHE A 67 -8.59 8.49 -9.44
CA PHE A 67 -8.43 9.24 -10.67
C PHE A 67 -7.92 10.66 -10.40
N ALA A 68 -7.26 11.25 -11.39
CA ALA A 68 -6.72 12.60 -11.25
C ALA A 68 -7.84 13.62 -11.18
N ASN A 69 -7.47 14.90 -11.09
CA ASN A 69 -8.44 15.98 -11.02
C ASN A 69 -9.27 15.89 -9.75
N THR A 70 -8.64 15.40 -8.68
CA THR A 70 -9.31 15.26 -7.39
C THR A 70 -8.69 16.17 -6.34
N PRO A 71 -9.47 16.48 -5.29
CA PRO A 71 -9.02 17.35 -4.20
C PRO A 71 -7.95 16.67 -3.32
N LYS A 72 -7.86 15.35 -3.45
CA LYS A 72 -6.88 14.59 -2.67
C LYS A 72 -5.63 14.31 -3.49
N TYR A 73 -5.75 14.49 -4.81
CA TYR A 73 -4.62 14.26 -5.70
C TYR A 73 -3.64 15.43 -5.67
N SER A 74 -4.19 16.65 -5.71
CA SER A 74 -3.37 17.85 -5.68
C SER A 74 -2.84 18.12 -4.28
N GLN A 75 -3.64 17.78 -3.27
CA GLN A 75 -3.25 17.99 -1.88
C GLN A 75 -1.97 17.22 -1.55
N VAL A 76 -2.04 15.90 -1.68
CA VAL A 76 -0.89 15.05 -1.40
C VAL A 76 0.26 15.34 -2.37
N LEU A 77 -0.05 16.03 -3.45
CA LEU A 77 0.95 16.38 -4.45
C LEU A 77 1.85 17.51 -3.96
N GLY A 78 1.22 18.55 -3.41
CA GLY A 78 1.98 19.69 -2.91
C GLY A 78 2.84 19.32 -1.71
N LEU A 79 2.31 18.46 -0.85
CA LEU A 79 3.03 18.04 0.35
C LEU A 79 4.33 17.33 -0.03
N GLY A 80 4.26 16.46 -1.03
CA GLY A 80 5.43 15.73 -1.47
C GLY A 80 5.34 14.24 -1.16
N GLY A 81 4.14 13.69 -1.31
CA GLY A 81 3.94 12.27 -1.05
C GLY A 81 3.93 11.45 -2.31
N ARG A 82 4.08 10.13 -2.16
CA ARG A 82 4.09 9.22 -3.30
C ARG A 82 2.68 9.00 -3.82
N ILE A 83 2.30 9.78 -4.84
CA ILE A 83 0.98 9.67 -5.43
C ILE A 83 0.94 8.58 -6.51
N VAL A 84 0.21 7.51 -6.24
CA VAL A 84 0.10 6.41 -7.19
C VAL A 84 -1.36 6.03 -7.42
N ARG A 85 -1.64 5.46 -8.60
CA ARG A 85 -3.00 5.06 -8.94
C ARG A 85 -3.40 3.79 -8.19
N LYS A 86 -4.70 3.56 -8.08
CA LYS A 86 -5.21 2.39 -7.39
C LYS A 86 -4.71 1.10 -8.05
N GLU A 87 -4.66 1.10 -9.38
CA GLU A 87 -4.19 -0.06 -10.13
C GLU A 87 -3.03 -0.74 -9.41
N TRP A 88 -2.12 0.07 -8.88
CA TRP A 88 -0.96 -0.46 -8.17
C TRP A 88 -1.36 -1.59 -7.23
N VAL A 89 -2.44 -1.38 -6.48
CA VAL A 89 -2.93 -2.39 -5.54
C VAL A 89 -3.56 -3.56 -6.28
N LEU A 90 -4.50 -3.24 -7.17
CA LEU A 90 -5.19 -4.27 -7.95
C LEU A 90 -4.20 -5.27 -8.53
N ASP A 91 -3.39 -4.81 -9.48
CA ASP A 91 -2.39 -5.68 -10.11
C ASP A 91 -1.55 -6.39 -9.06
N CYS A 92 -0.92 -5.62 -8.19
CA CYS A 92 -0.08 -6.18 -7.14
C CYS A 92 -0.79 -7.35 -6.45
N HIS A 93 -2.07 -7.18 -6.19
CA HIS A 93 -2.84 -8.23 -5.52
C HIS A 93 -3.06 -9.39 -6.49
N ARG A 94 -3.77 -9.09 -7.58
CA ARG A 94 -4.07 -10.10 -8.59
C ARG A 94 -2.87 -11.02 -8.82
N MET A 95 -1.73 -10.43 -9.17
CA MET A 95 -0.52 -11.19 -9.41
C MET A 95 0.14 -11.59 -8.10
N ARG A 96 -0.13 -10.82 -7.04
CA ARG A 96 0.44 -11.10 -5.73
C ARG A 96 1.96 -10.96 -5.75
N ARG A 97 2.44 -9.92 -6.42
CA ARG A 97 3.87 -9.67 -6.52
C ARG A 97 4.18 -8.18 -6.49
N ARG A 98 5.37 -7.82 -6.04
CA ARG A 98 5.79 -6.43 -5.95
C ARG A 98 5.98 -5.84 -7.35
N LEU A 99 5.25 -4.78 -7.64
CA LEU A 99 5.33 -4.12 -8.94
C LEU A 99 5.95 -2.73 -8.80
N PRO A 100 6.59 -2.26 -9.88
CA PRO A 100 7.24 -0.95 -9.90
C PRO A 100 6.23 0.20 -9.89
N SER A 101 6.02 0.79 -8.72
CA SER A 101 5.08 1.89 -8.57
C SER A 101 5.43 3.05 -9.50
N GLN A 102 6.73 3.17 -9.83
CA GLN A 102 7.19 4.22 -10.70
C GLN A 102 6.23 4.45 -11.86
N ARG A 103 5.97 3.40 -12.63
CA ARG A 103 5.05 3.48 -13.76
C ARG A 103 3.68 3.97 -13.31
N TYR A 104 3.33 3.68 -12.07
CA TYR A 104 2.05 4.08 -11.52
C TYR A 104 2.07 5.55 -11.09
N LEU A 105 3.23 6.01 -10.64
CA LEU A 105 3.39 7.39 -10.20
C LEU A 105 2.74 8.35 -11.18
N MET A 106 1.62 8.95 -10.77
CA MET A 106 0.90 9.88 -11.62
C MET A 106 1.71 11.18 -11.80
N ALA A 107 1.94 11.87 -10.69
CA ALA A 107 2.70 13.12 -10.73
C ALA A 107 4.02 12.97 -9.98
N GLY A 108 4.29 11.78 -9.46
CA GLY A 108 5.51 11.54 -8.73
C GLY A 108 6.74 11.82 -9.55
N PRO A 109 7.80 12.35 -8.90
CA PRO A 109 9.06 12.69 -9.56
C PRO A 109 9.83 11.45 -9.99
N GLY A 110 9.27 10.27 -9.69
CA GLY A 110 9.93 9.02 -10.06
C GLY A 110 10.64 8.38 -8.89
N SER A 111 11.52 7.43 -9.19
CA SER A 111 12.27 6.72 -8.15
C SER A 111 13.64 7.34 -7.96
N SER A 112 14.39 7.46 -9.06
CA SER A 112 15.73 8.03 -9.01
C SER A 112 16.61 7.27 -8.03
N SER A 113 16.53 5.94 -8.07
CA SER A 113 17.31 5.10 -7.17
C SER A 113 17.27 5.63 -5.75
N GLU A 114 16.08 5.98 -5.28
CA GLU A 114 15.91 6.50 -3.93
C GLU A 114 15.53 5.39 -2.96
N GLU A 115 16.15 4.23 -3.11
CA GLU A 115 15.88 3.09 -2.25
C GLU A 115 16.11 3.45 -0.78
N ASP A 116 15.81 2.50 0.10
CA ASP A 116 15.99 2.72 1.53
C ASP A 116 16.66 1.51 2.18
N GLU A 117 17.56 1.78 3.12
CA GLU A 117 18.28 0.72 3.82
C GLU A 117 17.39 -0.49 4.04
N ALA A 118 16.18 -0.24 4.54
CA ALA A 118 15.22 -1.31 4.80
C ALA A 118 14.00 -1.19 3.89
N SER A 119 14.14 -1.66 2.65
CA SER A 119 13.06 -1.60 1.68
C SER A 119 11.84 -2.39 2.18
N HIS A 120 12.09 -3.59 2.68
CA HIS A 120 11.02 -4.43 3.17
C HIS A 120 11.19 -4.65 4.68
N SER A 121 10.68 -3.71 5.45
CA SER A 121 10.77 -3.78 6.90
C SER A 121 9.49 -4.36 7.50
N GLY A 122 9.64 -5.45 8.26
CA GLY A 122 8.49 -6.09 8.87
C GLY A 122 8.29 -5.64 10.30
N GLY A 123 8.02 -6.61 11.19
CA GLY A 123 7.81 -6.29 12.59
C GLY A 123 6.54 -5.49 12.81
N SER A 124 5.42 -6.18 12.96
CA SER A 124 4.14 -5.52 13.17
C SER A 124 3.08 -6.51 13.63
N GLY A 125 1.95 -6.00 14.12
CA GLY A 125 0.88 -6.85 14.58
C GLY A 125 -0.31 -6.08 15.09
N PRO A 126 -1.34 -6.79 15.56
CA PRO A 126 -2.56 -6.18 16.08
C PRO A 126 -2.33 -5.46 17.41
N SER A 127 -2.69 -4.18 17.45
CA SER A 127 -2.52 -3.38 18.67
C SER A 127 -3.73 -2.49 18.90
N SER A 128 -4.03 -2.23 20.18
CA SER A 128 -5.16 -1.40 20.54
C SER A 128 -4.72 0.04 20.81
N GLY A 129 -5.69 0.91 21.04
CA GLY A 129 -5.38 2.31 21.31
C GLY A 129 -6.45 2.99 22.15
N GLY A 1 -15.92 -12.42 35.98
CA GLY A 1 -15.13 -12.69 34.80
C GLY A 1 -15.99 -13.00 33.59
N SER A 2 -15.44 -12.74 32.41
CA SER A 2 -16.16 -13.00 31.16
C SER A 2 -15.19 -13.30 30.02
N SER A 3 -15.25 -14.52 29.49
CA SER A 3 -14.37 -14.93 28.40
C SER A 3 -15.10 -15.85 27.44
N GLY A 4 -14.57 -15.97 26.23
CA GLY A 4 -15.19 -16.82 25.23
C GLY A 4 -14.16 -17.55 24.39
N SER A 5 -14.64 -18.27 23.37
CA SER A 5 -13.75 -19.03 22.49
C SER A 5 -13.84 -18.51 21.05
N SER A 6 -13.00 -19.05 20.18
CA SER A 6 -12.98 -18.65 18.77
C SER A 6 -12.50 -19.79 17.90
N GLY A 7 -13.33 -20.17 16.93
CA GLY A 7 -12.97 -21.24 16.02
C GLY A 7 -12.42 -20.73 14.70
N GLU A 8 -11.44 -19.84 14.77
CA GLU A 8 -10.83 -19.27 13.57
C GLU A 8 -10.82 -20.29 12.43
N PRO A 9 -11.84 -20.20 11.56
CA PRO A 9 -11.98 -21.10 10.41
C PRO A 9 -10.92 -20.86 9.35
N ARG A 10 -9.81 -21.58 9.44
CA ARG A 10 -8.72 -21.44 8.49
C ARG A 10 -9.25 -21.32 7.06
N ARG A 11 -8.52 -20.60 6.22
CA ARG A 11 -8.92 -20.41 4.84
C ARG A 11 -8.16 -21.36 3.91
N PRO A 12 -8.85 -21.84 2.87
CA PRO A 12 -8.27 -22.77 1.89
C PRO A 12 -7.21 -22.10 1.01
N ARG A 13 -7.40 -20.80 0.77
CA ARG A 13 -6.47 -20.05 -0.07
C ARG A 13 -5.14 -19.85 0.66
N ALA A 14 -4.09 -19.59 -0.11
CA ALA A 14 -2.77 -19.37 0.46
C ALA A 14 -2.82 -18.42 1.65
N GLY A 15 -2.01 -18.69 2.67
CA GLY A 15 -1.99 -17.85 3.85
C GLY A 15 -1.77 -16.39 3.51
N PRO A 16 -2.17 -15.51 4.44
CA PRO A 16 -2.03 -14.05 4.26
C PRO A 16 -0.56 -13.61 4.33
N GLU A 17 0.33 -14.55 4.60
CA GLU A 17 1.75 -14.25 4.70
C GLU A 17 2.33 -13.96 3.31
N GLU A 18 1.94 -14.76 2.33
CA GLU A 18 2.41 -14.60 0.97
C GLU A 18 2.30 -13.14 0.52
N LEU A 19 1.07 -12.61 0.58
CA LEU A 19 0.81 -11.23 0.18
C LEU A 19 1.39 -10.26 1.20
N GLY A 20 1.31 -10.62 2.48
CA GLY A 20 1.82 -9.77 3.54
C GLY A 20 3.31 -9.50 3.38
N LYS A 21 3.95 -10.20 2.46
CA LYS A 21 5.38 -10.05 2.22
C LYS A 21 5.62 -9.21 0.96
N ILE A 22 4.54 -8.70 0.37
CA ILE A 22 4.65 -7.89 -0.83
C ILE A 22 4.82 -6.41 -0.48
N LEU A 23 3.85 -5.87 0.27
CA LEU A 23 3.90 -4.47 0.66
C LEU A 23 4.14 -4.34 2.17
N GLN A 24 5.04 -5.17 2.68
CA GLN A 24 5.36 -5.15 4.10
C GLN A 24 6.00 -3.82 4.51
N GLY A 25 5.48 -3.21 5.56
CA GLY A 25 6.01 -1.94 6.02
C GLY A 25 5.58 -0.78 5.14
N VAL A 26 4.46 -0.93 4.46
CA VAL A 26 3.94 0.10 3.57
C VAL A 26 2.59 0.61 4.05
N VAL A 27 2.28 1.86 3.70
CA VAL A 27 1.01 2.46 4.10
C VAL A 27 0.28 3.02 2.89
N VAL A 28 -1.04 2.88 2.88
CA VAL A 28 -1.86 3.38 1.78
C VAL A 28 -3.09 4.12 2.31
N VAL A 29 -3.45 5.20 1.63
CA VAL A 29 -4.60 6.00 2.02
C VAL A 29 -5.67 6.00 0.95
N LEU A 30 -6.89 5.62 1.32
CA LEU A 30 -8.01 5.58 0.39
C LEU A 30 -8.65 6.94 0.25
N SER A 31 -8.88 7.36 -1.00
CA SER A 31 -9.50 8.65 -1.28
C SER A 31 -10.27 8.62 -2.59
N GLY A 32 -11.49 9.15 -2.57
CA GLY A 32 -12.31 9.17 -3.77
C GLY A 32 -12.72 7.77 -4.21
N PHE A 33 -13.23 6.99 -3.28
CA PHE A 33 -13.66 5.62 -3.56
C PHE A 33 -15.08 5.39 -3.08
N GLN A 34 -15.77 4.43 -3.69
CA GLN A 34 -17.14 4.11 -3.33
C GLN A 34 -17.35 2.59 -3.28
N ASN A 35 -18.11 2.14 -2.29
CA ASN A 35 -18.39 0.72 -2.14
C ASN A 35 -19.22 0.19 -3.31
N PRO A 36 -19.20 -1.13 -3.49
CA PRO A 36 -18.45 -2.05 -2.64
C PRO A 36 -16.94 -1.91 -2.84
N PHE A 37 -16.53 -1.52 -4.03
CA PHE A 37 -15.12 -1.35 -4.35
C PHE A 37 -14.36 -0.81 -3.14
N ARG A 38 -14.85 0.29 -2.58
CA ARG A 38 -14.21 0.90 -1.42
C ARG A 38 -13.62 -0.16 -0.49
N SER A 39 -14.44 -1.15 -0.14
CA SER A 39 -14.00 -2.22 0.74
C SER A 39 -12.94 -3.08 0.06
N GLU A 40 -13.28 -3.61 -1.12
CA GLU A 40 -12.36 -4.46 -1.87
C GLU A 40 -10.95 -3.86 -1.86
N LEU A 41 -10.87 -2.56 -2.08
CA LEU A 41 -9.58 -1.87 -2.10
C LEU A 41 -8.79 -2.14 -0.83
N ARG A 42 -9.42 -1.88 0.31
CA ARG A 42 -8.77 -2.09 1.60
C ARG A 42 -8.40 -3.56 1.78
N ASP A 43 -9.40 -4.43 1.72
CA ASP A 43 -9.18 -5.87 1.87
C ASP A 43 -7.91 -6.30 1.14
N LYS A 44 -7.82 -5.93 -0.13
CA LYS A 44 -6.65 -6.28 -0.95
C LYS A 44 -5.40 -5.59 -0.43
N ALA A 45 -5.55 -4.33 -0.03
CA ALA A 45 -4.42 -3.56 0.49
C ALA A 45 -3.87 -4.19 1.76
N LEU A 46 -4.75 -4.78 2.56
CA LEU A 46 -4.34 -5.42 3.81
C LEU A 46 -3.50 -6.66 3.53
N GLU A 47 -3.99 -7.53 2.65
CA GLU A 47 -3.28 -8.75 2.29
C GLU A 47 -1.82 -8.45 1.96
N LEU A 48 -1.61 -7.47 1.08
CA LEU A 48 -0.26 -7.09 0.67
C LEU A 48 0.59 -6.69 1.88
N GLY A 49 -0.08 -6.38 2.99
CA GLY A 49 0.62 -5.99 4.20
C GLY A 49 0.67 -4.49 4.37
N ALA A 50 -0.13 -3.77 3.59
CA ALA A 50 -0.18 -2.31 3.66
C ALA A 50 -1.19 -1.85 4.69
N LYS A 51 -0.84 -0.78 5.43
CA LYS A 51 -1.72 -0.24 6.45
C LYS A 51 -2.72 0.74 5.83
N TYR A 52 -4.00 0.53 6.13
CA TYR A 52 -5.06 1.39 5.61
C TYR A 52 -5.42 2.47 6.62
N ARG A 53 -5.41 3.73 6.18
CA ARG A 53 -5.74 4.86 7.04
C ARG A 53 -6.89 5.67 6.46
N PRO A 54 -7.75 6.20 7.34
CA PRO A 54 -8.91 7.01 6.93
C PRO A 54 -8.49 8.36 6.37
N ASP A 55 -7.32 8.83 6.76
CA ASP A 55 -6.81 10.11 6.30
C ASP A 55 -5.29 10.08 6.20
N TRP A 56 -4.72 11.13 5.60
CA TRP A 56 -3.27 11.22 5.43
C TRP A 56 -2.57 11.19 6.79
N THR A 57 -1.46 10.48 6.85
CA THR A 57 -0.68 10.36 8.08
C THR A 57 0.80 10.56 7.82
N ARG A 58 1.53 10.95 8.86
CA ARG A 58 2.97 11.19 8.75
C ARG A 58 3.68 9.93 8.27
N ASP A 59 3.12 8.77 8.58
CA ASP A 59 3.70 7.50 8.18
C ASP A 59 3.26 7.12 6.77
N SER A 60 2.27 7.85 6.25
CA SER A 60 1.75 7.59 4.91
C SER A 60 2.87 7.66 3.87
N THR A 61 3.05 6.59 3.12
CA THR A 61 4.08 6.53 2.09
C THR A 61 3.47 6.63 0.70
N HIS A 62 2.35 5.95 0.49
CA HIS A 62 1.69 5.98 -0.80
C HIS A 62 0.22 6.33 -0.60
N LEU A 63 -0.35 6.95 -1.64
CA LEU A 63 -1.75 7.35 -1.62
C LEU A 63 -2.53 6.71 -2.77
N ILE A 64 -3.64 6.07 -2.43
CA ILE A 64 -4.48 5.43 -3.43
C ILE A 64 -5.54 6.37 -3.97
N CYS A 65 -5.27 6.98 -5.12
CA CYS A 65 -6.19 7.91 -5.74
C CYS A 65 -6.98 7.23 -6.86
N ALA A 66 -8.24 7.62 -7.02
CA ALA A 66 -9.10 7.04 -8.05
C ALA A 66 -9.02 7.87 -9.33
N PHE A 67 -8.79 9.17 -9.19
CA PHE A 67 -8.70 10.07 -10.34
C PHE A 67 -8.07 11.39 -9.93
N ALA A 68 -7.48 12.08 -10.92
CA ALA A 68 -6.85 13.37 -10.67
C ALA A 68 -7.90 14.46 -10.44
N ASN A 69 -7.42 15.69 -10.29
CA ASN A 69 -8.31 16.83 -10.07
C ASN A 69 -9.09 16.65 -8.76
N THR A 70 -8.47 16.01 -7.78
CA THR A 70 -9.10 15.77 -6.50
C THR A 70 -8.44 16.62 -5.40
N PRO A 71 -9.19 16.86 -4.32
CA PRO A 71 -8.71 17.65 -3.19
C PRO A 71 -7.63 16.93 -2.39
N LYS A 72 -7.57 15.61 -2.55
CA LYS A 72 -6.57 14.81 -1.85
C LYS A 72 -5.36 14.54 -2.73
N TYR A 73 -5.47 14.91 -4.01
CA TYR A 73 -4.39 14.72 -4.97
C TYR A 73 -3.33 15.80 -4.81
N SER A 74 -3.78 17.05 -4.72
CA SER A 74 -2.88 18.18 -4.57
C SER A 74 -2.37 18.30 -3.13
N GLN A 75 -3.24 17.98 -2.18
CA GLN A 75 -2.88 18.04 -0.77
C GLN A 75 -1.65 17.19 -0.48
N VAL A 76 -1.68 15.93 -0.92
CA VAL A 76 -0.56 15.02 -0.71
C VAL A 76 0.55 15.28 -1.72
N LEU A 77 0.24 16.03 -2.77
CA LEU A 77 1.21 16.35 -3.80
C LEU A 77 2.28 17.31 -3.26
N GLY A 78 1.84 18.31 -2.53
CA GLY A 78 2.78 19.27 -1.97
C GLY A 78 3.54 18.72 -0.78
N LEU A 79 2.88 17.91 0.03
CA LEU A 79 3.50 17.31 1.20
C LEU A 79 4.76 16.55 0.81
N GLY A 80 4.68 15.81 -0.29
CA GLY A 80 5.82 15.05 -0.75
C GLY A 80 5.57 13.55 -0.73
N GLY A 81 4.29 13.17 -0.75
CA GLY A 81 3.94 11.77 -0.73
C GLY A 81 3.93 11.16 -2.12
N ARG A 82 3.87 9.83 -2.18
CA ARG A 82 3.86 9.13 -3.45
C ARG A 82 2.44 8.89 -3.94
N ILE A 83 1.97 9.75 -4.84
CA ILE A 83 0.62 9.64 -5.37
C ILE A 83 0.58 8.67 -6.55
N VAL A 84 -0.14 7.57 -6.38
CA VAL A 84 -0.25 6.56 -7.44
C VAL A 84 -1.70 6.10 -7.59
N ARG A 85 -2.01 5.52 -8.74
CA ARG A 85 -3.36 5.04 -9.01
C ARG A 85 -3.61 3.69 -8.33
N LYS A 86 -4.87 3.29 -8.29
CA LYS A 86 -5.24 2.02 -7.66
C LYS A 86 -4.64 0.84 -8.43
N GLU A 87 -4.51 1.01 -9.74
CA GLU A 87 -3.95 -0.05 -10.59
C GLU A 87 -2.77 -0.72 -9.91
N TRP A 88 -2.07 0.03 -9.07
CA TRP A 88 -0.91 -0.50 -8.36
C TRP A 88 -1.31 -1.63 -7.44
N VAL A 89 -2.36 -1.41 -6.63
CA VAL A 89 -2.84 -2.42 -5.70
C VAL A 89 -3.51 -3.57 -6.45
N LEU A 90 -4.40 -3.24 -7.36
CA LEU A 90 -5.11 -4.25 -8.15
C LEU A 90 -4.14 -5.30 -8.69
N ASP A 91 -3.18 -4.84 -9.48
CA ASP A 91 -2.19 -5.73 -10.07
C ASP A 91 -1.38 -6.43 -8.98
N CYS A 92 -0.92 -5.66 -8.00
CA CYS A 92 -0.14 -6.21 -6.91
C CYS A 92 -0.85 -7.40 -6.27
N HIS A 93 -2.17 -7.31 -6.17
CA HIS A 93 -2.95 -8.38 -5.58
C HIS A 93 -3.15 -9.49 -6.61
N ARG A 94 -3.75 -9.12 -7.73
CA ARG A 94 -4.02 -10.06 -8.81
C ARG A 94 -2.81 -10.95 -9.06
N MET A 95 -1.62 -10.36 -8.99
CA MET A 95 -0.38 -11.10 -9.22
C MET A 95 0.30 -11.43 -7.90
N ARG A 96 -0.19 -10.82 -6.82
CA ARG A 96 0.38 -11.05 -5.50
C ARG A 96 1.90 -10.92 -5.53
N ARG A 97 2.38 -9.90 -6.23
CA ARG A 97 3.83 -9.66 -6.35
C ARG A 97 4.13 -8.17 -6.26
N ARG A 98 5.36 -7.86 -5.83
CA ARG A 98 5.78 -6.47 -5.69
C ARG A 98 5.93 -5.81 -7.07
N LEU A 99 5.19 -4.74 -7.29
CA LEU A 99 5.24 -4.02 -8.56
C LEU A 99 5.86 -2.65 -8.38
N PRO A 100 6.63 -2.20 -9.39
CA PRO A 100 7.30 -0.89 -9.36
C PRO A 100 6.30 0.26 -9.48
N SER A 101 6.13 0.99 -8.38
CA SER A 101 5.20 2.12 -8.36
C SER A 101 5.68 3.23 -9.30
N GLN A 102 6.92 3.11 -9.75
CA GLN A 102 7.50 4.11 -10.65
C GLN A 102 6.73 4.17 -11.97
N ARG A 103 6.06 3.06 -12.31
CA ARG A 103 5.29 2.98 -13.54
C ARG A 103 3.87 3.49 -13.31
N TYR A 104 3.41 3.42 -12.06
CA TYR A 104 2.07 3.87 -11.72
C TYR A 104 2.11 5.23 -11.01
N LEU A 105 3.13 6.02 -11.34
CA LEU A 105 3.29 7.34 -10.74
C LEU A 105 2.34 8.35 -11.38
N MET A 106 1.59 9.05 -10.55
CA MET A 106 0.64 10.06 -11.03
C MET A 106 1.33 11.40 -11.20
N ALA A 107 1.87 11.94 -10.11
CA ALA A 107 2.56 13.21 -10.14
C ALA A 107 4.02 13.07 -9.75
N GLY A 108 4.83 14.07 -10.08
CA GLY A 108 6.24 14.04 -9.76
C GLY A 108 7.04 13.24 -10.78
N PRO A 109 8.34 13.55 -10.88
CA PRO A 109 9.25 12.87 -11.81
C PRO A 109 9.51 11.43 -11.41
N GLY A 110 9.79 11.21 -10.13
CA GLY A 110 10.05 9.86 -9.64
C GLY A 110 10.58 9.86 -8.21
N SER A 111 11.22 8.76 -7.83
CA SER A 111 11.77 8.63 -6.48
C SER A 111 12.87 9.66 -6.25
N SER A 112 12.52 10.76 -5.61
CA SER A 112 13.48 11.82 -5.33
C SER A 112 14.06 11.66 -3.93
N SER A 113 14.32 10.42 -3.55
CA SER A 113 14.88 10.12 -2.23
C SER A 113 14.05 10.76 -1.12
N GLU A 114 12.73 10.56 -1.19
CA GLU A 114 11.82 11.12 -0.21
C GLU A 114 11.38 10.06 0.79
N GLU A 115 11.99 8.87 0.70
CA GLU A 115 11.66 7.77 1.59
C GLU A 115 12.06 8.10 3.02
N ASP A 116 11.64 7.25 3.95
CA ASP A 116 11.95 7.44 5.36
C ASP A 116 13.46 7.61 5.57
N GLU A 117 13.84 8.15 6.72
CA GLU A 117 15.24 8.37 7.03
C GLU A 117 15.81 7.17 7.79
N ALA A 118 15.08 6.68 8.77
CA ALA A 118 15.50 5.55 9.57
C ALA A 118 14.32 4.91 10.30
N SER A 119 14.03 3.66 9.97
CA SER A 119 12.93 2.94 10.59
C SER A 119 13.41 1.63 11.21
N HIS A 120 12.53 0.98 11.96
CA HIS A 120 12.88 -0.28 12.59
C HIS A 120 11.62 -1.11 12.83
N SER A 121 11.80 -2.42 12.89
CA SER A 121 10.69 -3.34 13.11
C SER A 121 11.18 -4.64 13.74
N GLY A 122 10.33 -5.26 14.54
CA GLY A 122 10.69 -6.51 15.18
C GLY A 122 9.70 -7.62 14.90
N GLY A 123 8.50 -7.51 15.48
CA GLY A 123 7.48 -8.53 15.26
C GLY A 123 6.14 -7.92 14.88
N SER A 124 5.52 -8.49 13.86
CA SER A 124 4.22 -8.01 13.40
C SER A 124 3.22 -9.15 13.29
N GLY A 125 2.05 -8.96 13.91
CA GLY A 125 1.02 -9.99 13.88
C GLY A 125 0.51 -10.34 15.26
N PRO A 126 1.09 -11.39 15.86
CA PRO A 126 0.71 -11.85 17.20
C PRO A 126 1.12 -10.88 18.29
N SER A 127 2.31 -10.29 18.13
CA SER A 127 2.81 -9.34 19.12
C SER A 127 1.85 -8.17 19.30
N SER A 128 1.43 -7.95 20.54
CA SER A 128 0.50 -6.88 20.85
C SER A 128 0.91 -5.59 20.15
N GLY A 129 2.21 -5.30 20.15
CA GLY A 129 2.70 -4.10 19.50
C GLY A 129 3.76 -4.40 18.46
N GLY A 1 8.76 -20.64 22.26
CA GLY A 1 7.52 -19.88 22.40
C GLY A 1 6.32 -20.65 21.89
N SER A 2 5.94 -21.70 22.62
CA SER A 2 4.80 -22.52 22.22
C SER A 2 4.20 -23.22 23.43
N SER A 3 2.91 -23.02 23.67
CA SER A 3 2.22 -23.64 24.79
C SER A 3 0.90 -24.26 24.34
N GLY A 4 0.57 -25.41 24.93
CA GLY A 4 -0.67 -26.09 24.58
C GLY A 4 -0.50 -27.05 23.43
N SER A 5 -1.21 -28.18 23.49
CA SER A 5 -1.12 -29.19 22.46
C SER A 5 -1.33 -28.58 21.07
N SER A 6 -0.85 -29.27 20.05
CA SER A 6 -0.98 -28.80 18.67
C SER A 6 -1.21 -29.96 17.71
N GLY A 7 -1.96 -29.71 16.64
CA GLY A 7 -2.23 -30.74 15.66
C GLY A 7 -1.48 -30.52 14.37
N GLU A 8 -2.00 -31.09 13.28
CA GLU A 8 -1.37 -30.95 11.97
C GLU A 8 -1.70 -29.60 11.35
N PRO A 9 -0.72 -29.03 10.62
CA PRO A 9 -0.88 -27.73 9.96
C PRO A 9 -1.86 -27.80 8.79
N ARG A 10 -2.87 -26.94 8.82
CA ARG A 10 -3.86 -26.91 7.74
C ARG A 10 -3.79 -25.58 6.99
N ARG A 11 -2.60 -25.22 6.54
CA ARG A 11 -2.40 -23.98 5.81
C ARG A 11 -2.58 -24.20 4.31
N PRO A 12 -3.24 -23.24 3.64
CA PRO A 12 -3.50 -23.31 2.20
C PRO A 12 -2.23 -23.14 1.38
N ARG A 13 -2.33 -23.38 0.08
CA ARG A 13 -1.19 -23.25 -0.82
C ARG A 13 -0.55 -21.87 -0.69
N ALA A 14 -1.39 -20.86 -0.52
CA ALA A 14 -0.91 -19.48 -0.38
C ALA A 14 -1.89 -18.64 0.43
N GLY A 15 -1.35 -17.81 1.31
CA GLY A 15 -2.19 -16.95 2.13
C GLY A 15 -1.62 -15.55 2.29
N PRO A 16 -2.03 -14.87 3.36
CA PRO A 16 -1.57 -13.51 3.66
C PRO A 16 -0.11 -13.47 4.07
N GLU A 17 0.54 -14.63 4.06
CA GLU A 17 1.94 -14.72 4.43
C GLU A 17 2.85 -14.21 3.31
N GLU A 18 2.55 -14.64 2.08
CA GLU A 18 3.33 -14.22 0.93
C GLU A 18 2.97 -12.81 0.50
N LEU A 19 1.74 -12.40 0.82
CA LEU A 19 1.25 -11.07 0.46
C LEU A 19 1.78 -10.03 1.45
N GLY A 20 1.64 -10.31 2.74
CA GLY A 20 2.11 -9.39 3.75
C GLY A 20 3.57 -9.01 3.56
N LYS A 21 4.28 -9.79 2.76
CA LYS A 21 5.69 -9.53 2.50
C LYS A 21 5.86 -8.60 1.30
N ILE A 22 4.85 -8.54 0.45
CA ILE A 22 4.88 -7.69 -0.73
C ILE A 22 4.97 -6.22 -0.34
N LEU A 23 3.99 -5.75 0.42
CA LEU A 23 3.95 -4.37 0.87
C LEU A 23 4.24 -4.26 2.36
N GLN A 24 5.18 -5.07 2.83
CA GLN A 24 5.55 -5.07 4.25
C GLN A 24 6.06 -3.70 4.68
N GLY A 25 5.43 -3.13 5.70
CA GLY A 25 5.82 -1.83 6.20
C GLY A 25 5.36 -0.70 5.29
N VAL A 26 4.21 -0.90 4.66
CA VAL A 26 3.65 0.11 3.76
C VAL A 26 2.32 0.64 4.28
N VAL A 27 2.02 1.89 3.96
CA VAL A 27 0.78 2.52 4.40
C VAL A 27 0.06 3.19 3.23
N VAL A 28 -1.13 2.70 2.92
CA VAL A 28 -1.92 3.25 1.82
C VAL A 28 -3.16 3.99 2.35
N VAL A 29 -3.47 5.12 1.73
CA VAL A 29 -4.61 5.92 2.12
C VAL A 29 -5.65 6.01 1.01
N LEU A 30 -6.88 5.64 1.32
CA LEU A 30 -7.96 5.67 0.33
C LEU A 30 -8.54 7.07 0.21
N SER A 31 -8.59 7.59 -1.02
CA SER A 31 -9.13 8.92 -1.26
C SER A 31 -9.71 9.02 -2.67
N GLY A 32 -11.04 9.07 -2.75
CA GLY A 32 -11.70 9.16 -4.04
C GLY A 32 -12.25 7.83 -4.52
N PHE A 33 -12.82 7.07 -3.59
CA PHE A 33 -13.38 5.77 -3.91
C PHE A 33 -14.83 5.67 -3.43
N GLN A 34 -15.55 4.68 -3.96
CA GLN A 34 -16.95 4.48 -3.58
C GLN A 34 -17.27 2.99 -3.48
N ASN A 35 -17.77 2.58 -2.32
CA ASN A 35 -18.13 1.18 -2.08
C ASN A 35 -19.10 0.69 -3.14
N PRO A 36 -19.19 -0.65 -3.28
CA PRO A 36 -18.40 -1.58 -2.48
C PRO A 36 -16.91 -1.54 -2.84
N PHE A 37 -16.59 -0.87 -3.93
CA PHE A 37 -15.21 -0.76 -4.38
C PHE A 37 -14.27 -0.57 -3.20
N ARG A 38 -14.55 0.43 -2.37
CA ARG A 38 -13.73 0.72 -1.21
C ARG A 38 -13.36 -0.56 -0.47
N SER A 39 -14.38 -1.18 0.15
CA SER A 39 -14.17 -2.42 0.89
C SER A 39 -13.27 -3.38 0.11
N GLU A 40 -13.76 -3.81 -1.05
CA GLU A 40 -13.01 -4.73 -1.89
C GLU A 40 -11.53 -4.33 -1.97
N LEU A 41 -11.28 -3.07 -2.28
CA LEU A 41 -9.92 -2.55 -2.37
C LEU A 41 -9.17 -2.76 -1.06
N ARG A 42 -9.63 -2.09 -0.01
CA ARG A 42 -9.00 -2.19 1.29
C ARG A 42 -8.53 -3.62 1.56
N ASP A 43 -9.45 -4.57 1.45
CA ASP A 43 -9.13 -5.98 1.67
C ASP A 43 -7.81 -6.35 1.01
N LYS A 44 -7.80 -6.32 -0.32
CA LYS A 44 -6.60 -6.65 -1.08
C LYS A 44 -5.39 -5.89 -0.54
N ALA A 45 -5.58 -4.62 -0.22
CA ALA A 45 -4.50 -3.80 0.31
C ALA A 45 -3.95 -4.38 1.60
N LEU A 46 -4.85 -4.87 2.45
CA LEU A 46 -4.45 -5.46 3.72
C LEU A 46 -3.59 -6.70 3.51
N GLU A 47 -3.91 -7.46 2.47
CA GLU A 47 -3.15 -8.66 2.16
C GLU A 47 -1.67 -8.35 1.97
N LEU A 48 -1.38 -7.37 1.13
CA LEU A 48 0.00 -6.98 0.86
C LEU A 48 0.70 -6.53 2.13
N GLY A 49 -0.09 -6.34 3.19
CA GLY A 49 0.49 -5.92 4.47
C GLY A 49 0.53 -4.41 4.60
N ALA A 50 -0.28 -3.71 3.81
CA ALA A 50 -0.33 -2.27 3.85
C ALA A 50 -1.39 -1.78 4.84
N LYS A 51 -1.12 -0.64 5.47
CA LYS A 51 -2.06 -0.07 6.43
C LYS A 51 -3.01 0.91 5.76
N TYR A 52 -4.30 0.73 5.98
CA TYR A 52 -5.31 1.59 5.39
C TYR A 52 -5.77 2.66 6.39
N ARG A 53 -5.39 3.90 6.11
CA ARG A 53 -5.74 5.02 6.98
C ARG A 53 -6.85 5.87 6.35
N PRO A 54 -7.77 6.36 7.18
CA PRO A 54 -8.89 7.20 6.73
C PRO A 54 -8.44 8.57 6.25
N ASP A 55 -7.22 8.95 6.63
CA ASP A 55 -6.67 10.24 6.24
C ASP A 55 -5.15 10.16 6.09
N TRP A 56 -4.58 11.14 5.41
CA TRP A 56 -3.13 11.19 5.19
C TRP A 56 -2.40 11.49 6.49
N THR A 57 -1.77 10.47 7.07
CA THR A 57 -1.03 10.63 8.32
C THR A 57 0.43 10.95 8.04
N ARG A 58 1.21 11.09 9.11
CA ARG A 58 2.63 11.39 8.99
C ARG A 58 3.44 10.14 8.72
N ASP A 59 2.75 9.00 8.61
CA ASP A 59 3.41 7.73 8.35
C ASP A 59 3.07 7.23 6.95
N SER A 60 2.11 7.88 6.31
CA SER A 60 1.69 7.49 4.96
C SER A 60 2.89 7.46 4.01
N THR A 61 3.02 6.36 3.28
CA THR A 61 4.12 6.20 2.34
C THR A 61 3.61 6.25 0.90
N HIS A 62 2.39 5.77 0.69
CA HIS A 62 1.80 5.76 -0.64
C HIS A 62 0.33 6.17 -0.55
N LEU A 63 -0.11 6.89 -1.58
CA LEU A 63 -1.49 7.36 -1.65
C LEU A 63 -2.22 6.71 -2.80
N ILE A 64 -3.34 6.04 -2.50
CA ILE A 64 -4.13 5.37 -3.52
C ILE A 64 -5.19 6.31 -4.08
N CYS A 65 -4.83 7.02 -5.15
CA CYS A 65 -5.75 7.94 -5.79
C CYS A 65 -6.52 7.27 -6.92
N ALA A 66 -7.77 7.65 -7.10
CA ALA A 66 -8.61 7.08 -8.15
C ALA A 66 -8.45 7.85 -9.45
N PHE A 67 -8.20 9.14 -9.35
CA PHE A 67 -8.03 10.00 -10.51
C PHE A 67 -7.35 11.31 -10.14
N ALA A 68 -6.62 11.88 -11.09
CA ALA A 68 -5.91 13.14 -10.87
C ALA A 68 -6.90 14.29 -10.70
N ASN A 69 -6.37 15.50 -10.54
CA ASN A 69 -7.19 16.69 -10.37
C ASN A 69 -8.06 16.57 -9.11
N THR A 70 -7.42 16.27 -7.99
CA THR A 70 -8.13 16.13 -6.73
C THR A 70 -7.49 16.97 -5.63
N PRO A 71 -8.26 17.31 -4.60
CA PRO A 71 -7.78 18.11 -3.47
C PRO A 71 -6.79 17.35 -2.60
N LYS A 72 -6.80 16.03 -2.71
CA LYS A 72 -5.91 15.18 -1.94
C LYS A 72 -4.65 14.85 -2.73
N TYR A 73 -4.80 14.74 -4.05
CA TYR A 73 -3.68 14.42 -4.92
C TYR A 73 -2.55 15.44 -4.76
N SER A 74 -2.88 16.70 -4.99
CA SER A 74 -1.90 17.78 -4.88
C SER A 74 -1.35 17.86 -3.46
N GLN A 75 -2.25 17.94 -2.49
CA GLN A 75 -1.86 18.03 -1.09
C GLN A 75 -0.73 17.06 -0.78
N VAL A 76 -0.99 15.77 -1.00
CA VAL A 76 0.01 14.73 -0.75
C VAL A 76 1.19 14.86 -1.71
N LEU A 77 1.00 15.63 -2.78
CA LEU A 77 2.05 15.84 -3.76
C LEU A 77 3.12 16.79 -3.25
N GLY A 78 2.69 17.91 -2.69
CA GLY A 78 3.63 18.88 -2.14
C GLY A 78 4.31 18.39 -0.89
N LEU A 79 3.57 17.66 -0.05
CA LEU A 79 4.11 17.13 1.19
C LEU A 79 5.36 16.31 0.93
N GLY A 80 5.28 15.42 -0.05
CA GLY A 80 6.42 14.57 -0.39
C GLY A 80 6.10 13.09 -0.28
N GLY A 81 4.84 12.75 -0.53
CA GLY A 81 4.42 11.36 -0.45
C GLY A 81 4.40 10.68 -1.80
N ARG A 82 4.26 9.36 -1.80
CA ARG A 82 4.23 8.60 -3.05
C ARG A 82 2.80 8.46 -3.56
N ILE A 83 2.43 9.32 -4.51
CA ILE A 83 1.10 9.29 -5.08
C ILE A 83 1.00 8.28 -6.22
N VAL A 84 0.24 7.22 -6.00
CA VAL A 84 0.06 6.19 -7.01
C VAL A 84 -1.42 5.94 -7.31
N ARG A 85 -1.68 5.26 -8.42
CA ARG A 85 -3.06 4.96 -8.82
C ARG A 85 -3.57 3.71 -8.09
N LYS A 86 -4.89 3.51 -8.16
CA LYS A 86 -5.51 2.36 -7.52
C LYS A 86 -5.04 1.05 -8.17
N GLU A 87 -5.00 1.04 -9.48
CA GLU A 87 -4.57 -0.15 -10.22
C GLU A 87 -3.35 -0.78 -9.56
N TRP A 88 -2.55 0.04 -8.89
CA TRP A 88 -1.35 -0.44 -8.22
C TRP A 88 -1.67 -1.63 -7.32
N VAL A 89 -2.68 -1.47 -6.48
CA VAL A 89 -3.08 -2.53 -5.56
C VAL A 89 -3.71 -3.71 -6.32
N LEU A 90 -4.66 -3.38 -7.20
CA LEU A 90 -5.35 -4.41 -7.98
C LEU A 90 -4.34 -5.32 -8.66
N ASP A 91 -3.48 -4.75 -9.49
CA ASP A 91 -2.47 -5.52 -10.21
C ASP A 91 -1.55 -6.24 -9.23
N CYS A 92 -0.90 -5.47 -8.35
CA CYS A 92 0.01 -6.03 -7.36
C CYS A 92 -0.57 -7.30 -6.75
N HIS A 93 -1.77 -7.19 -6.20
CA HIS A 93 -2.42 -8.34 -5.59
C HIS A 93 -2.54 -9.47 -6.62
N ARG A 94 -3.26 -9.16 -7.69
CA ARG A 94 -3.48 -10.12 -8.77
C ARG A 94 -2.21 -10.94 -9.04
N MET A 95 -1.14 -10.25 -9.40
CA MET A 95 0.13 -10.91 -9.69
C MET A 95 0.84 -11.29 -8.39
N ARG A 96 0.35 -10.77 -7.27
CA ARG A 96 0.95 -11.05 -5.97
C ARG A 96 2.46 -10.82 -6.00
N ARG A 97 2.87 -9.69 -6.56
CA ARG A 97 4.29 -9.37 -6.66
C ARG A 97 4.51 -7.85 -6.57
N ARG A 98 5.74 -7.45 -6.32
CA ARG A 98 6.08 -6.03 -6.21
C ARG A 98 6.22 -5.40 -7.59
N LEU A 99 5.17 -4.72 -8.03
CA LEU A 99 5.17 -4.06 -9.34
C LEU A 99 5.83 -2.70 -9.25
N PRO A 100 6.38 -2.23 -10.38
CA PRO A 100 7.05 -0.93 -10.47
C PRO A 100 6.07 0.23 -10.36
N SER A 101 6.00 0.83 -9.17
CA SER A 101 5.10 1.95 -8.94
C SER A 101 5.40 3.11 -9.89
N GLN A 102 6.67 3.23 -10.27
CA GLN A 102 7.09 4.29 -11.18
C GLN A 102 6.16 4.38 -12.39
N ARG A 103 5.62 3.23 -12.79
CA ARG A 103 4.71 3.18 -13.93
C ARG A 103 3.35 3.77 -13.58
N TYR A 104 2.97 3.66 -12.31
CA TYR A 104 1.70 4.18 -11.83
C TYR A 104 1.88 5.55 -11.19
N LEU A 105 3.12 5.92 -10.91
CA LEU A 105 3.43 7.20 -10.30
C LEU A 105 2.81 8.34 -11.10
N MET A 106 1.76 8.94 -10.55
CA MET A 106 1.08 10.06 -11.20
C MET A 106 1.91 11.33 -11.11
N ALA A 107 2.28 11.71 -9.90
CA ALA A 107 3.07 12.91 -9.68
C ALA A 107 4.35 12.88 -10.51
N GLY A 108 5.02 14.02 -10.60
CA GLY A 108 6.25 14.11 -11.36
C GLY A 108 7.31 13.14 -10.87
N PRO A 109 8.58 13.40 -11.21
CA PRO A 109 9.71 12.56 -10.80
C PRO A 109 9.99 12.65 -9.31
N GLY A 110 9.33 11.82 -8.53
CA GLY A 110 9.52 11.82 -7.09
C GLY A 110 10.46 10.73 -6.63
N SER A 111 10.18 9.50 -7.05
CA SER A 111 11.01 8.36 -6.67
C SER A 111 12.22 8.22 -7.60
N SER A 112 13.24 9.03 -7.35
CA SER A 112 14.45 9.01 -8.17
C SER A 112 15.26 7.75 -7.90
N SER A 113 14.84 6.64 -8.52
CA SER A 113 15.52 5.36 -8.34
C SER A 113 16.01 5.19 -6.91
N GLU A 114 15.17 5.60 -5.96
CA GLU A 114 15.51 5.51 -4.54
C GLU A 114 14.69 4.41 -3.87
N GLU A 115 15.13 3.16 -4.04
CA GLU A 115 14.43 2.02 -3.45
C GLU A 115 14.85 1.82 -1.99
N ASP A 116 13.87 1.80 -1.10
CA ASP A 116 14.15 1.62 0.32
C ASP A 116 15.10 0.46 0.55
N GLU A 117 15.86 0.53 1.64
CA GLU A 117 16.83 -0.52 1.96
C GLU A 117 16.69 -0.95 3.43
N ALA A 118 16.80 0.01 4.34
CA ALA A 118 16.68 -0.27 5.76
C ALA A 118 17.80 -1.18 6.24
N SER A 119 19.03 -0.83 5.89
CA SER A 119 20.19 -1.63 6.28
C SER A 119 21.11 -0.83 7.21
N HIS A 120 21.46 0.38 6.79
CA HIS A 120 22.33 1.22 7.59
C HIS A 120 21.50 1.99 8.62
N SER A 121 20.81 1.22 9.46
CA SER A 121 19.96 1.79 10.50
C SER A 121 19.84 0.84 11.69
N GLY A 122 19.52 1.40 12.86
CA GLY A 122 19.38 0.59 14.06
C GLY A 122 18.07 -0.19 14.08
N GLY A 123 17.94 -1.14 13.16
CA GLY A 123 16.72 -1.94 13.10
C GLY A 123 16.75 -3.11 14.06
N SER A 124 17.26 -4.24 13.59
CA SER A 124 17.34 -5.44 14.42
C SER A 124 15.94 -5.92 14.81
N GLY A 125 15.01 -5.85 13.87
CA GLY A 125 13.64 -6.27 14.14
C GLY A 125 12.73 -5.12 14.49
N PRO A 126 12.31 -5.06 15.77
CA PRO A 126 11.43 -4.00 16.26
C PRO A 126 12.13 -2.64 16.33
N SER A 127 11.42 -1.60 15.91
CA SER A 127 11.98 -0.25 15.92
C SER A 127 11.04 0.72 16.65
N SER A 128 11.59 1.86 17.05
CA SER A 128 10.81 2.87 17.76
C SER A 128 10.43 4.02 16.83
N GLY A 129 11.42 4.53 16.11
CA GLY A 129 11.17 5.63 15.19
C GLY A 129 12.20 5.70 14.08
N GLY A 1 25.98 -11.22 24.34
CA GLY A 1 25.35 -12.53 24.32
C GLY A 1 23.87 -12.44 23.97
N SER A 2 23.26 -13.59 23.69
CA SER A 2 21.85 -13.64 23.35
C SER A 2 21.36 -15.09 23.25
N SER A 3 20.06 -15.26 23.10
CA SER A 3 19.46 -16.59 23.00
C SER A 3 18.12 -16.53 22.28
N GLY A 4 17.67 -17.69 21.81
CA GLY A 4 16.39 -17.75 21.10
C GLY A 4 16.23 -19.04 20.31
N SER A 5 15.05 -19.65 20.41
CA SER A 5 14.77 -20.88 19.71
C SER A 5 13.29 -20.98 19.36
N SER A 6 12.96 -21.90 18.45
CA SER A 6 11.59 -22.09 18.01
C SER A 6 11.46 -23.33 17.13
N GLY A 7 10.24 -23.80 16.94
CA GLY A 7 10.00 -24.97 16.12
C GLY A 7 8.65 -25.59 16.37
N GLU A 8 7.96 -25.97 15.30
CA GLU A 8 6.64 -26.59 15.40
C GLU A 8 6.15 -27.09 14.05
N PRO A 9 5.45 -28.23 14.06
CA PRO A 9 4.93 -28.85 12.84
C PRO A 9 3.79 -28.03 12.23
N ARG A 10 4.03 -27.49 11.04
CA ARG A 10 3.02 -26.69 10.35
C ARG A 10 3.00 -27.02 8.86
N ARG A 11 1.80 -27.23 8.33
CA ARG A 11 1.63 -27.56 6.92
C ARG A 11 1.76 -26.31 6.05
N PRO A 12 2.43 -26.46 4.91
CA PRO A 12 2.64 -25.35 3.96
C PRO A 12 1.34 -24.92 3.27
N ARG A 13 1.09 -23.62 3.26
CA ARG A 13 -0.12 -23.09 2.62
C ARG A 13 0.03 -21.59 2.36
N ALA A 14 -0.78 -21.09 1.43
CA ALA A 14 -0.73 -19.67 1.08
C ALA A 14 -1.74 -18.87 1.91
N GLY A 15 -1.74 -17.56 1.74
CA GLY A 15 -2.64 -16.70 2.48
C GLY A 15 -2.10 -15.31 2.68
N PRO A 16 -2.55 -14.64 3.75
CA PRO A 16 -2.12 -13.27 4.08
C PRO A 16 -0.67 -13.23 4.55
N GLU A 17 -0.03 -14.40 4.59
CA GLU A 17 1.36 -14.48 5.02
C GLU A 17 2.31 -14.11 3.88
N GLU A 18 2.22 -14.84 2.78
CA GLU A 18 3.07 -14.58 1.63
C GLU A 18 2.84 -13.17 1.09
N LEU A 19 1.58 -12.83 0.83
CA LEU A 19 1.22 -11.52 0.32
C LEU A 19 1.68 -10.42 1.28
N GLY A 20 1.56 -10.68 2.56
CA GLY A 20 1.96 -9.70 3.57
C GLY A 20 3.43 -9.34 3.46
N LYS A 21 4.18 -10.12 2.70
CA LYS A 21 5.60 -9.87 2.51
C LYS A 21 5.85 -9.03 1.25
N ILE A 22 4.76 -8.68 0.56
CA ILE A 22 4.87 -7.88 -0.65
C ILE A 22 4.96 -6.39 -0.32
N LEU A 23 3.95 -5.88 0.39
CA LEU A 23 3.92 -4.48 0.77
C LEU A 23 4.12 -4.33 2.28
N GLN A 24 5.05 -5.08 2.83
CA GLN A 24 5.34 -5.01 4.26
C GLN A 24 5.95 -3.68 4.64
N GLY A 25 5.29 -2.96 5.54
CA GLY A 25 5.79 -1.67 5.97
C GLY A 25 5.33 -0.54 5.07
N VAL A 26 4.15 -0.71 4.46
CA VAL A 26 3.60 0.31 3.57
C VAL A 26 2.22 0.76 4.05
N VAL A 27 1.91 2.03 3.80
CA VAL A 27 0.63 2.59 4.21
C VAL A 27 -0.11 3.18 3.01
N VAL A 28 -1.28 2.63 2.72
CA VAL A 28 -2.09 3.10 1.60
C VAL A 28 -3.32 3.84 2.09
N VAL A 29 -3.59 5.00 1.49
CA VAL A 29 -4.75 5.81 1.87
C VAL A 29 -5.79 5.82 0.76
N LEU A 30 -7.01 5.41 1.10
CA LEU A 30 -8.10 5.37 0.13
C LEU A 30 -8.75 6.75 0.00
N SER A 31 -8.66 7.33 -1.20
CA SER A 31 -9.24 8.64 -1.46
C SER A 31 -9.83 8.70 -2.86
N GLY A 32 -11.16 8.68 -2.95
CA GLY A 32 -11.82 8.73 -4.23
C GLY A 32 -12.42 7.40 -4.63
N PHE A 33 -12.91 6.65 -3.64
CA PHE A 33 -13.51 5.35 -3.90
C PHE A 33 -14.89 5.26 -3.27
N GLN A 34 -15.69 4.30 -3.74
CA GLN A 34 -17.04 4.11 -3.22
C GLN A 34 -17.34 2.63 -3.03
N ASN A 35 -17.82 2.27 -1.84
CA ASN A 35 -18.15 0.90 -1.53
C ASN A 35 -19.10 0.31 -2.57
N PRO A 36 -19.03 -1.02 -2.77
CA PRO A 36 -18.09 -1.87 -2.03
C PRO A 36 -16.64 -1.63 -2.44
N PHE A 37 -16.46 -0.96 -3.57
CA PHE A 37 -15.12 -0.66 -4.07
C PHE A 37 -14.16 -0.36 -2.92
N ARG A 38 -14.60 0.50 -2.00
CA ARG A 38 -13.79 0.87 -0.85
C ARG A 38 -13.26 -0.36 -0.13
N SER A 39 -14.15 -1.09 0.53
CA SER A 39 -13.78 -2.29 1.27
C SER A 39 -12.90 -3.20 0.41
N GLU A 40 -13.42 -3.59 -0.75
CA GLU A 40 -12.68 -4.45 -1.66
C GLU A 40 -11.24 -3.96 -1.84
N LEU A 41 -11.10 -2.68 -2.15
CA LEU A 41 -9.78 -2.09 -2.33
C LEU A 41 -8.90 -2.31 -1.12
N ARG A 42 -9.44 -2.01 0.07
CA ARG A 42 -8.69 -2.18 1.31
C ARG A 42 -8.31 -3.64 1.51
N ASP A 43 -9.29 -4.52 1.48
CA ASP A 43 -9.05 -5.95 1.66
C ASP A 43 -7.78 -6.38 0.93
N LYS A 44 -7.75 -6.14 -0.37
CA LYS A 44 -6.59 -6.51 -1.19
C LYS A 44 -5.33 -5.80 -0.69
N ALA A 45 -5.46 -4.52 -0.37
CA ALA A 45 -4.33 -3.75 0.13
C ALA A 45 -3.79 -4.32 1.44
N LEU A 46 -4.69 -4.89 2.23
CA LEU A 46 -4.31 -5.48 3.51
C LEU A 46 -3.50 -6.77 3.31
N GLU A 47 -3.97 -7.60 2.38
CA GLU A 47 -3.29 -8.86 2.08
C GLU A 47 -1.80 -8.63 1.82
N LEU A 48 -1.50 -7.73 0.90
CA LEU A 48 -0.11 -7.43 0.57
C LEU A 48 0.68 -7.05 1.81
N GLY A 49 -0.02 -6.62 2.85
CA GLY A 49 0.63 -6.24 4.09
C GLY A 49 0.72 -4.74 4.27
N ALA A 50 -0.19 -4.02 3.62
CA ALA A 50 -0.22 -2.56 3.71
C ALA A 50 -1.28 -2.09 4.71
N LYS A 51 -1.03 -0.95 5.34
CA LYS A 51 -1.96 -0.40 6.31
C LYS A 51 -2.94 0.56 5.65
N TYR A 52 -4.19 0.56 6.10
CA TYR A 52 -5.22 1.42 5.55
C TYR A 52 -5.57 2.53 6.54
N ARG A 53 -5.28 3.77 6.15
CA ARG A 53 -5.56 4.92 7.00
C ARG A 53 -6.80 5.67 6.49
N PRO A 54 -7.59 6.20 7.44
CA PRO A 54 -8.82 6.93 7.12
C PRO A 54 -8.52 8.29 6.49
N ASP A 55 -7.29 8.77 6.67
CA ASP A 55 -6.89 10.06 6.11
C ASP A 55 -5.37 10.15 6.02
N TRP A 56 -4.88 11.11 5.24
CA TRP A 56 -3.44 11.31 5.07
C TRP A 56 -2.78 11.65 6.40
N THR A 57 -1.89 10.78 6.85
CA THR A 57 -1.18 11.00 8.11
C THR A 57 0.33 10.99 7.90
N ARG A 58 1.07 11.32 8.95
CA ARG A 58 2.52 11.35 8.88
C ARG A 58 3.08 9.95 8.63
N ASP A 59 2.23 8.94 8.79
CA ASP A 59 2.65 7.55 8.58
C ASP A 59 2.28 7.09 7.17
N SER A 60 1.54 7.93 6.46
CA SER A 60 1.12 7.60 5.10
C SER A 60 2.26 7.79 4.10
N THR A 61 2.66 6.71 3.45
CA THR A 61 3.74 6.75 2.48
C THR A 61 3.20 6.93 1.06
N HIS A 62 2.33 6.02 0.65
CA HIS A 62 1.74 6.08 -0.67
C HIS A 62 0.25 6.41 -0.57
N LEU A 63 -0.21 7.24 -1.49
CA LEU A 63 -1.62 7.65 -1.53
C LEU A 63 -2.34 6.98 -2.69
N ILE A 64 -3.35 6.17 -2.37
CA ILE A 64 -4.13 5.48 -3.39
C ILE A 64 -5.19 6.39 -3.98
N CYS A 65 -4.85 7.09 -5.05
CA CYS A 65 -5.78 8.01 -5.71
C CYS A 65 -6.58 7.27 -6.79
N ALA A 66 -7.90 7.39 -6.70
CA ALA A 66 -8.79 6.75 -7.67
C ALA A 66 -8.79 7.50 -8.99
N PHE A 67 -8.57 8.80 -8.93
CA PHE A 67 -8.56 9.63 -10.13
C PHE A 67 -7.96 11.01 -9.83
N ALA A 68 -7.30 11.59 -10.83
CA ALA A 68 -6.69 12.90 -10.67
C ALA A 68 -7.75 13.99 -10.54
N ASN A 69 -7.31 15.25 -10.49
CA ASN A 69 -8.22 16.37 -10.37
C ASN A 69 -9.04 16.28 -9.08
N THR A 70 -8.37 15.89 -7.99
CA THR A 70 -9.03 15.75 -6.70
C THR A 70 -8.38 16.66 -5.65
N PRO A 71 -9.13 16.94 -4.58
CA PRO A 71 -8.64 17.80 -3.49
C PRO A 71 -7.54 17.13 -2.67
N LYS A 72 -7.63 15.80 -2.55
CA LYS A 72 -6.63 15.05 -1.80
C LYS A 72 -5.40 14.76 -2.65
N TYR A 73 -5.60 14.69 -3.96
CA TYR A 73 -4.50 14.42 -4.89
C TYR A 73 -3.47 15.54 -4.84
N SER A 74 -3.94 16.78 -4.81
CA SER A 74 -3.06 17.94 -4.76
C SER A 74 -2.62 18.23 -3.34
N GLN A 75 -3.25 17.55 -2.38
CA GLN A 75 -2.93 17.74 -0.97
C GLN A 75 -1.68 16.96 -0.60
N VAL A 76 -1.49 15.81 -1.23
CA VAL A 76 -0.33 14.97 -0.95
C VAL A 76 0.81 15.27 -1.94
N LEU A 77 0.48 15.97 -3.01
CA LEU A 77 1.47 16.33 -4.02
C LEU A 77 2.43 17.38 -3.49
N GLY A 78 1.90 18.34 -2.73
CA GLY A 78 2.73 19.39 -2.17
C GLY A 78 3.50 18.94 -0.95
N LEU A 79 2.85 18.14 -0.11
CA LEU A 79 3.48 17.63 1.10
C LEU A 79 4.78 16.91 0.79
N GLY A 80 4.74 16.01 -0.18
CA GLY A 80 5.92 15.26 -0.57
C GLY A 80 5.67 13.77 -0.63
N GLY A 81 4.41 13.38 -0.55
CA GLY A 81 4.07 11.96 -0.60
C GLY A 81 4.03 11.42 -2.01
N ARG A 82 4.02 10.10 -2.14
CA ARG A 82 3.99 9.45 -3.43
C ARG A 82 2.55 9.20 -3.88
N ILE A 83 2.12 9.89 -4.93
CA ILE A 83 0.77 9.74 -5.45
C ILE A 83 0.74 8.74 -6.60
N VAL A 84 0.05 7.62 -6.39
CA VAL A 84 -0.08 6.60 -7.41
C VAL A 84 -1.52 6.16 -7.59
N ARG A 85 -1.82 5.56 -8.74
CA ARG A 85 -3.17 5.10 -9.04
C ARG A 85 -3.49 3.82 -8.27
N LYS A 86 -4.71 3.33 -8.43
CA LYS A 86 -5.15 2.12 -7.75
C LYS A 86 -4.61 0.88 -8.47
N GLU A 87 -4.48 0.98 -9.78
CA GLU A 87 -3.99 -0.14 -10.58
C GLU A 87 -2.82 -0.83 -9.90
N TRP A 88 -2.05 -0.07 -9.13
CA TRP A 88 -0.91 -0.60 -8.40
C TRP A 88 -1.33 -1.71 -7.46
N VAL A 89 -2.38 -1.45 -6.68
CA VAL A 89 -2.88 -2.44 -5.73
C VAL A 89 -3.58 -3.59 -6.44
N LEU A 90 -4.57 -3.25 -7.26
CA LEU A 90 -5.32 -4.26 -8.00
C LEU A 90 -4.38 -5.30 -8.62
N ASP A 91 -3.41 -4.83 -9.39
CA ASP A 91 -2.44 -5.71 -10.03
C ASP A 91 -1.58 -6.42 -8.98
N CYS A 92 -1.11 -5.68 -7.99
CA CYS A 92 -0.28 -6.23 -6.93
C CYS A 92 -0.92 -7.48 -6.33
N HIS A 93 -2.20 -7.36 -5.99
CA HIS A 93 -2.92 -8.48 -5.41
C HIS A 93 -3.19 -9.54 -6.49
N ARG A 94 -3.94 -9.12 -7.51
CA ARG A 94 -4.28 -10.00 -8.62
C ARG A 94 -3.09 -10.86 -9.02
N MET A 95 -1.90 -10.28 -8.98
CA MET A 95 -0.68 -11.00 -9.33
C MET A 95 0.04 -11.51 -8.09
N ARG A 96 -0.35 -10.97 -6.93
CA ARG A 96 0.26 -11.38 -5.66
C ARG A 96 1.77 -11.20 -5.71
N ARG A 97 2.21 -10.07 -6.22
CA ARG A 97 3.64 -9.77 -6.33
C ARG A 97 3.92 -8.29 -6.11
N ARG A 98 5.19 -7.91 -6.18
CA ARG A 98 5.59 -6.53 -5.98
C ARG A 98 5.81 -5.84 -7.32
N LEU A 99 5.01 -4.81 -7.60
CA LEU A 99 5.13 -4.07 -8.85
C LEU A 99 5.74 -2.69 -8.61
N PRO A 100 6.46 -2.17 -9.62
CA PRO A 100 7.11 -0.87 -9.54
C PRO A 100 6.10 0.28 -9.55
N SER A 101 5.93 0.93 -8.40
CA SER A 101 5.00 2.04 -8.27
C SER A 101 5.42 3.20 -9.17
N GLN A 102 6.66 3.17 -9.63
CA GLN A 102 7.18 4.23 -10.49
C GLN A 102 6.40 4.29 -11.79
N ARG A 103 5.87 3.15 -12.23
CA ARG A 103 5.10 3.09 -13.46
C ARG A 103 3.69 3.64 -13.25
N TYR A 104 3.18 3.50 -12.03
CA TYR A 104 1.85 3.97 -11.70
C TYR A 104 1.90 5.36 -11.05
N LEU A 105 3.00 6.07 -11.31
CA LEU A 105 3.18 7.42 -10.75
C LEU A 105 2.21 8.40 -11.38
N MET A 106 1.48 9.14 -10.54
CA MET A 106 0.52 10.11 -11.02
C MET A 106 1.21 11.43 -11.37
N ALA A 107 1.87 12.03 -10.39
CA ALA A 107 2.57 13.29 -10.59
C ALA A 107 4.07 13.11 -10.43
N GLY A 108 4.84 14.04 -10.98
CA GLY A 108 6.29 13.97 -10.90
C GLY A 108 6.97 14.18 -12.23
N PRO A 109 8.16 14.81 -12.20
CA PRO A 109 8.93 15.09 -13.41
C PRO A 109 9.52 13.82 -14.03
N GLY A 110 10.01 12.93 -13.18
CA GLY A 110 10.59 11.69 -13.66
C GLY A 110 11.52 11.05 -12.65
N SER A 111 11.72 9.74 -12.77
CA SER A 111 12.58 9.01 -11.86
C SER A 111 13.88 9.76 -11.62
N SER A 112 14.58 10.08 -12.71
CA SER A 112 15.85 10.80 -12.62
C SER A 112 16.69 10.27 -11.47
N SER A 113 16.72 8.95 -11.32
CA SER A 113 17.49 8.33 -10.25
C SER A 113 16.94 8.72 -8.88
N GLU A 114 15.62 8.72 -8.76
CA GLU A 114 14.96 9.09 -7.51
C GLU A 114 14.16 7.92 -6.95
N GLU A 115 14.71 6.72 -7.07
CA GLU A 115 14.03 5.52 -6.59
C GLU A 115 13.98 5.50 -5.07
N ASP A 116 13.25 4.54 -4.52
CA ASP A 116 13.11 4.42 -3.07
C ASP A 116 14.41 3.90 -2.45
N GLU A 117 14.96 4.67 -1.52
CA GLU A 117 16.20 4.30 -0.84
C GLU A 117 15.91 3.55 0.45
N ALA A 118 14.70 3.69 0.95
CA ALA A 118 14.29 3.04 2.19
C ALA A 118 13.38 1.84 1.90
N SER A 119 13.99 0.70 1.58
CA SER A 119 13.24 -0.51 1.28
C SER A 119 13.40 -1.54 2.39
N HIS A 120 12.56 -1.44 3.41
CA HIS A 120 12.62 -2.36 4.52
C HIS A 120 12.13 -3.74 4.07
N SER A 121 12.74 -4.77 4.64
CA SER A 121 12.39 -6.15 4.32
C SER A 121 12.88 -7.10 5.40
N GLY A 122 12.51 -8.38 5.28
CA GLY A 122 12.92 -9.36 6.26
C GLY A 122 11.84 -9.63 7.30
N GLY A 123 11.44 -8.58 8.00
CA GLY A 123 10.42 -8.72 9.02
C GLY A 123 9.05 -8.96 8.44
N SER A 124 8.66 -10.23 8.35
CA SER A 124 7.36 -10.60 7.80
C SER A 124 6.23 -10.18 8.74
N GLY A 125 6.57 -10.01 10.02
CA GLY A 125 5.58 -9.62 11.00
C GLY A 125 5.56 -10.53 12.21
N PRO A 126 5.16 -11.79 11.99
CA PRO A 126 5.09 -12.80 13.06
C PRO A 126 6.46 -13.21 13.56
N SER A 127 6.78 -12.84 14.79
CA SER A 127 8.06 -13.17 15.40
C SER A 127 9.20 -12.97 14.38
N SER A 128 9.17 -11.84 13.69
CA SER A 128 10.18 -11.53 12.70
C SER A 128 10.77 -10.14 12.94
N GLY A 129 9.91 -9.20 13.35
CA GLY A 129 10.36 -7.85 13.60
C GLY A 129 9.93 -7.35 14.97
N GLY A 1 6.66 0.84 21.90
CA GLY A 1 6.24 -0.42 21.32
C GLY A 1 7.18 -0.90 20.23
N SER A 2 8.48 -0.86 20.50
CA SER A 2 9.48 -1.28 19.53
C SER A 2 10.62 -2.03 20.21
N SER A 3 10.93 -3.22 19.69
CA SER A 3 11.99 -4.04 20.25
C SER A 3 12.54 -5.01 19.21
N GLY A 4 13.84 -5.31 19.31
CA GLY A 4 14.47 -6.21 18.36
C GLY A 4 14.11 -7.67 18.62
N SER A 5 13.68 -8.36 17.59
CA SER A 5 13.31 -9.77 17.71
C SER A 5 13.11 -10.41 16.34
N SER A 6 13.65 -11.61 16.17
CA SER A 6 13.55 -12.32 14.90
C SER A 6 13.20 -13.79 15.13
N GLY A 7 12.90 -14.50 14.05
CA GLY A 7 12.55 -15.90 14.16
C GLY A 7 11.06 -16.15 14.00
N GLU A 8 10.65 -16.48 12.78
CA GLU A 8 9.24 -16.74 12.49
C GLU A 8 9.07 -18.02 11.69
N PRO A 9 7.96 -18.73 11.93
CA PRO A 9 7.66 -19.99 11.25
C PRO A 9 7.31 -19.77 9.78
N ARG A 10 7.43 -20.84 8.99
CA ARG A 10 7.13 -20.77 7.57
C ARG A 10 6.04 -21.76 7.19
N ARG A 11 5.27 -21.43 6.16
CA ARG A 11 4.19 -22.30 5.70
C ARG A 11 4.00 -22.17 4.20
N PRO A 12 3.80 -23.31 3.52
CA PRO A 12 3.61 -23.35 2.07
C PRO A 12 2.25 -22.77 1.65
N ARG A 13 1.19 -23.25 2.30
CA ARG A 13 -0.15 -22.77 2.00
C ARG A 13 -0.17 -21.26 1.81
N ALA A 14 -0.97 -20.79 0.87
CA ALA A 14 -1.08 -19.36 0.59
C ALA A 14 -2.03 -18.68 1.57
N GLY A 15 -1.48 -17.78 2.38
CA GLY A 15 -2.28 -17.07 3.36
C GLY A 15 -1.97 -15.59 3.40
N PRO A 16 -2.30 -14.95 4.54
CA PRO A 16 -2.05 -13.52 4.74
C PRO A 16 -0.57 -13.20 4.88
N GLU A 17 0.26 -14.23 4.76
CA GLU A 17 1.71 -14.05 4.88
C GLU A 17 2.33 -13.80 3.51
N GLU A 18 1.90 -14.58 2.52
CA GLU A 18 2.42 -14.44 1.16
C GLU A 18 2.25 -13.02 0.65
N LEU A 19 1.04 -12.49 0.80
CA LEU A 19 0.75 -11.13 0.35
C LEU A 19 1.40 -10.09 1.28
N GLY A 20 1.29 -10.34 2.58
CA GLY A 20 1.88 -9.42 3.54
C GLY A 20 3.37 -9.25 3.36
N LYS A 21 3.98 -10.18 2.63
CA LYS A 21 5.42 -10.13 2.37
C LYS A 21 5.73 -9.28 1.15
N ILE A 22 4.68 -8.80 0.49
CA ILE A 22 4.84 -7.97 -0.70
C ILE A 22 4.97 -6.50 -0.32
N LEU A 23 3.99 -5.97 0.40
CA LEU A 23 4.01 -4.58 0.82
C LEU A 23 4.33 -4.46 2.31
N GLN A 24 5.24 -5.32 2.78
CA GLN A 24 5.62 -5.31 4.18
C GLN A 24 6.27 -3.98 4.56
N GLY A 25 5.58 -3.23 5.43
CA GLY A 25 6.11 -1.94 5.86
C GLY A 25 5.64 -0.81 4.97
N VAL A 26 4.45 -0.96 4.38
CA VAL A 26 3.89 0.06 3.50
C VAL A 26 2.56 0.56 4.04
N VAL A 27 2.23 1.80 3.68
CA VAL A 27 0.98 2.41 4.12
C VAL A 27 0.25 3.07 2.96
N VAL A 28 -1.02 2.73 2.78
CA VAL A 28 -1.83 3.29 1.71
C VAL A 28 -3.01 4.07 2.26
N VAL A 29 -3.49 5.04 1.48
CA VAL A 29 -4.62 5.86 1.89
C VAL A 29 -5.73 5.84 0.84
N LEU A 30 -6.95 5.57 1.29
CA LEU A 30 -8.09 5.52 0.38
C LEU A 30 -8.66 6.92 0.14
N SER A 31 -8.82 7.28 -1.13
CA SER A 31 -9.35 8.59 -1.49
C SER A 31 -10.17 8.50 -2.78
N GLY A 32 -11.40 8.99 -2.73
CA GLY A 32 -12.27 8.97 -3.90
C GLY A 32 -12.78 7.58 -4.21
N PHE A 33 -13.19 6.86 -3.18
CA PHE A 33 -13.71 5.50 -3.35
C PHE A 33 -15.06 5.34 -2.66
N GLN A 34 -15.87 4.43 -3.17
CA GLN A 34 -17.19 4.17 -2.60
C GLN A 34 -17.50 2.68 -2.57
N ASN A 35 -18.18 2.24 -1.52
CA ASN A 35 -18.53 0.84 -1.37
C ASN A 35 -19.53 0.42 -2.45
N PRO A 36 -19.63 -0.90 -2.69
CA PRO A 36 -18.83 -1.89 -1.95
C PRO A 36 -17.37 -1.84 -2.32
N PHE A 37 -17.09 -1.51 -3.58
CA PHE A 37 -15.71 -1.42 -4.07
C PHE A 37 -14.79 -0.89 -2.98
N ARG A 38 -15.14 0.26 -2.42
CA ARG A 38 -14.34 0.88 -1.37
C ARG A 38 -13.74 -0.17 -0.44
N SER A 39 -14.59 -1.09 0.03
CA SER A 39 -14.14 -2.15 0.93
C SER A 39 -13.34 -3.20 0.17
N GLU A 40 -13.74 -3.47 -1.07
CA GLU A 40 -13.06 -4.45 -1.90
C GLU A 40 -11.57 -4.13 -2.01
N LEU A 41 -11.27 -2.89 -2.38
CA LEU A 41 -9.89 -2.45 -2.53
C LEU A 41 -9.13 -2.57 -1.20
N ARG A 42 -9.61 -1.84 -0.19
CA ARG A 42 -8.99 -1.87 1.12
C ARG A 42 -8.54 -3.28 1.49
N ASP A 43 -9.50 -4.20 1.52
CA ASP A 43 -9.21 -5.59 1.86
C ASP A 43 -8.00 -6.10 1.08
N LYS A 44 -8.01 -5.89 -0.24
CA LYS A 44 -6.92 -6.32 -1.09
C LYS A 44 -5.60 -5.66 -0.68
N ALA A 45 -5.65 -4.34 -0.49
CA ALA A 45 -4.46 -3.59 -0.09
C ALA A 45 -3.89 -4.13 1.22
N LEU A 46 -4.77 -4.52 2.14
CA LEU A 46 -4.35 -5.06 3.43
C LEU A 46 -3.56 -6.35 3.25
N GLU A 47 -4.06 -7.23 2.40
CA GLU A 47 -3.41 -8.51 2.14
C GLU A 47 -1.92 -8.31 1.86
N LEU A 48 -1.62 -7.44 0.89
CA LEU A 48 -0.24 -7.16 0.52
C LEU A 48 0.59 -6.82 1.75
N GLY A 49 -0.08 -6.45 2.83
CA GLY A 49 0.60 -6.11 4.07
C GLY A 49 0.70 -4.61 4.27
N ALA A 50 -0.16 -3.86 3.59
CA ALA A 50 -0.17 -2.41 3.70
C ALA A 50 -1.22 -1.94 4.70
N LYS A 51 -0.90 -0.87 5.43
CA LYS A 51 -1.81 -0.32 6.42
C LYS A 51 -2.80 0.64 5.77
N TYR A 52 -4.06 0.58 6.20
CA TYR A 52 -5.10 1.45 5.66
C TYR A 52 -5.37 2.61 6.61
N ARG A 53 -5.14 3.83 6.12
CA ARG A 53 -5.37 5.03 6.93
C ARG A 53 -6.60 5.78 6.43
N PRO A 54 -7.35 6.38 7.37
CA PRO A 54 -8.56 7.14 7.05
C PRO A 54 -8.24 8.46 6.34
N ASP A 55 -6.96 8.83 6.33
CA ASP A 55 -6.53 10.05 5.69
C ASP A 55 -5.01 10.10 5.56
N TRP A 56 -4.50 11.09 4.85
CA TRP A 56 -3.07 11.25 4.66
C TRP A 56 -2.38 11.58 5.98
N THR A 57 -1.55 10.65 6.46
CA THR A 57 -0.83 10.85 7.71
C THR A 57 0.68 10.84 7.47
N ARG A 58 1.43 11.21 8.51
CA ARG A 58 2.88 11.26 8.41
C ARG A 58 3.45 9.85 8.25
N ASP A 59 2.65 8.85 8.54
CA ASP A 59 3.07 7.45 8.44
C ASP A 59 2.71 6.89 7.07
N SER A 60 2.03 7.70 6.26
CA SER A 60 1.63 7.28 4.92
C SER A 60 2.77 7.46 3.92
N THR A 61 3.07 6.40 3.18
CA THR A 61 4.14 6.44 2.19
C THR A 61 3.57 6.53 0.77
N HIS A 62 2.44 5.87 0.56
CA HIS A 62 1.80 5.89 -0.75
C HIS A 62 0.33 6.25 -0.60
N LEU A 63 -0.22 6.84 -1.66
CA LEU A 63 -1.61 7.24 -1.68
C LEU A 63 -2.37 6.55 -2.82
N ILE A 64 -3.58 6.09 -2.53
CA ILE A 64 -4.40 5.42 -3.52
C ILE A 64 -5.52 6.33 -4.02
N CYS A 65 -5.27 6.99 -5.14
CA CYS A 65 -6.26 7.89 -5.72
C CYS A 65 -7.00 7.22 -6.88
N ALA A 66 -8.32 7.32 -6.87
CA ALA A 66 -9.14 6.72 -7.91
C ALA A 66 -8.94 7.44 -9.25
N PHE A 67 -8.69 8.74 -9.18
CA PHE A 67 -8.49 9.55 -10.38
C PHE A 67 -7.91 10.91 -10.02
N ALA A 68 -7.31 11.57 -11.01
CA ALA A 68 -6.72 12.89 -10.81
C ALA A 68 -7.80 13.95 -10.63
N ASN A 69 -7.38 15.20 -10.47
CA ASN A 69 -8.31 16.31 -10.29
C ASN A 69 -9.11 16.14 -9.00
N THR A 70 -8.43 15.72 -7.94
CA THR A 70 -9.09 15.53 -6.65
C THR A 70 -8.44 16.39 -5.57
N PRO A 71 -9.19 16.63 -4.49
CA PRO A 71 -8.71 17.44 -3.35
C PRO A 71 -7.61 16.73 -2.57
N LYS A 72 -7.54 15.41 -2.72
CA LYS A 72 -6.53 14.61 -2.02
C LYS A 72 -5.31 14.39 -2.89
N TYR A 73 -5.49 14.53 -4.20
CA TYR A 73 -4.39 14.34 -5.15
C TYR A 73 -3.46 15.54 -5.15
N SER A 74 -4.04 16.74 -5.12
CA SER A 74 -3.26 17.97 -5.12
C SER A 74 -2.72 18.27 -3.73
N GLN A 75 -3.36 17.69 -2.71
CA GLN A 75 -2.94 17.89 -1.33
C GLN A 75 -1.66 17.13 -1.04
N VAL A 76 -1.65 15.85 -1.39
CA VAL A 76 -0.48 15.01 -1.17
C VAL A 76 0.60 15.26 -2.21
N LEU A 77 0.23 15.95 -3.29
CA LEU A 77 1.17 16.27 -4.35
C LEU A 77 2.13 17.37 -3.92
N GLY A 78 1.63 18.29 -3.10
CA GLY A 78 2.46 19.39 -2.63
C GLY A 78 3.33 18.98 -1.46
N LEU A 79 2.87 18.03 -0.67
CA LEU A 79 3.62 17.56 0.48
C LEU A 79 4.91 16.87 0.05
N GLY A 80 4.80 15.98 -0.93
CA GLY A 80 5.97 15.27 -1.42
C GLY A 80 5.81 13.76 -1.31
N GLY A 81 4.57 13.30 -1.15
CA GLY A 81 4.33 11.87 -1.03
C GLY A 81 4.25 11.19 -2.38
N ARG A 82 4.24 9.86 -2.36
CA ARG A 82 4.17 9.07 -3.59
C ARG A 82 2.72 8.84 -4.01
N ILE A 83 2.24 9.64 -4.95
CA ILE A 83 0.88 9.52 -5.43
C ILE A 83 0.78 8.51 -6.58
N VAL A 84 -0.01 7.46 -6.38
CA VAL A 84 -0.19 6.44 -7.40
C VAL A 84 -1.65 6.04 -7.54
N ARG A 85 -2.04 5.64 -8.74
CA ARG A 85 -3.42 5.24 -9.01
C ARG A 85 -3.82 4.07 -8.12
N LYS A 86 -5.05 3.57 -8.31
CA LYS A 86 -5.55 2.46 -7.53
C LYS A 86 -5.20 1.13 -8.18
N GLU A 87 -4.67 1.20 -9.39
CA GLU A 87 -4.28 -0.01 -10.13
C GLU A 87 -3.09 -0.69 -9.46
N TRP A 88 -2.11 0.11 -9.06
CA TRP A 88 -0.92 -0.41 -8.41
C TRP A 88 -1.25 -1.60 -7.52
N VAL A 89 -1.92 -1.33 -6.40
CA VAL A 89 -2.30 -2.37 -5.46
C VAL A 89 -2.94 -3.55 -6.18
N LEU A 90 -4.11 -3.30 -6.77
CA LEU A 90 -4.84 -4.35 -7.49
C LEU A 90 -3.86 -5.29 -8.21
N ASP A 91 -3.05 -4.72 -9.10
CA ASP A 91 -2.08 -5.51 -9.85
C ASP A 91 -1.21 -6.33 -8.91
N CYS A 92 -0.77 -5.71 -7.81
CA CYS A 92 0.07 -6.39 -6.83
C CYS A 92 -0.63 -7.62 -6.27
N HIS A 93 -1.91 -7.48 -5.97
CA HIS A 93 -2.68 -8.58 -5.43
C HIS A 93 -2.92 -9.63 -6.52
N ARG A 94 -3.14 -9.14 -7.72
CA ARG A 94 -3.39 -10.01 -8.87
C ARG A 94 -2.21 -10.93 -9.11
N MET A 95 -1.02 -10.35 -9.22
CA MET A 95 0.19 -11.12 -9.45
C MET A 95 0.84 -11.54 -8.12
N ARG A 96 0.25 -11.08 -7.02
CA ARG A 96 0.76 -11.41 -5.70
C ARG A 96 2.28 -11.22 -5.63
N ARG A 97 2.76 -10.11 -6.20
CA ARG A 97 4.19 -9.81 -6.21
C ARG A 97 4.43 -8.31 -6.12
N ARG A 98 5.61 -7.93 -5.64
CA ARG A 98 5.98 -6.53 -5.51
C ARG A 98 6.16 -5.88 -6.88
N LEU A 99 5.27 -4.95 -7.21
CA LEU A 99 5.33 -4.25 -8.49
C LEU A 99 5.85 -2.83 -8.30
N PRO A 100 6.53 -2.31 -9.35
CA PRO A 100 7.09 -0.96 -9.33
C PRO A 100 6.01 0.12 -9.36
N SER A 101 5.99 0.97 -8.34
CA SER A 101 5.00 2.05 -8.26
C SER A 101 5.40 3.22 -9.13
N GLN A 102 6.65 3.21 -9.61
CA GLN A 102 7.16 4.27 -10.45
C GLN A 102 6.40 4.34 -11.77
N ARG A 103 5.87 3.20 -12.19
CA ARG A 103 5.12 3.12 -13.45
C ARG A 103 3.68 3.57 -13.23
N TYR A 104 3.25 3.58 -11.98
CA TYR A 104 1.88 3.97 -11.64
C TYR A 104 1.85 5.41 -11.14
N LEU A 105 3.00 6.07 -11.16
CA LEU A 105 3.10 7.45 -10.71
C LEU A 105 2.03 8.32 -11.36
N MET A 106 1.33 9.10 -10.55
CA MET A 106 0.28 9.98 -11.06
C MET A 106 0.86 11.33 -11.48
N ALA A 107 1.53 11.99 -10.55
CA ALA A 107 2.14 13.29 -10.81
C ALA A 107 3.66 13.19 -10.86
N GLY A 108 4.32 14.32 -11.10
CA GLY A 108 5.76 14.34 -11.17
C GLY A 108 6.29 13.71 -12.45
N PRO A 109 7.39 14.27 -12.98
CA PRO A 109 8.02 13.77 -14.20
C PRO A 109 8.69 12.42 -13.99
N GLY A 110 9.48 12.30 -12.93
CA GLY A 110 10.16 11.06 -12.64
C GLY A 110 10.91 11.09 -11.33
N SER A 111 10.92 9.97 -10.62
CA SER A 111 11.60 9.88 -9.33
C SER A 111 13.08 10.24 -9.48
N SER A 112 13.36 11.54 -9.53
CA SER A 112 14.74 12.01 -9.66
C SER A 112 15.21 12.71 -8.39
N SER A 113 14.37 13.61 -7.89
CA SER A 113 14.70 14.36 -6.68
C SER A 113 15.35 13.46 -5.65
N GLU A 114 14.68 12.37 -5.31
CA GLU A 114 15.20 11.42 -4.33
C GLU A 114 15.39 10.04 -4.95
N GLU A 115 16.58 9.80 -5.50
CA GLU A 115 16.89 8.52 -6.13
C GLU A 115 17.21 7.46 -5.07
N ASP A 116 16.87 6.21 -5.38
CA ASP A 116 17.11 5.10 -4.47
C ASP A 116 18.43 4.42 -4.79
N GLU A 117 19.05 3.81 -3.78
CA GLU A 117 20.31 3.12 -3.96
C GLU A 117 20.10 1.73 -4.55
N ALA A 118 18.98 1.11 -4.19
CA ALA A 118 18.66 -0.22 -4.69
C ALA A 118 17.25 -0.64 -4.27
N SER A 119 16.51 -1.24 -5.20
CA SER A 119 15.15 -1.69 -4.92
C SER A 119 15.10 -2.49 -3.64
N HIS A 120 16.23 -3.02 -3.22
CA HIS A 120 16.30 -3.82 -2.01
C HIS A 120 16.92 -2.98 -0.88
N SER A 121 16.03 -2.46 -0.03
CA SER A 121 16.45 -1.64 1.09
C SER A 121 17.25 -2.46 2.11
N GLY A 122 18.56 -2.50 1.92
CA GLY A 122 19.42 -3.25 2.82
C GLY A 122 20.52 -2.41 3.43
N GLY A 123 20.62 -2.44 4.75
CA GLY A 123 21.64 -1.65 5.44
C GLY A 123 21.75 -2.00 6.91
N SER A 124 20.64 -1.92 7.61
CA SER A 124 20.62 -2.23 9.04
C SER A 124 20.94 -3.71 9.29
N GLY A 125 20.14 -4.59 8.69
CA GLY A 125 20.35 -6.01 8.85
C GLY A 125 19.11 -6.82 8.58
N PRO A 126 19.08 -8.07 9.07
CA PRO A 126 17.94 -8.97 8.89
C PRO A 126 16.71 -8.52 9.69
N SER A 127 15.54 -8.57 9.05
CA SER A 127 14.31 -8.17 9.69
C SER A 127 13.19 -9.17 9.40
N SER A 128 12.56 -9.67 10.45
CA SER A 128 11.48 -10.64 10.30
C SER A 128 10.13 -10.01 10.64
N GLY A 129 9.07 -10.47 9.98
CA GLY A 129 7.75 -9.95 10.23
C GLY A 129 7.38 -8.82 9.28
N GLY A 1 27.67 -23.43 16.30
CA GLY A 1 27.52 -23.48 17.75
C GLY A 1 26.40 -24.40 18.18
N SER A 2 25.20 -23.85 18.34
CA SER A 2 24.04 -24.63 18.76
C SER A 2 22.74 -23.96 18.32
N SER A 3 21.80 -24.75 17.85
CA SER A 3 20.51 -24.24 17.39
C SER A 3 19.37 -25.15 17.84
N GLY A 4 18.14 -24.68 17.68
CA GLY A 4 16.98 -25.46 18.06
C GLY A 4 15.68 -24.80 17.67
N SER A 5 15.26 -24.99 16.42
CA SER A 5 14.03 -24.40 15.92
C SER A 5 13.62 -25.03 14.60
N SER A 6 12.44 -25.65 14.58
CA SER A 6 11.94 -26.29 13.37
C SER A 6 10.46 -25.98 13.17
N GLY A 7 10.05 -25.84 11.92
CA GLY A 7 8.66 -25.56 11.61
C GLY A 7 8.52 -24.50 10.54
N GLU A 8 8.08 -24.91 9.36
CA GLU A 8 7.90 -23.98 8.24
C GLU A 8 6.47 -24.05 7.70
N PRO A 9 5.96 -22.91 7.23
CA PRO A 9 4.61 -22.82 6.67
C PRO A 9 4.48 -23.54 5.33
N ARG A 10 4.28 -24.85 5.38
CA ARG A 10 4.14 -25.66 4.18
C ARG A 10 2.68 -25.77 3.76
N ARG A 11 1.88 -24.76 4.12
CA ARG A 11 0.46 -24.76 3.80
C ARG A 11 0.25 -25.02 2.30
N PRO A 12 -0.77 -25.82 1.98
CA PRO A 12 -1.11 -26.16 0.59
C PRO A 12 -1.66 -24.97 -0.18
N ARG A 13 -2.66 -24.31 0.41
CA ARG A 13 -3.28 -23.16 -0.23
C ARG A 13 -2.71 -21.86 0.31
N ALA A 14 -2.30 -20.97 -0.59
CA ALA A 14 -1.72 -19.69 -0.21
C ALA A 14 -2.75 -18.82 0.50
N GLY A 15 -2.28 -17.96 1.40
CA GLY A 15 -3.17 -17.09 2.14
C GLY A 15 -2.67 -15.66 2.19
N PRO A 16 -3.16 -14.89 3.17
CA PRO A 16 -2.77 -13.49 3.36
C PRO A 16 -1.32 -13.34 3.82
N GLU A 17 -0.62 -14.47 3.94
CA GLU A 17 0.77 -14.46 4.37
C GLU A 17 1.70 -14.17 3.20
N GLU A 18 1.56 -14.95 2.13
CA GLU A 18 2.40 -14.78 0.95
C GLU A 18 2.34 -13.33 0.46
N LEU A 19 1.18 -12.71 0.60
CA LEU A 19 0.98 -11.33 0.17
C LEU A 19 1.51 -10.36 1.22
N GLY A 20 1.44 -10.76 2.49
CA GLY A 20 1.91 -9.91 3.56
C GLY A 20 3.40 -9.61 3.45
N LYS A 21 4.07 -10.28 2.53
CA LYS A 21 5.50 -10.09 2.33
C LYS A 21 5.77 -9.23 1.10
N ILE A 22 4.70 -8.72 0.49
CA ILE A 22 4.82 -7.89 -0.70
C ILE A 22 4.93 -6.41 -0.32
N LEU A 23 3.92 -5.91 0.38
CA LEU A 23 3.91 -4.51 0.82
C LEU A 23 4.14 -4.40 2.32
N GLN A 24 5.11 -5.17 2.81
CA GLN A 24 5.44 -5.16 4.24
C GLN A 24 6.11 -3.84 4.63
N GLY A 25 5.43 -3.05 5.44
CA GLY A 25 5.97 -1.78 5.87
C GLY A 25 5.50 -0.62 5.01
N VAL A 26 4.33 -0.78 4.40
CA VAL A 26 3.78 0.26 3.54
C VAL A 26 2.45 0.77 4.10
N VAL A 27 2.18 2.05 3.87
CA VAL A 27 0.94 2.67 4.35
C VAL A 27 0.17 3.31 3.21
N VAL A 28 -0.95 2.70 2.83
CA VAL A 28 -1.78 3.21 1.75
C VAL A 28 -3.02 3.90 2.30
N VAL A 29 -3.55 4.85 1.51
CA VAL A 29 -4.74 5.59 1.92
C VAL A 29 -5.78 5.61 0.81
N LEU A 30 -7.00 5.22 1.13
CA LEU A 30 -8.08 5.19 0.16
C LEU A 30 -8.70 6.57 -0.01
N SER A 31 -8.77 7.04 -1.24
CA SER A 31 -9.34 8.36 -1.54
C SER A 31 -9.94 8.39 -2.93
N GLY A 32 -11.22 8.75 -3.02
CA GLY A 32 -11.90 8.82 -4.30
C GLY A 32 -12.56 7.51 -4.68
N PHE A 33 -12.95 6.74 -3.66
CA PHE A 33 -13.60 5.45 -3.88
C PHE A 33 -14.98 5.42 -3.24
N GLN A 34 -15.82 4.48 -3.68
CA GLN A 34 -17.16 4.34 -3.14
C GLN A 34 -17.49 2.87 -2.87
N ASN A 35 -17.82 2.57 -1.62
CA ASN A 35 -18.15 1.20 -1.23
C ASN A 35 -19.21 0.62 -2.16
N PRO A 36 -19.22 -0.73 -2.27
CA PRO A 36 -18.28 -1.59 -1.55
C PRO A 36 -16.85 -1.46 -2.08
N PHE A 37 -16.72 -0.86 -3.26
CA PHE A 37 -15.41 -0.68 -3.88
C PHE A 37 -14.35 -0.38 -2.82
N ARG A 38 -14.50 0.74 -2.13
CA ARG A 38 -13.57 1.14 -1.09
C ARG A 38 -13.21 -0.04 -0.18
N SER A 39 -14.23 -0.79 0.22
CA SER A 39 -14.04 -1.95 1.08
C SER A 39 -13.15 -2.99 0.40
N GLU A 40 -13.58 -3.45 -0.76
CA GLU A 40 -12.83 -4.45 -1.52
C GLU A 40 -11.38 -4.01 -1.69
N LEU A 41 -11.19 -2.83 -2.27
CA LEU A 41 -9.85 -2.30 -2.50
C LEU A 41 -9.00 -2.37 -1.23
N ARG A 42 -9.64 -2.13 -0.10
CA ARG A 42 -8.95 -2.17 1.19
C ARG A 42 -8.53 -3.60 1.54
N ASP A 43 -9.47 -4.53 1.43
CA ASP A 43 -9.20 -5.93 1.74
C ASP A 43 -7.91 -6.39 1.08
N LYS A 44 -7.76 -6.08 -0.21
CA LYS A 44 -6.57 -6.46 -0.96
C LYS A 44 -5.34 -5.70 -0.45
N ALA A 45 -5.51 -4.42 -0.20
CA ALA A 45 -4.42 -3.58 0.30
C ALA A 45 -3.81 -4.17 1.56
N LEU A 46 -4.63 -4.85 2.35
CA LEU A 46 -4.17 -5.47 3.59
C LEU A 46 -3.40 -6.76 3.30
N GLU A 47 -3.95 -7.59 2.41
CA GLU A 47 -3.31 -8.85 2.05
C GLU A 47 -1.85 -8.63 1.71
N LEU A 48 -1.56 -7.55 0.99
CA LEU A 48 -0.20 -7.23 0.59
C LEU A 48 0.65 -6.87 1.80
N GLY A 49 -0.01 -6.40 2.86
CA GLY A 49 0.71 -6.03 4.07
C GLY A 49 0.77 -4.53 4.27
N ALA A 50 -0.07 -3.80 3.54
CA ALA A 50 -0.11 -2.35 3.63
C ALA A 50 -1.13 -1.90 4.67
N LYS A 51 -0.89 -0.74 5.27
CA LYS A 51 -1.79 -0.20 6.28
C LYS A 51 -2.85 0.69 5.65
N TYR A 52 -4.07 0.62 6.18
CA TYR A 52 -5.18 1.40 5.66
C TYR A 52 -5.57 2.50 6.64
N ARG A 53 -5.48 3.75 6.21
CA ARG A 53 -5.83 4.89 7.05
C ARG A 53 -6.99 5.68 6.45
N PRO A 54 -7.87 6.19 7.32
CA PRO A 54 -9.04 6.96 6.90
C PRO A 54 -8.65 8.32 6.33
N ASP A 55 -7.50 8.83 6.75
CA ASP A 55 -7.02 10.13 6.28
C ASP A 55 -5.49 10.13 6.15
N TRP A 56 -4.97 11.09 5.41
CA TRP A 56 -3.54 11.20 5.20
C TRP A 56 -2.80 11.24 6.53
N THR A 57 -2.07 10.17 6.84
CA THR A 57 -1.32 10.09 8.08
C THR A 57 0.14 10.46 7.87
N ARG A 58 0.84 10.80 8.95
CA ARG A 58 2.24 11.17 8.88
C ARG A 58 3.09 9.98 8.45
N ASP A 59 2.55 8.78 8.60
CA ASP A 59 3.25 7.56 8.23
C ASP A 59 2.91 7.14 6.79
N SER A 60 2.01 7.90 6.17
CA SER A 60 1.60 7.60 4.81
C SER A 60 2.79 7.66 3.85
N THR A 61 3.03 6.55 3.15
CA THR A 61 4.14 6.48 2.20
C THR A 61 3.64 6.56 0.76
N HIS A 62 2.44 6.05 0.53
CA HIS A 62 1.86 6.08 -0.80
C HIS A 62 0.34 6.30 -0.70
N LEU A 63 -0.16 7.18 -1.56
CA LEU A 63 -1.57 7.50 -1.59
C LEU A 63 -2.26 6.83 -2.77
N ILE A 64 -3.38 6.16 -2.50
CA ILE A 64 -4.13 5.48 -3.55
C ILE A 64 -5.29 6.33 -4.05
N CYS A 65 -5.02 7.12 -5.09
CA CYS A 65 -6.04 8.00 -5.66
C CYS A 65 -6.81 7.28 -6.76
N ALA A 66 -8.01 7.78 -7.07
CA ALA A 66 -8.83 7.19 -8.11
C ALA A 66 -8.75 8.00 -9.40
N PHE A 67 -8.70 9.32 -9.26
CA PHE A 67 -8.62 10.20 -10.42
C PHE A 67 -8.02 11.55 -10.03
N ALA A 68 -7.26 12.15 -10.95
CA ALA A 68 -6.63 13.44 -10.71
C ALA A 68 -7.67 14.53 -10.53
N ASN A 69 -7.20 15.76 -10.32
CA ASN A 69 -8.11 16.89 -10.13
C ASN A 69 -8.95 16.71 -8.87
N THR A 70 -8.36 16.11 -7.85
CA THR A 70 -9.06 15.87 -6.59
C THR A 70 -8.48 16.74 -5.47
N PRO A 71 -9.28 16.95 -4.41
CA PRO A 71 -8.87 17.75 -3.26
C PRO A 71 -7.79 17.05 -2.43
N LYS A 72 -7.83 15.73 -2.41
CA LYS A 72 -6.86 14.95 -1.65
C LYS A 72 -5.57 14.77 -2.45
N TYR A 73 -5.69 14.81 -3.78
CA TYR A 73 -4.54 14.65 -4.66
C TYR A 73 -3.53 15.78 -4.43
N SER A 74 -3.97 17.01 -4.64
CA SER A 74 -3.11 18.17 -4.46
C SER A 74 -2.57 18.24 -3.05
N GLN A 75 -3.39 17.82 -2.09
CA GLN A 75 -2.99 17.84 -0.68
C GLN A 75 -1.71 17.04 -0.47
N VAL A 76 -1.71 15.80 -0.94
CA VAL A 76 -0.55 14.93 -0.81
C VAL A 76 0.53 15.30 -1.81
N LEU A 77 0.17 16.09 -2.81
CA LEU A 77 1.10 16.51 -3.84
C LEU A 77 2.11 17.52 -3.29
N GLY A 78 1.61 18.57 -2.65
CA GLY A 78 2.47 19.59 -2.08
C GLY A 78 3.24 19.08 -0.87
N LEU A 79 2.59 18.25 -0.06
CA LEU A 79 3.22 17.69 1.12
C LEU A 79 4.50 16.94 0.77
N GLY A 80 4.40 16.04 -0.20
CA GLY A 80 5.55 15.27 -0.63
C GLY A 80 5.28 13.78 -0.66
N GLY A 81 4.00 13.42 -0.55
CA GLY A 81 3.64 12.01 -0.57
C GLY A 81 3.72 11.41 -1.96
N ARG A 82 3.79 10.08 -2.03
CA ARG A 82 3.86 9.39 -3.31
C ARG A 82 2.47 9.08 -3.85
N ILE A 83 2.01 9.90 -4.77
CA ILE A 83 0.68 9.72 -5.37
C ILE A 83 0.75 8.79 -6.56
N VAL A 84 -0.04 7.71 -6.52
CA VAL A 84 -0.07 6.74 -7.60
C VAL A 84 -1.49 6.27 -7.88
N ARG A 85 -1.65 5.51 -8.96
CA ARG A 85 -2.97 5.00 -9.34
C ARG A 85 -3.39 3.85 -8.42
N LYS A 86 -4.61 3.36 -8.61
CA LYS A 86 -5.13 2.26 -7.81
C LYS A 86 -4.68 0.92 -8.38
N GLU A 87 -4.52 0.85 -9.70
CA GLU A 87 -4.10 -0.38 -10.36
C GLU A 87 -2.94 -1.03 -9.60
N TRP A 88 -2.13 -0.20 -8.95
CA TRP A 88 -0.98 -0.70 -8.20
C TRP A 88 -1.39 -1.83 -7.27
N VAL A 89 -2.33 -1.55 -6.38
CA VAL A 89 -2.82 -2.55 -5.44
C VAL A 89 -3.46 -3.72 -6.16
N LEU A 90 -4.48 -3.43 -6.96
CA LEU A 90 -5.20 -4.46 -7.72
C LEU A 90 -4.21 -5.42 -8.37
N ASP A 91 -3.49 -4.92 -9.37
CA ASP A 91 -2.51 -5.73 -10.09
C ASP A 91 -1.58 -6.44 -9.11
N CYS A 92 -1.12 -5.71 -8.10
CA CYS A 92 -0.22 -6.27 -7.11
C CYS A 92 -0.82 -7.52 -6.46
N HIS A 93 -2.10 -7.45 -6.13
CA HIS A 93 -2.78 -8.57 -5.51
C HIS A 93 -3.05 -9.65 -6.56
N ARG A 94 -3.85 -9.26 -7.56
CA ARG A 94 -4.21 -10.17 -8.64
C ARG A 94 -3.01 -11.00 -9.07
N MET A 95 -1.83 -10.39 -9.03
CA MET A 95 -0.60 -11.07 -9.43
C MET A 95 0.19 -11.51 -8.20
N ARG A 96 -0.15 -10.95 -7.04
CA ARG A 96 0.53 -11.29 -5.80
C ARG A 96 2.03 -11.05 -5.92
N ARG A 97 2.40 -9.92 -6.51
CA ARG A 97 3.81 -9.58 -6.69
C ARG A 97 4.05 -8.10 -6.43
N ARG A 98 5.33 -7.71 -6.37
CA ARG A 98 5.68 -6.33 -6.12
C ARG A 98 5.92 -5.58 -7.43
N LEU A 99 4.96 -4.76 -7.83
CA LEU A 99 5.05 -4.00 -9.06
C LEU A 99 5.69 -2.63 -8.81
N PRO A 100 6.42 -2.13 -9.81
CA PRO A 100 7.09 -0.82 -9.71
C PRO A 100 6.10 0.34 -9.71
N SER A 101 5.90 0.93 -8.54
CA SER A 101 4.96 2.06 -8.41
C SER A 101 5.45 3.26 -9.21
N GLN A 102 6.72 3.22 -9.60
CA GLN A 102 7.31 4.31 -10.38
C GLN A 102 6.67 4.41 -11.76
N ARG A 103 5.90 3.39 -12.12
CA ARG A 103 5.23 3.36 -13.42
C ARG A 103 3.81 3.90 -13.30
N TYR A 104 3.31 4.00 -12.07
CA TYR A 104 1.96 4.50 -11.83
C TYR A 104 2.00 5.90 -11.24
N LEU A 105 3.20 6.44 -11.07
CA LEU A 105 3.38 7.77 -10.51
C LEU A 105 2.47 8.78 -11.23
N MET A 106 1.53 9.34 -10.49
CA MET A 106 0.60 10.32 -11.06
C MET A 106 1.20 11.72 -11.01
N ALA A 107 1.66 12.12 -9.83
CA ALA A 107 2.26 13.44 -9.65
C ALA A 107 3.72 13.44 -10.07
N GLY A 108 4.30 14.62 -10.20
CA GLY A 108 5.69 14.74 -10.60
C GLY A 108 5.94 14.24 -12.01
N PRO A 109 6.91 14.86 -12.70
CA PRO A 109 7.26 14.48 -14.08
C PRO A 109 7.94 13.12 -14.15
N GLY A 110 8.58 12.72 -13.06
CA GLY A 110 9.27 11.45 -13.02
C GLY A 110 10.31 11.38 -11.92
N SER A 111 10.04 10.57 -10.90
CA SER A 111 10.97 10.41 -9.78
C SER A 111 12.10 9.46 -10.14
N SER A 112 13.16 10.02 -10.73
CA SER A 112 14.32 9.22 -11.13
C SER A 112 15.48 9.42 -10.16
N SER A 113 15.40 8.77 -9.01
CA SER A 113 16.44 8.88 -7.99
C SER A 113 16.57 10.32 -7.50
N GLU A 114 15.43 10.99 -7.34
CA GLU A 114 15.41 12.37 -6.88
C GLU A 114 14.75 12.47 -5.51
N GLU A 115 15.55 12.42 -4.45
CA GLU A 115 15.04 12.52 -3.09
C GLU A 115 15.26 13.91 -2.52
N ASP A 116 14.62 14.19 -1.39
CA ASP A 116 14.76 15.49 -0.73
C ASP A 116 15.34 15.33 0.66
N GLU A 117 16.03 16.37 1.13
CA GLU A 117 16.65 16.35 2.45
C GLU A 117 15.59 16.48 3.54
N ALA A 118 14.65 17.40 3.35
CA ALA A 118 13.58 17.62 4.30
C ALA A 118 12.53 18.58 3.76
N SER A 119 11.31 18.08 3.59
CA SER A 119 10.21 18.89 3.07
C SER A 119 9.82 19.98 4.07
N HIS A 120 9.63 21.19 3.55
CA HIS A 120 9.24 22.31 4.41
C HIS A 120 7.76 22.63 4.19
N SER A 121 6.94 22.20 5.14
CA SER A 121 5.51 22.44 5.08
C SER A 121 5.16 23.85 5.54
N GLY A 122 5.65 24.21 6.72
CA GLY A 122 5.39 25.54 7.27
C GLY A 122 4.43 25.50 8.44
N GLY A 123 3.17 25.83 8.17
CA GLY A 123 2.17 25.83 9.22
C GLY A 123 1.37 24.56 9.26
N SER A 124 0.46 24.46 10.23
CA SER A 124 -0.38 23.26 10.38
C SER A 124 -1.64 23.58 11.17
N GLY A 125 -2.51 22.58 11.32
CA GLY A 125 -3.74 22.78 12.05
C GLY A 125 -4.86 23.33 11.17
N PRO A 126 -6.10 22.92 11.47
CA PRO A 126 -7.28 23.37 10.71
C PRO A 126 -7.59 24.84 10.95
N SER A 127 -7.37 25.66 9.93
CA SER A 127 -7.63 27.10 10.04
C SER A 127 -8.33 27.61 8.79
N SER A 128 -9.38 28.41 9.00
CA SER A 128 -10.14 28.97 7.88
C SER A 128 -10.32 27.94 6.78
N GLY A 129 -10.61 26.70 7.17
CA GLY A 129 -10.79 25.64 6.19
C GLY A 129 -10.93 24.27 6.84
N GLY A 1 5.03 -8.22 14.06
CA GLY A 1 3.74 -8.62 13.53
C GLY A 1 3.70 -10.09 13.14
N SER A 2 3.14 -10.91 14.02
CA SER A 2 3.05 -12.35 13.77
C SER A 2 2.70 -12.62 12.30
N SER A 3 1.54 -12.12 11.88
CA SER A 3 1.09 -12.31 10.51
C SER A 3 0.89 -13.80 10.20
N GLY A 4 0.33 -14.52 11.16
CA GLY A 4 0.10 -15.95 10.97
C GLY A 4 -1.34 -16.34 11.22
N SER A 5 -2.09 -16.54 10.14
CA SER A 5 -3.50 -16.91 10.25
C SER A 5 -3.70 -18.37 9.84
N SER A 6 -4.78 -18.97 10.32
CA SER A 6 -5.08 -20.36 10.02
C SER A 6 -6.48 -20.49 9.42
N GLY A 7 -6.58 -21.18 8.29
CA GLY A 7 -7.86 -21.36 7.64
C GLY A 7 -8.11 -22.80 7.24
N GLU A 8 -8.47 -23.02 5.98
CA GLU A 8 -8.74 -24.36 5.48
C GLU A 8 -8.26 -24.51 4.04
N PRO A 9 -7.84 -25.73 3.68
CA PRO A 9 -7.37 -26.04 2.33
C PRO A 9 -8.48 -26.00 1.29
N ARG A 10 -8.15 -26.37 0.06
CA ARG A 10 -9.13 -26.39 -1.02
C ARG A 10 -9.58 -24.97 -1.37
N ARG A 11 -8.62 -24.03 -1.37
CA ARG A 11 -8.93 -22.64 -1.68
C ARG A 11 -7.87 -22.05 -2.61
N PRO A 12 -8.28 -21.06 -3.42
CA PRO A 12 -7.39 -20.39 -4.37
C PRO A 12 -6.34 -19.54 -3.68
N ARG A 13 -6.67 -19.06 -2.47
CA ARG A 13 -5.76 -18.22 -1.70
C ARG A 13 -4.63 -19.06 -1.10
N ALA A 14 -3.43 -18.48 -1.07
CA ALA A 14 -2.27 -19.17 -0.52
C ALA A 14 -1.82 -18.53 0.79
N GLY A 15 -2.80 -18.15 1.61
CA GLY A 15 -2.49 -17.53 2.89
C GLY A 15 -1.98 -16.11 2.74
N PRO A 16 -2.32 -15.25 3.72
CA PRO A 16 -1.91 -13.84 3.71
C PRO A 16 -0.42 -13.68 3.94
N GLU A 17 0.28 -14.79 4.12
CA GLU A 17 1.72 -14.77 4.36
C GLU A 17 2.46 -14.19 3.16
N GLU A 18 2.41 -14.90 2.04
CA GLU A 18 3.07 -14.46 0.81
C GLU A 18 2.65 -13.03 0.45
N LEU A 19 1.34 -12.80 0.43
CA LEU A 19 0.80 -11.49 0.10
C LEU A 19 1.30 -10.44 1.07
N GLY A 20 1.23 -10.75 2.37
CA GLY A 20 1.68 -9.81 3.38
C GLY A 20 3.17 -9.51 3.28
N LYS A 21 3.88 -10.34 2.51
CA LYS A 21 5.32 -10.15 2.32
C LYS A 21 5.60 -9.30 1.07
N ILE A 22 4.54 -8.73 0.50
CA ILE A 22 4.68 -7.91 -0.69
C ILE A 22 4.86 -6.44 -0.32
N LEU A 23 3.90 -5.90 0.44
CA LEU A 23 3.95 -4.51 0.86
C LEU A 23 4.26 -4.40 2.35
N GLN A 24 5.07 -5.33 2.85
CA GLN A 24 5.45 -5.34 4.25
C GLN A 24 6.17 -4.05 4.64
N GLY A 25 5.51 -3.23 5.45
CA GLY A 25 6.10 -1.98 5.88
C GLY A 25 5.65 -0.81 5.03
N VAL A 26 4.49 -0.95 4.40
CA VAL A 26 3.94 0.11 3.56
C VAL A 26 2.59 0.59 4.07
N VAL A 27 2.26 1.85 3.78
CA VAL A 27 0.99 2.42 4.21
C VAL A 27 0.28 3.10 3.05
N VAL A 28 -0.98 2.74 2.84
CA VAL A 28 -1.78 3.32 1.77
C VAL A 28 -3.00 4.05 2.32
N VAL A 29 -3.63 4.86 1.47
CA VAL A 29 -4.82 5.61 1.89
C VAL A 29 -5.87 5.62 0.78
N LEU A 30 -7.12 5.41 1.16
CA LEU A 30 -8.22 5.39 0.21
C LEU A 30 -8.79 6.79 0.00
N SER A 31 -8.69 7.29 -1.23
CA SER A 31 -9.19 8.62 -1.55
C SER A 31 -10.05 8.58 -2.82
N GLY A 32 -11.36 8.74 -2.64
CA GLY A 32 -12.27 8.72 -3.77
C GLY A 32 -12.76 7.32 -4.09
N PHE A 33 -13.24 6.61 -3.07
CA PHE A 33 -13.74 5.26 -3.25
C PHE A 33 -15.13 5.10 -2.64
N GLN A 34 -15.88 4.12 -3.12
CA GLN A 34 -17.23 3.88 -2.62
C GLN A 34 -17.52 2.38 -2.56
N ASN A 35 -18.10 1.93 -1.46
CA ASN A 35 -18.43 0.53 -1.27
C ASN A 35 -19.44 0.07 -2.32
N PRO A 36 -19.42 -1.24 -2.61
CA PRO A 36 -18.50 -2.19 -1.98
C PRO A 36 -17.06 -1.98 -2.43
N PHE A 37 -16.88 -1.48 -3.64
CA PHE A 37 -15.56 -1.23 -4.19
C PHE A 37 -14.60 -0.75 -3.09
N ARG A 38 -14.96 0.36 -2.45
CA ARG A 38 -14.14 0.92 -1.38
C ARG A 38 -13.61 -0.19 -0.46
N SER A 39 -14.51 -1.06 -0.01
CA SER A 39 -14.13 -2.16 0.87
C SER A 39 -13.24 -3.17 0.14
N GLU A 40 -13.78 -3.76 -0.93
CA GLU A 40 -13.03 -4.73 -1.71
C GLU A 40 -11.59 -4.27 -1.94
N LEU A 41 -11.43 -2.97 -2.19
CA LEU A 41 -10.10 -2.41 -2.42
C LEU A 41 -9.26 -2.45 -1.16
N ARG A 42 -9.80 -1.90 -0.07
CA ARG A 42 -9.10 -1.88 1.21
C ARG A 42 -8.55 -3.26 1.55
N ASP A 43 -9.40 -4.27 1.43
CA ASP A 43 -9.01 -5.65 1.73
C ASP A 43 -7.70 -6.00 1.03
N LYS A 44 -7.72 -5.97 -0.30
CA LYS A 44 -6.54 -6.28 -1.10
C LYS A 44 -5.31 -5.59 -0.54
N ALA A 45 -5.43 -4.29 -0.27
CA ALA A 45 -4.32 -3.52 0.28
C ALA A 45 -3.79 -4.15 1.57
N LEU A 46 -4.70 -4.56 2.43
CA LEU A 46 -4.33 -5.18 3.70
C LEU A 46 -3.61 -6.50 3.47
N GLU A 47 -4.15 -7.30 2.55
CA GLU A 47 -3.57 -8.60 2.24
C GLU A 47 -2.10 -8.46 1.86
N LEU A 48 -1.80 -7.47 1.02
CA LEU A 48 -0.43 -7.23 0.58
C LEU A 48 0.48 -6.91 1.77
N GLY A 49 -0.13 -6.45 2.86
CA GLY A 49 0.64 -6.12 4.04
C GLY A 49 0.77 -4.63 4.27
N ALA A 50 -0.11 -3.87 3.63
CA ALA A 50 -0.10 -2.41 3.77
C ALA A 50 -1.10 -1.94 4.80
N LYS A 51 -0.83 -0.79 5.41
CA LYS A 51 -1.71 -0.23 6.43
C LYS A 51 -2.70 0.74 5.80
N TYR A 52 -3.95 0.67 6.26
CA TYR A 52 -5.00 1.56 5.76
C TYR A 52 -5.30 2.69 6.74
N ARG A 53 -4.96 3.90 6.34
CA ARG A 53 -5.19 5.07 7.19
C ARG A 53 -6.39 5.87 6.70
N PRO A 54 -7.14 6.46 7.64
CA PRO A 54 -8.32 7.27 7.33
C PRO A 54 -7.96 8.58 6.66
N ASP A 55 -6.82 9.14 7.04
CA ASP A 55 -6.36 10.41 6.47
C ASP A 55 -4.86 10.35 6.16
N TRP A 56 -4.40 11.29 5.35
CA TRP A 56 -3.00 11.35 4.97
C TRP A 56 -2.12 11.66 6.19
N THR A 57 -1.86 10.63 6.99
CA THR A 57 -1.04 10.79 8.19
C THR A 57 0.45 10.71 7.84
N ARG A 58 1.28 11.26 8.73
CA ARG A 58 2.71 11.25 8.52
C ARG A 58 3.23 9.84 8.28
N ASP A 59 2.46 8.85 8.74
CA ASP A 59 2.83 7.45 8.57
C ASP A 59 2.51 6.97 7.16
N SER A 60 1.57 7.64 6.51
CA SER A 60 1.17 7.27 5.16
C SER A 60 2.27 7.61 4.15
N THR A 61 2.66 6.63 3.35
CA THR A 61 3.69 6.83 2.35
C THR A 61 3.09 6.95 0.95
N HIS A 62 2.19 6.05 0.62
CA HIS A 62 1.55 6.09 -0.68
C HIS A 62 0.08 6.50 -0.53
N LEU A 63 -0.42 7.15 -1.57
CA LEU A 63 -1.81 7.62 -1.59
C LEU A 63 -2.58 6.99 -2.73
N ILE A 64 -3.59 6.20 -2.39
CA ILE A 64 -4.41 5.54 -3.41
C ILE A 64 -5.53 6.46 -3.89
N CYS A 65 -5.29 7.13 -5.01
CA CYS A 65 -6.27 8.05 -5.58
C CYS A 65 -7.05 7.37 -6.72
N ALA A 66 -8.33 7.13 -6.48
CA ALA A 66 -9.19 6.49 -7.48
C ALA A 66 -9.07 7.21 -8.82
N PHE A 67 -9.05 8.53 -8.79
CA PHE A 67 -8.96 9.32 -10.01
C PHE A 67 -8.42 10.72 -9.71
N ALA A 68 -7.67 11.28 -10.65
CA ALA A 68 -7.09 12.61 -10.49
C ALA A 68 -8.19 13.66 -10.36
N ASN A 69 -7.77 14.93 -10.24
CA ASN A 69 -8.72 16.03 -10.11
C ASN A 69 -9.43 15.97 -8.76
N THR A 70 -8.74 15.48 -7.74
CA THR A 70 -9.30 15.38 -6.41
C THR A 70 -8.64 16.35 -5.44
N PRO A 71 -9.35 16.70 -4.36
CA PRO A 71 -8.83 17.62 -3.34
C PRO A 71 -7.71 17.00 -2.51
N LYS A 72 -7.61 15.68 -2.57
CA LYS A 72 -6.58 14.96 -1.82
C LYS A 72 -5.36 14.69 -2.69
N TYR A 73 -5.58 14.68 -4.01
CA TYR A 73 -4.49 14.44 -4.96
C TYR A 73 -3.56 15.64 -5.04
N SER A 74 -4.14 16.84 -5.04
CA SER A 74 -3.37 18.06 -5.12
C SER A 74 -2.79 18.43 -3.76
N GLN A 75 -3.36 17.85 -2.71
CA GLN A 75 -2.90 18.13 -1.35
C GLN A 75 -1.64 17.31 -1.03
N VAL A 76 -1.70 16.01 -1.27
CA VAL A 76 -0.57 15.14 -1.02
C VAL A 76 0.54 15.35 -2.03
N LEU A 77 0.20 16.02 -3.13
CA LEU A 77 1.17 16.29 -4.19
C LEU A 77 2.19 17.33 -3.73
N GLY A 78 1.71 18.38 -3.08
CA GLY A 78 2.59 19.43 -2.61
C GLY A 78 3.39 19.01 -1.39
N LEU A 79 2.77 18.22 -0.53
CA LEU A 79 3.43 17.75 0.68
C LEU A 79 4.66 16.92 0.34
N GLY A 80 4.54 16.07 -0.68
CA GLY A 80 5.65 15.24 -1.09
C GLY A 80 5.36 13.76 -0.92
N GLY A 81 4.10 13.38 -1.16
CA GLY A 81 3.73 11.98 -1.02
C GLY A 81 3.71 11.25 -2.34
N ARG A 82 3.76 9.92 -2.30
CA ARG A 82 3.76 9.11 -3.50
C ARG A 82 2.34 8.86 -3.99
N ILE A 83 1.91 9.64 -4.98
CA ILE A 83 0.56 9.50 -5.53
C ILE A 83 0.54 8.50 -6.68
N VAL A 84 -0.09 7.36 -6.44
CA VAL A 84 -0.19 6.31 -7.46
C VAL A 84 -1.64 5.88 -7.66
N ARG A 85 -1.95 5.40 -8.87
CA ARG A 85 -3.29 4.96 -9.20
C ARG A 85 -3.60 3.62 -8.53
N LYS A 86 -4.87 3.39 -8.22
CA LYS A 86 -5.30 2.15 -7.58
C LYS A 86 -4.76 0.94 -8.33
N GLU A 87 -4.50 1.11 -9.62
CA GLU A 87 -3.97 0.02 -10.44
C GLU A 87 -2.82 -0.67 -9.74
N TRP A 88 -1.91 0.11 -9.17
CA TRP A 88 -0.76 -0.44 -8.48
C TRP A 88 -1.18 -1.56 -7.53
N VAL A 89 -2.22 -1.31 -6.74
CA VAL A 89 -2.72 -2.31 -5.80
C VAL A 89 -3.36 -3.48 -6.53
N LEU A 90 -4.39 -3.18 -7.32
CA LEU A 90 -5.09 -4.22 -8.07
C LEU A 90 -4.10 -5.20 -8.72
N ASP A 91 -3.08 -4.64 -9.36
CA ASP A 91 -2.07 -5.46 -10.02
C ASP A 91 -1.25 -6.23 -8.99
N CYS A 92 -0.73 -5.53 -8.00
CA CYS A 92 0.09 -6.15 -6.95
C CYS A 92 -0.60 -7.40 -6.43
N HIS A 93 -1.86 -7.28 -6.05
CA HIS A 93 -2.60 -8.41 -5.51
C HIS A 93 -2.81 -9.45 -6.62
N ARG A 94 -3.33 -8.97 -7.75
CA ARG A 94 -3.59 -9.84 -8.90
C ARG A 94 -2.42 -10.79 -9.12
N MET A 95 -1.23 -10.23 -9.33
CA MET A 95 -0.04 -11.04 -9.57
C MET A 95 0.57 -11.51 -8.24
N ARG A 96 0.09 -10.93 -7.15
CA ARG A 96 0.59 -11.30 -5.81
C ARG A 96 2.10 -11.11 -5.74
N ARG A 97 2.59 -9.99 -6.26
CA ARG A 97 4.01 -9.70 -6.24
C ARG A 97 4.26 -8.20 -6.19
N ARG A 98 5.42 -7.82 -5.68
CA ARG A 98 5.78 -6.41 -5.56
C ARG A 98 6.02 -5.79 -6.93
N LEU A 99 5.28 -4.72 -7.24
CA LEU A 99 5.41 -4.04 -8.52
C LEU A 99 5.99 -2.64 -8.33
N PRO A 100 6.72 -2.16 -9.35
CA PRO A 100 7.33 -0.84 -9.33
C PRO A 100 6.30 0.29 -9.40
N SER A 101 6.16 1.03 -8.31
CA SER A 101 5.21 2.13 -8.25
C SER A 101 5.55 3.20 -9.28
N GLN A 102 6.83 3.32 -9.61
CA GLN A 102 7.29 4.30 -10.59
C GLN A 102 6.46 4.22 -11.87
N ARG A 103 6.03 3.01 -12.21
CA ARG A 103 5.23 2.80 -13.42
C ARG A 103 3.79 3.25 -13.20
N TYR A 104 3.37 3.24 -11.94
CA TYR A 104 2.01 3.64 -11.58
C TYR A 104 2.00 5.00 -10.90
N LEU A 105 2.93 5.86 -11.29
CA LEU A 105 3.03 7.20 -10.71
C LEU A 105 2.04 8.15 -11.37
N MET A 106 1.23 8.82 -10.55
CA MET A 106 0.24 9.76 -11.06
C MET A 106 0.88 11.12 -11.34
N ALA A 107 1.56 11.67 -10.35
CA ALA A 107 2.22 12.96 -10.50
C ALA A 107 3.60 12.95 -9.84
N GLY A 108 4.58 13.53 -10.53
CA GLY A 108 5.93 13.57 -10.02
C GLY A 108 6.97 13.23 -11.07
N PRO A 109 8.20 13.73 -10.87
CA PRO A 109 9.30 13.48 -11.80
C PRO A 109 9.78 12.04 -11.77
N GLY A 110 9.24 11.27 -10.83
CA GLY A 110 9.63 9.87 -10.72
C GLY A 110 9.94 9.47 -9.29
N SER A 111 11.10 8.86 -9.09
CA SER A 111 11.52 8.43 -7.76
C SER A 111 13.01 8.72 -7.53
N SER A 112 13.28 9.53 -6.52
CA SER A 112 14.66 9.90 -6.20
C SER A 112 15.14 9.18 -4.93
N SER A 113 14.36 9.31 -3.86
CA SER A 113 14.69 8.69 -2.59
C SER A 113 13.61 7.69 -2.18
N GLU A 114 13.25 6.80 -3.09
CA GLU A 114 12.23 5.80 -2.82
C GLU A 114 12.84 4.59 -2.11
N GLU A 115 13.82 4.85 -1.25
CA GLU A 115 14.47 3.78 -0.50
C GLU A 115 14.38 4.02 1.00
N ASP A 116 14.78 3.03 1.78
CA ASP A 116 14.74 3.13 3.24
C ASP A 116 16.15 3.18 3.82
N GLU A 117 16.50 4.31 4.41
CA GLU A 117 17.82 4.48 5.01
C GLU A 117 17.86 3.92 6.43
N ALA A 118 16.81 4.20 7.20
CA ALA A 118 16.72 3.73 8.57
C ALA A 118 15.33 3.98 9.15
N SER A 119 14.58 2.90 9.36
CA SER A 119 13.23 3.00 9.90
C SER A 119 13.25 2.92 11.43
N HIS A 120 12.31 3.60 12.06
CA HIS A 120 12.23 3.61 13.52
C HIS A 120 10.97 2.87 13.96
N SER A 121 10.78 2.80 15.28
CA SER A 121 9.63 2.13 15.85
C SER A 121 8.60 3.14 16.34
N GLY A 122 7.53 3.32 15.58
CA GLY A 122 6.49 4.26 15.95
C GLY A 122 5.71 3.81 17.18
N GLY A 123 4.71 2.97 16.97
CA GLY A 123 3.91 2.48 18.07
C GLY A 123 2.42 2.75 17.86
N SER A 124 1.94 2.45 16.66
CA SER A 124 0.53 2.67 16.34
C SER A 124 -0.37 2.08 17.43
N GLY A 125 -0.17 0.80 17.74
CA GLY A 125 -0.97 0.14 18.75
C GLY A 125 -1.64 -1.11 18.23
N PRO A 126 -1.79 -2.11 19.12
CA PRO A 126 -2.43 -3.39 18.76
C PRO A 126 -3.93 -3.23 18.53
N SER A 127 -4.33 -3.24 17.26
CA SER A 127 -5.74 -3.10 16.90
C SER A 127 -6.40 -4.47 16.78
N SER A 128 -6.28 -5.28 17.82
CA SER A 128 -6.86 -6.62 17.83
C SER A 128 -6.48 -7.38 16.57
N GLY A 129 -5.20 -7.30 16.18
CA GLY A 129 -4.74 -7.98 15.00
C GLY A 129 -4.21 -9.37 15.30
N GLY A 1 12.24 -33.95 22.93
CA GLY A 1 10.95 -33.28 22.99
C GLY A 1 10.80 -32.20 21.94
N SER A 2 10.62 -32.61 20.69
CA SER A 2 10.46 -31.68 19.59
C SER A 2 9.05 -31.75 19.00
N SER A 3 8.54 -30.60 18.58
CA SER A 3 7.19 -30.53 18.01
C SER A 3 7.26 -30.29 16.51
N GLY A 4 7.08 -31.35 15.73
CA GLY A 4 7.11 -31.24 14.29
C GLY A 4 5.77 -31.51 13.64
N SER A 5 5.32 -30.59 12.80
CA SER A 5 4.03 -30.73 12.13
C SER A 5 4.03 -29.98 10.81
N SER A 6 3.09 -30.33 9.93
CA SER A 6 2.98 -29.69 8.62
C SER A 6 1.96 -28.57 8.65
N GLY A 7 0.74 -28.89 9.08
CA GLY A 7 -0.31 -27.89 9.15
C GLY A 7 -0.64 -27.29 7.79
N GLU A 8 -1.38 -28.04 6.99
CA GLU A 8 -1.76 -27.57 5.66
C GLU A 8 -3.27 -27.43 5.54
N PRO A 9 -3.78 -26.24 5.88
CA PRO A 9 -5.21 -25.94 5.81
C PRO A 9 -5.73 -25.86 4.39
N ARG A 10 -7.03 -26.12 4.21
CA ARG A 10 -7.63 -26.08 2.89
C ARG A 10 -8.24 -24.70 2.61
N ARG A 11 -7.57 -23.93 1.77
CA ARG A 11 -8.03 -22.59 1.42
C ARG A 11 -7.51 -22.17 0.06
N PRO A 12 -8.37 -21.52 -0.73
CA PRO A 12 -8.02 -21.05 -2.08
C PRO A 12 -7.03 -19.90 -2.05
N ARG A 13 -6.86 -19.29 -0.88
CA ARG A 13 -5.93 -18.17 -0.72
C ARG A 13 -4.51 -18.68 -0.54
N ALA A 14 -3.54 -17.81 -0.82
CA ALA A 14 -2.13 -18.17 -0.68
C ALA A 14 -1.59 -17.74 0.67
N GLY A 15 -2.43 -17.81 1.70
CA GLY A 15 -2.00 -17.41 3.03
C GLY A 15 -1.81 -15.91 3.16
N PRO A 16 -2.12 -15.38 4.35
CA PRO A 16 -1.99 -13.94 4.63
C PRO A 16 -0.53 -13.50 4.69
N GLU A 17 0.38 -14.44 4.51
CA GLU A 17 1.81 -14.15 4.55
C GLU A 17 2.34 -13.85 3.15
N GLU A 18 2.23 -14.83 2.26
CA GLU A 18 2.70 -14.68 0.88
C GLU A 18 2.49 -13.25 0.40
N LEU A 19 1.36 -12.66 0.78
CA LEU A 19 1.04 -11.29 0.38
C LEU A 19 1.70 -10.29 1.31
N GLY A 20 1.65 -10.58 2.61
CA GLY A 20 2.25 -9.69 3.59
C GLY A 20 3.72 -9.44 3.34
N LYS A 21 4.34 -10.33 2.56
CA LYS A 21 5.76 -10.21 2.24
C LYS A 21 5.96 -9.37 0.98
N ILE A 22 4.87 -8.83 0.45
CA ILE A 22 4.93 -8.01 -0.75
C ILE A 22 5.07 -6.53 -0.40
N LEU A 23 4.10 -6.02 0.36
CA LEU A 23 4.11 -4.62 0.76
C LEU A 23 4.37 -4.49 2.26
N GLN A 24 5.30 -5.29 2.77
CA GLN A 24 5.65 -5.26 4.19
C GLN A 24 6.33 -3.94 4.56
N GLY A 25 5.59 -3.07 5.23
CA GLY A 25 6.14 -1.79 5.63
C GLY A 25 5.63 -0.65 4.77
N VAL A 26 4.42 -0.78 4.26
CA VAL A 26 3.81 0.25 3.41
C VAL A 26 2.46 0.67 3.95
N VAL A 27 2.11 1.95 3.75
CA VAL A 27 0.84 2.48 4.21
C VAL A 27 0.11 3.19 3.08
N VAL A 28 -1.04 2.65 2.70
CA VAL A 28 -1.85 3.24 1.64
C VAL A 28 -3.05 3.98 2.20
N VAL A 29 -3.66 4.82 1.37
CA VAL A 29 -4.83 5.59 1.79
C VAL A 29 -5.87 5.65 0.69
N LEU A 30 -7.12 5.37 1.04
CA LEU A 30 -8.22 5.39 0.08
C LEU A 30 -8.82 6.79 -0.04
N SER A 31 -8.72 7.36 -1.23
CA SER A 31 -9.25 8.70 -1.47
C SER A 31 -9.85 8.80 -2.88
N GLY A 32 -11.17 8.96 -2.93
CA GLY A 32 -11.84 9.07 -4.22
C GLY A 32 -12.38 7.73 -4.70
N PHE A 33 -12.83 6.90 -3.76
CA PHE A 33 -13.37 5.59 -4.10
C PHE A 33 -14.77 5.41 -3.51
N GLN A 34 -15.56 4.56 -4.13
CA GLN A 34 -16.92 4.30 -3.66
C GLN A 34 -17.10 2.83 -3.31
N ASN A 35 -18.00 2.55 -2.37
CA ASN A 35 -18.25 1.19 -1.94
C ASN A 35 -19.34 0.54 -2.80
N PRO A 36 -19.43 -0.80 -2.74
CA PRO A 36 -18.53 -1.61 -1.91
C PRO A 36 -17.10 -1.63 -2.44
N PHE A 37 -16.95 -1.42 -3.74
CA PHE A 37 -15.63 -1.41 -4.37
C PHE A 37 -14.57 -0.93 -3.38
N ARG A 38 -14.83 0.20 -2.73
CA ARG A 38 -13.89 0.76 -1.77
C ARG A 38 -13.44 -0.29 -0.77
N SER A 39 -14.39 -0.88 -0.05
CA SER A 39 -14.08 -1.90 0.94
C SER A 39 -13.31 -3.05 0.31
N GLU A 40 -13.67 -3.39 -0.93
CA GLU A 40 -13.00 -4.47 -1.64
C GLU A 40 -11.52 -4.17 -1.85
N LEU A 41 -11.23 -2.92 -2.22
CA LEU A 41 -9.86 -2.49 -2.45
C LEU A 41 -9.02 -2.65 -1.18
N ARG A 42 -9.53 -2.09 -0.07
CA ARG A 42 -8.83 -2.16 1.20
C ARG A 42 -8.35 -3.58 1.48
N ASP A 43 -9.26 -4.54 1.37
CA ASP A 43 -8.93 -5.93 1.62
C ASP A 43 -7.67 -6.34 0.85
N LYS A 44 -7.68 -6.11 -0.46
CA LYS A 44 -6.55 -6.45 -1.31
C LYS A 44 -5.28 -5.76 -0.82
N ALA A 45 -5.41 -4.50 -0.44
CA ALA A 45 -4.26 -3.74 0.06
C ALA A 45 -3.75 -4.31 1.37
N LEU A 46 -4.67 -4.79 2.20
CA LEU A 46 -4.31 -5.37 3.49
C LEU A 46 -3.51 -6.66 3.31
N GLU A 47 -3.98 -7.52 2.42
CA GLU A 47 -3.30 -8.78 2.15
C GLU A 47 -1.81 -8.56 1.90
N LEU A 48 -1.50 -7.68 0.96
CA LEU A 48 -0.11 -7.38 0.62
C LEU A 48 0.68 -6.99 1.86
N GLY A 49 -0.05 -6.68 2.94
CA GLY A 49 0.60 -6.29 4.18
C GLY A 49 0.67 -4.78 4.35
N ALA A 50 -0.07 -4.06 3.53
CA ALA A 50 -0.07 -2.61 3.59
C ALA A 50 -1.02 -2.11 4.68
N LYS A 51 -0.78 -0.89 5.15
CA LYS A 51 -1.61 -0.30 6.20
C LYS A 51 -2.77 0.48 5.60
N TYR A 52 -3.84 0.64 6.37
CA TYR A 52 -5.02 1.38 5.91
C TYR A 52 -5.34 2.53 6.85
N ARG A 53 -5.26 3.75 6.33
CA ARG A 53 -5.53 4.94 7.12
C ARG A 53 -6.70 5.73 6.52
N PRO A 54 -7.53 6.31 7.40
CA PRO A 54 -8.68 7.11 6.99
C PRO A 54 -8.28 8.43 6.33
N ASP A 55 -7.09 8.90 6.65
CA ASP A 55 -6.58 10.15 6.11
C ASP A 55 -5.05 10.11 5.99
N TRP A 56 -4.51 10.96 5.13
CA TRP A 56 -3.07 11.03 4.93
C TRP A 56 -2.36 11.42 6.22
N THR A 57 -1.46 10.54 6.69
CA THR A 57 -0.72 10.79 7.91
C THR A 57 0.78 10.68 7.67
N ARG A 58 1.55 10.89 8.73
CA ARG A 58 3.01 10.81 8.63
C ARG A 58 3.47 9.39 8.32
N ASP A 59 2.56 8.44 8.50
CA ASP A 59 2.86 7.03 8.23
C ASP A 59 2.50 6.66 6.80
N SER A 60 1.69 7.50 6.16
CA SER A 60 1.27 7.26 4.79
C SER A 60 2.43 7.46 3.82
N THR A 61 2.76 6.41 3.08
CA THR A 61 3.85 6.48 2.11
C THR A 61 3.32 6.63 0.70
N HIS A 62 2.23 5.94 0.39
CA HIS A 62 1.64 6.01 -0.93
C HIS A 62 0.14 6.28 -0.79
N LEU A 63 -0.36 7.12 -1.71
CA LEU A 63 -1.76 7.49 -1.73
C LEU A 63 -2.49 6.83 -2.89
N ILE A 64 -3.51 6.04 -2.58
CA ILE A 64 -4.28 5.36 -3.61
C ILE A 64 -5.33 6.29 -4.21
N CYS A 65 -4.95 6.99 -5.28
CA CYS A 65 -5.85 7.91 -5.96
C CYS A 65 -6.54 7.23 -7.14
N ALA A 66 -7.64 7.81 -7.59
CA ALA A 66 -8.39 7.27 -8.71
C ALA A 66 -8.09 8.02 -10.00
N PHE A 67 -7.94 9.34 -9.88
CA PHE A 67 -7.65 10.18 -11.04
C PHE A 67 -7.06 11.52 -10.60
N ALA A 68 -6.28 12.14 -11.49
CA ALA A 68 -5.65 13.42 -11.19
C ALA A 68 -6.71 14.51 -11.02
N ASN A 69 -6.24 15.74 -10.80
CA ASN A 69 -7.15 16.87 -10.61
C ASN A 69 -8.06 16.65 -9.41
N THR A 70 -7.48 16.13 -8.33
CA THR A 70 -8.25 15.86 -7.12
C THR A 70 -7.72 16.68 -5.95
N PRO A 71 -8.56 16.87 -4.92
CA PRO A 71 -8.20 17.63 -3.73
C PRO A 71 -7.18 16.89 -2.86
N LYS A 72 -7.21 15.57 -2.92
CA LYS A 72 -6.29 14.75 -2.14
C LYS A 72 -4.98 14.54 -2.89
N TYR A 73 -5.07 14.56 -4.22
CA TYR A 73 -3.89 14.38 -5.07
C TYR A 73 -2.86 15.46 -4.81
N SER A 74 -3.25 16.72 -5.02
CA SER A 74 -2.36 17.85 -4.81
C SER A 74 -1.81 17.86 -3.39
N GLN A 75 -2.71 17.74 -2.42
CA GLN A 75 -2.31 17.73 -1.01
C GLN A 75 -1.15 16.78 -0.78
N VAL A 76 -1.39 15.50 -1.00
CA VAL A 76 -0.35 14.48 -0.81
C VAL A 76 0.84 14.74 -1.71
N LEU A 77 0.65 15.61 -2.70
CA LEU A 77 1.72 15.95 -3.64
C LEU A 77 2.72 16.91 -3.00
N GLY A 78 2.21 18.04 -2.53
CA GLY A 78 3.08 19.03 -1.90
C GLY A 78 3.67 18.54 -0.59
N LEU A 79 2.90 17.75 0.14
CA LEU A 79 3.35 17.21 1.43
C LEU A 79 4.64 16.43 1.25
N GLY A 80 4.75 15.69 0.15
CA GLY A 80 5.94 14.90 -0.11
C GLY A 80 5.67 13.41 -0.12
N GLY A 81 4.49 13.03 -0.63
CA GLY A 81 4.14 11.63 -0.69
C GLY A 81 4.13 11.09 -2.10
N ARG A 82 3.96 9.77 -2.23
CA ARG A 82 3.94 9.13 -3.54
C ARG A 82 2.51 8.90 -4.01
N ILE A 83 2.03 9.76 -4.90
CA ILE A 83 0.68 9.64 -5.42
C ILE A 83 0.61 8.64 -6.57
N VAL A 84 -0.10 7.54 -6.34
CA VAL A 84 -0.24 6.50 -7.35
C VAL A 84 -1.71 6.20 -7.63
N ARG A 85 -1.96 5.45 -8.70
CA ARG A 85 -3.32 5.10 -9.08
C ARG A 85 -3.82 3.90 -8.26
N LYS A 86 -5.09 3.55 -8.46
CA LYS A 86 -5.68 2.43 -7.74
C LYS A 86 -5.30 1.10 -8.40
N GLU A 87 -4.73 1.17 -9.60
CA GLU A 87 -4.32 -0.02 -10.33
C GLU A 87 -3.11 -0.67 -9.66
N TRP A 88 -2.23 0.16 -9.09
CA TRP A 88 -1.03 -0.34 -8.42
C TRP A 88 -1.38 -1.44 -7.45
N VAL A 89 -2.03 -1.08 -6.35
CA VAL A 89 -2.42 -2.05 -5.33
C VAL A 89 -3.31 -3.14 -5.91
N LEU A 90 -4.35 -2.72 -6.63
CA LEU A 90 -5.28 -3.66 -7.24
C LEU A 90 -4.52 -4.76 -7.99
N ASP A 91 -3.49 -4.36 -8.72
CA ASP A 91 -2.69 -5.31 -9.48
C ASP A 91 -1.79 -6.14 -8.55
N CYS A 92 -0.97 -5.45 -7.77
CA CYS A 92 -0.06 -6.11 -6.84
C CYS A 92 -0.74 -7.33 -6.21
N HIS A 93 -2.00 -7.17 -5.84
CA HIS A 93 -2.75 -8.26 -5.23
C HIS A 93 -3.08 -9.31 -6.29
N ARG A 94 -3.77 -8.86 -7.33
CA ARG A 94 -4.17 -9.75 -8.41
C ARG A 94 -3.03 -10.69 -8.79
N MET A 95 -1.86 -10.13 -9.07
CA MET A 95 -0.70 -10.91 -9.45
C MET A 95 0.02 -11.44 -8.22
N ARG A 96 -0.23 -10.81 -7.07
CA ARG A 96 0.39 -11.21 -5.81
C ARG A 96 1.91 -11.07 -5.90
N ARG A 97 2.37 -9.98 -6.48
CA ARG A 97 3.80 -9.73 -6.63
C ARG A 97 4.12 -8.25 -6.43
N ARG A 98 5.39 -7.93 -6.23
CA ARG A 98 5.82 -6.56 -6.02
C ARG A 98 6.05 -5.86 -7.36
N LEU A 99 5.32 -4.78 -7.58
CA LEU A 99 5.43 -4.00 -8.81
C LEU A 99 6.03 -2.63 -8.55
N PRO A 100 6.71 -2.08 -9.57
CA PRO A 100 7.34 -0.76 -9.47
C PRO A 100 6.32 0.37 -9.40
N SER A 101 6.05 0.85 -8.18
CA SER A 101 5.09 1.93 -7.99
C SER A 101 5.37 3.10 -8.93
N GLN A 102 6.64 3.26 -9.29
CA GLN A 102 7.05 4.34 -10.18
C GLN A 102 6.23 4.32 -11.47
N ARG A 103 6.02 3.12 -12.02
CA ARG A 103 5.25 2.97 -13.24
C ARG A 103 3.77 3.19 -12.98
N TYR A 104 3.40 3.32 -11.71
CA TYR A 104 2.02 3.54 -11.33
C TYR A 104 1.86 4.84 -10.58
N LEU A 105 2.97 5.50 -10.30
CA LEU A 105 2.96 6.77 -9.58
C LEU A 105 2.82 7.94 -10.54
N MET A 106 1.83 8.79 -10.30
CA MET A 106 1.59 9.96 -11.14
C MET A 106 2.62 11.05 -10.87
N ALA A 107 2.69 11.50 -9.62
CA ALA A 107 3.64 12.53 -9.23
C ALA A 107 4.56 12.05 -8.12
N GLY A 108 5.67 12.74 -7.92
CA GLY A 108 6.62 12.36 -6.89
C GLY A 108 8.03 12.83 -7.19
N PRO A 109 8.92 12.74 -6.19
CA PRO A 109 10.31 13.15 -6.34
C PRO A 109 11.10 12.23 -7.24
N GLY A 110 10.66 10.97 -7.34
CA GLY A 110 11.34 10.00 -8.18
C GLY A 110 11.74 8.76 -7.42
N SER A 111 11.38 7.60 -7.95
CA SER A 111 11.70 6.32 -7.31
C SER A 111 13.06 5.82 -7.76
N SER A 112 14.01 6.75 -7.90
CA SER A 112 15.36 6.40 -8.33
C SER A 112 16.14 5.74 -7.19
N SER A 113 16.24 6.45 -6.07
CA SER A 113 16.97 5.93 -4.91
C SER A 113 16.00 5.29 -3.91
N GLU A 114 15.15 4.39 -4.40
CA GLU A 114 14.19 3.71 -3.55
C GLU A 114 14.81 2.48 -2.90
N GLU A 115 16.06 2.62 -2.48
CA GLU A 115 16.78 1.51 -1.83
C GLU A 115 16.34 1.37 -0.37
N ASP A 116 16.92 0.39 0.31
CA ASP A 116 16.61 0.15 1.71
C ASP A 116 17.74 0.61 2.62
N GLU A 117 17.44 1.53 3.52
CA GLU A 117 18.44 2.06 4.43
C GLU A 117 18.57 1.17 5.68
N ALA A 118 17.43 0.77 6.22
CA ALA A 118 17.42 -0.08 7.41
C ALA A 118 17.08 -1.52 7.04
N SER A 119 18.11 -2.35 6.92
CA SER A 119 17.94 -3.75 6.57
C SER A 119 17.86 -4.62 7.81
N HIS A 120 17.16 -4.13 8.83
CA HIS A 120 17.01 -4.87 10.07
C HIS A 120 15.60 -4.65 10.64
N SER A 121 15.27 -5.46 11.64
CA SER A 121 13.96 -5.38 12.27
C SER A 121 13.88 -4.15 13.18
N GLY A 122 13.53 -3.02 12.60
CA GLY A 122 13.41 -1.79 13.36
C GLY A 122 11.97 -1.43 13.68
N GLY A 123 11.70 -0.14 13.81
CA GLY A 123 10.35 0.32 14.10
C GLY A 123 10.33 1.62 14.87
N SER A 124 9.16 2.24 14.94
CA SER A 124 9.02 3.51 15.65
C SER A 124 8.49 3.29 17.07
N GLY A 125 9.39 2.91 17.97
CA GLY A 125 9.00 2.67 19.35
C GLY A 125 8.67 3.96 20.08
N PRO A 126 8.73 3.90 21.43
CA PRO A 126 8.43 5.06 22.28
C PRO A 126 9.50 6.14 22.18
N SER A 127 9.07 7.39 22.11
CA SER A 127 10.00 8.52 22.01
C SER A 127 9.78 9.51 23.15
N SER A 128 10.88 10.00 23.71
CA SER A 128 10.81 10.96 24.81
C SER A 128 11.12 12.37 24.33
N GLY A 129 12.31 12.56 23.78
CA GLY A 129 12.70 13.87 23.29
C GLY A 129 14.20 14.08 23.32
N GLY A 1 8.58 -18.96 32.44
CA GLY A 1 7.76 -18.89 31.24
C GLY A 1 8.51 -19.34 30.00
N SER A 2 7.77 -19.79 28.99
CA SER A 2 8.38 -20.26 27.76
C SER A 2 8.03 -19.33 26.60
N SER A 3 9.02 -18.55 26.16
CA SER A 3 8.81 -17.61 25.07
C SER A 3 9.88 -17.80 23.99
N GLY A 4 9.42 -18.16 22.79
CA GLY A 4 10.35 -18.37 21.69
C GLY A 4 10.41 -19.83 21.24
N SER A 5 9.54 -20.18 20.30
CA SER A 5 9.48 -21.55 19.79
C SER A 5 10.67 -21.83 18.87
N SER A 6 10.92 -23.12 18.62
CA SER A 6 12.03 -23.52 17.76
C SER A 6 11.56 -24.53 16.72
N GLY A 7 11.41 -24.08 15.49
CA GLY A 7 10.98 -24.96 14.41
C GLY A 7 10.85 -24.23 13.08
N GLU A 8 10.29 -24.91 12.09
CA GLU A 8 10.11 -24.33 10.77
C GLU A 8 8.63 -24.28 10.39
N PRO A 9 7.92 -23.27 10.91
CA PRO A 9 6.49 -23.09 10.63
C PRO A 9 6.23 -22.66 9.19
N ARG A 10 7.28 -22.62 8.40
CA ARG A 10 7.16 -22.23 6.99
C ARG A 10 6.38 -23.28 6.20
N ARG A 11 5.51 -22.81 5.31
CA ARG A 11 4.70 -23.70 4.50
C ARG A 11 4.58 -23.17 3.07
N PRO A 12 4.54 -24.09 2.10
CA PRO A 12 4.43 -23.75 0.68
C PRO A 12 3.05 -23.18 0.33
N ARG A 13 2.07 -23.49 1.17
CA ARG A 13 0.71 -23.01 0.95
C ARG A 13 0.64 -21.49 1.09
N ALA A 14 0.17 -20.83 0.03
CA ALA A 14 0.05 -19.37 0.04
C ALA A 14 -0.95 -18.92 1.10
N GLY A 15 -1.19 -17.60 1.15
CA GLY A 15 -2.12 -17.06 2.11
C GLY A 15 -1.84 -15.60 2.42
N PRO A 16 -2.32 -15.14 3.60
CA PRO A 16 -2.13 -13.76 4.04
C PRO A 16 -0.68 -13.46 4.41
N GLU A 17 0.18 -14.46 4.23
CA GLU A 17 1.60 -14.30 4.54
C GLU A 17 2.39 -13.91 3.30
N GLU A 18 2.22 -14.68 2.23
CA GLU A 18 2.93 -14.42 0.98
C GLU A 18 2.62 -13.01 0.48
N LEU A 19 1.41 -12.53 0.75
CA LEU A 19 1.00 -11.20 0.31
C LEU A 19 1.62 -10.13 1.22
N GLY A 20 1.61 -10.38 2.52
CA GLY A 20 2.17 -9.43 3.46
C GLY A 20 3.65 -9.16 3.20
N LYS A 21 4.30 -10.09 2.51
CA LYS A 21 5.72 -9.95 2.20
C LYS A 21 5.92 -9.09 0.95
N ILE A 22 4.82 -8.62 0.38
CA ILE A 22 4.88 -7.79 -0.82
C ILE A 22 5.02 -6.31 -0.46
N LEU A 23 4.07 -5.81 0.32
CA LEU A 23 4.09 -4.42 0.74
C LEU A 23 4.36 -4.30 2.24
N GLN A 24 5.32 -5.09 2.72
CA GLN A 24 5.68 -5.08 4.14
C GLN A 24 6.25 -3.72 4.54
N GLY A 25 5.56 -3.05 5.47
CA GLY A 25 6.02 -1.75 5.92
C GLY A 25 5.55 -0.62 5.02
N VAL A 26 4.35 -0.77 4.47
CA VAL A 26 3.79 0.25 3.58
C VAL A 26 2.43 0.73 4.09
N VAL A 27 2.13 2.00 3.84
CA VAL A 27 0.87 2.58 4.27
C VAL A 27 0.12 3.20 3.09
N VAL A 28 -1.07 2.68 2.82
CA VAL A 28 -1.89 3.18 1.72
C VAL A 28 -3.10 3.95 2.24
N VAL A 29 -3.42 5.06 1.58
CA VAL A 29 -4.55 5.89 1.98
C VAL A 29 -5.62 5.91 0.88
N LEU A 30 -6.83 5.52 1.24
CA LEU A 30 -7.94 5.50 0.30
C LEU A 30 -8.58 6.88 0.17
N SER A 31 -8.75 7.34 -1.06
CA SER A 31 -9.34 8.65 -1.32
C SER A 31 -10.00 8.68 -2.69
N GLY A 32 -11.33 8.64 -2.71
CA GLY A 32 -12.06 8.68 -3.95
C GLY A 32 -12.65 7.33 -4.32
N PHE A 33 -13.05 6.57 -3.30
CA PHE A 33 -13.64 5.26 -3.52
C PHE A 33 -15.02 5.17 -2.89
N GLN A 34 -15.85 4.28 -3.42
CA GLN A 34 -17.21 4.10 -2.91
C GLN A 34 -17.55 2.61 -2.81
N ASN A 35 -17.89 2.17 -1.60
CA ASN A 35 -18.24 0.77 -1.37
C ASN A 35 -19.30 0.31 -2.35
N PRO A 36 -19.33 -1.01 -2.62
CA PRO A 36 -18.40 -1.96 -2.00
C PRO A 36 -16.97 -1.79 -2.50
N PHE A 37 -16.84 -1.26 -3.71
CA PHE A 37 -15.53 -1.04 -4.32
C PHE A 37 -14.52 -0.59 -3.27
N ARG A 38 -14.86 0.47 -2.53
CA ARG A 38 -13.98 1.00 -1.49
C ARG A 38 -13.51 -0.11 -0.57
N SER A 39 -14.45 -0.76 0.11
CA SER A 39 -14.12 -1.84 1.04
C SER A 39 -13.28 -2.91 0.34
N GLU A 40 -13.81 -3.46 -0.74
CA GLU A 40 -13.12 -4.50 -1.50
C GLU A 40 -11.67 -4.11 -1.75
N LEU A 41 -11.44 -2.83 -2.01
CA LEU A 41 -10.10 -2.32 -2.27
C LEU A 41 -9.24 -2.41 -1.01
N ARG A 42 -9.80 -2.00 0.12
CA ARG A 42 -9.09 -2.03 1.39
C ARG A 42 -8.51 -3.42 1.66
N ASP A 43 -9.39 -4.41 1.74
CA ASP A 43 -8.98 -5.79 1.99
C ASP A 43 -7.73 -6.13 1.21
N LYS A 44 -7.81 -5.99 -0.12
CA LYS A 44 -6.70 -6.28 -1.00
C LYS A 44 -5.42 -5.58 -0.51
N ALA A 45 -5.55 -4.30 -0.18
CA ALA A 45 -4.42 -3.52 0.29
C ALA A 45 -3.84 -4.12 1.58
N LEU A 46 -4.72 -4.70 2.40
CA LEU A 46 -4.29 -5.31 3.66
C LEU A 46 -3.46 -6.55 3.40
N GLU A 47 -3.93 -7.39 2.48
CA GLU A 47 -3.22 -8.63 2.14
C GLU A 47 -1.75 -8.35 1.84
N LEU A 48 -1.51 -7.43 0.92
CA LEU A 48 -0.15 -7.07 0.55
C LEU A 48 0.67 -6.69 1.77
N GLY A 49 -0.01 -6.36 2.86
CA GLY A 49 0.68 -5.99 4.08
C GLY A 49 0.75 -4.49 4.27
N ALA A 50 -0.13 -3.76 3.56
CA ALA A 50 -0.16 -2.31 3.66
C ALA A 50 -1.21 -1.85 4.67
N LYS A 51 -0.90 -0.79 5.40
CA LYS A 51 -1.81 -0.24 6.40
C LYS A 51 -2.79 0.73 5.76
N TYR A 52 -4.07 0.58 6.10
CA TYR A 52 -5.10 1.45 5.55
C TYR A 52 -5.48 2.54 6.55
N ARG A 53 -5.23 3.78 6.18
CA ARG A 53 -5.53 4.91 7.04
C ARG A 53 -6.71 5.72 6.50
N PRO A 54 -7.55 6.23 7.41
CA PRO A 54 -8.73 7.02 7.03
C PRO A 54 -8.36 8.39 6.46
N ASP A 55 -7.16 8.85 6.78
CA ASP A 55 -6.68 10.14 6.28
C ASP A 55 -5.16 10.16 6.22
N TRP A 56 -4.63 11.07 5.40
CA TRP A 56 -3.18 11.20 5.25
C TRP A 56 -2.52 11.54 6.57
N THR A 57 -1.45 10.81 6.90
CA THR A 57 -0.74 11.03 8.15
C THR A 57 0.77 10.97 7.92
N ARG A 58 1.53 11.32 8.96
CA ARG A 58 2.99 11.30 8.88
C ARG A 58 3.51 9.88 8.68
N ASP A 59 2.62 8.90 8.83
CA ASP A 59 2.99 7.50 8.67
C ASP A 59 2.66 7.02 7.26
N SER A 60 1.85 7.79 6.55
CA SER A 60 1.45 7.44 5.19
C SER A 60 2.61 7.62 4.22
N THR A 61 2.85 6.60 3.39
CA THR A 61 3.93 6.64 2.42
C THR A 61 3.38 6.82 1.01
N HIS A 62 2.36 6.05 0.67
CA HIS A 62 1.76 6.13 -0.65
C HIS A 62 0.27 6.49 -0.52
N LEU A 63 -0.30 6.89 -1.65
CA LEU A 63 -1.71 7.28 -1.69
C LEU A 63 -2.43 6.59 -2.84
N ILE A 64 -3.57 5.96 -2.54
CA ILE A 64 -4.34 5.28 -3.55
C ILE A 64 -5.47 6.16 -4.08
N CYS A 65 -5.19 6.90 -5.14
CA CYS A 65 -6.17 7.79 -5.73
C CYS A 65 -6.92 7.09 -6.87
N ALA A 66 -8.22 7.34 -6.96
CA ALA A 66 -9.04 6.74 -8.00
C ALA A 66 -8.90 7.49 -9.31
N PHE A 67 -8.75 8.80 -9.23
CA PHE A 67 -8.61 9.64 -10.41
C PHE A 67 -8.02 11.00 -10.05
N ALA A 68 -7.38 11.64 -11.02
CA ALA A 68 -6.77 12.95 -10.82
C ALA A 68 -7.82 14.02 -10.60
N ASN A 69 -7.38 15.26 -10.40
CA ASN A 69 -8.30 16.37 -10.19
C ASN A 69 -9.06 16.20 -8.89
N THR A 70 -8.40 15.61 -7.89
CA THR A 70 -9.01 15.39 -6.58
C THR A 70 -8.43 16.33 -5.53
N PRO A 71 -9.18 16.54 -4.45
CA PRO A 71 -8.76 17.42 -3.35
C PRO A 71 -7.61 16.82 -2.55
N LYS A 72 -7.48 15.50 -2.59
CA LYS A 72 -6.42 14.81 -1.87
C LYS A 72 -5.17 14.66 -2.74
N TYR A 73 -5.38 14.73 -4.06
CA TYR A 73 -4.27 14.60 -5.01
C TYR A 73 -3.33 15.80 -4.91
N SER A 74 -3.90 16.98 -4.73
CA SER A 74 -3.11 18.20 -4.62
C SER A 74 -2.58 18.39 -3.20
N GLN A 75 -3.11 17.60 -2.28
CA GLN A 75 -2.70 17.68 -0.88
C GLN A 75 -1.45 16.83 -0.64
N VAL A 76 -1.49 15.58 -1.07
CA VAL A 76 -0.36 14.67 -0.90
C VAL A 76 0.76 15.00 -1.88
N LEU A 77 0.44 15.80 -2.89
CA LEU A 77 1.42 16.19 -3.90
C LEU A 77 2.42 17.19 -3.33
N GLY A 78 1.90 18.24 -2.69
CA GLY A 78 2.76 19.25 -2.11
C GLY A 78 3.58 18.72 -0.96
N LEU A 79 2.96 17.90 -0.12
CA LEU A 79 3.64 17.32 1.04
C LEU A 79 4.91 16.58 0.60
N GLY A 80 4.77 15.74 -0.43
CA GLY A 80 5.91 14.98 -0.92
C GLY A 80 5.68 13.49 -0.85
N GLY A 81 4.42 13.08 -0.86
CA GLY A 81 4.09 11.66 -0.80
C GLY A 81 4.02 11.02 -2.17
N ARG A 82 4.15 9.70 -2.21
CA ARG A 82 4.10 8.98 -3.47
C ARG A 82 2.66 8.77 -3.92
N ILE A 83 2.21 9.61 -4.86
CA ILE A 83 0.85 9.52 -5.37
C ILE A 83 0.78 8.56 -6.56
N VAL A 84 0.07 7.45 -6.37
CA VAL A 84 -0.09 6.46 -7.42
C VAL A 84 -1.56 6.09 -7.61
N ARG A 85 -1.86 5.47 -8.75
CA ARG A 85 -3.23 5.07 -9.06
C ARG A 85 -3.61 3.81 -8.29
N LYS A 86 -4.82 3.30 -8.55
CA LYS A 86 -5.30 2.10 -7.88
C LYS A 86 -4.78 0.84 -8.57
N GLU A 87 -4.67 0.91 -9.90
CA GLU A 87 -4.18 -0.22 -10.68
C GLU A 87 -2.97 -0.86 -10.00
N TRP A 88 -2.26 -0.09 -9.19
CA TRP A 88 -1.09 -0.58 -8.49
C TRP A 88 -1.45 -1.74 -7.56
N VAL A 89 -2.44 -1.51 -6.70
CA VAL A 89 -2.88 -2.54 -5.77
C VAL A 89 -3.52 -3.71 -6.50
N LEU A 90 -4.52 -3.41 -7.32
CA LEU A 90 -5.21 -4.45 -8.08
C LEU A 90 -4.21 -5.39 -8.75
N ASP A 91 -3.32 -4.82 -9.55
CA ASP A 91 -2.31 -5.60 -10.26
C ASP A 91 -1.45 -6.39 -9.27
N CYS A 92 -1.02 -5.73 -8.21
CA CYS A 92 -0.18 -6.37 -7.19
C CYS A 92 -0.86 -7.62 -6.65
N HIS A 93 -2.04 -7.44 -6.07
CA HIS A 93 -2.78 -8.56 -5.51
C HIS A 93 -3.00 -9.62 -6.58
N ARG A 94 -3.58 -9.17 -7.70
CA ARG A 94 -3.86 -10.05 -8.82
C ARG A 94 -2.67 -10.97 -9.11
N MET A 95 -1.52 -10.37 -9.40
CA MET A 95 -0.31 -11.12 -9.69
C MET A 95 0.39 -11.53 -8.40
N ARG A 96 -0.16 -11.11 -7.27
CA ARG A 96 0.42 -11.43 -5.97
C ARG A 96 1.94 -11.22 -5.98
N ARG A 97 2.37 -10.11 -6.56
CA ARG A 97 3.79 -9.79 -6.63
C ARG A 97 4.03 -8.30 -6.41
N ARG A 98 5.24 -7.96 -6.01
CA ARG A 98 5.60 -6.56 -5.76
C ARG A 98 5.90 -5.83 -7.07
N LEU A 99 5.00 -4.96 -7.47
CA LEU A 99 5.16 -4.20 -8.71
C LEU A 99 5.73 -2.81 -8.42
N PRO A 100 6.46 -2.25 -9.40
CA PRO A 100 7.07 -0.93 -9.27
C PRO A 100 6.03 0.19 -9.28
N SER A 101 5.81 0.80 -8.12
CA SER A 101 4.84 1.88 -8.00
C SER A 101 5.31 3.12 -8.76
N GLN A 102 6.56 3.09 -9.20
CA GLN A 102 7.13 4.22 -9.94
C GLN A 102 6.51 4.33 -11.33
N ARG A 103 6.06 3.20 -11.86
CA ARG A 103 5.44 3.17 -13.18
C ARG A 103 3.98 3.59 -13.10
N TYR A 104 3.50 3.86 -11.89
CA TYR A 104 2.13 4.28 -11.68
C TYR A 104 2.06 5.65 -11.03
N LEU A 105 3.14 6.41 -11.16
CA LEU A 105 3.22 7.75 -10.58
C LEU A 105 2.32 8.72 -11.36
N MET A 106 1.54 9.49 -10.62
CA MET A 106 0.64 10.46 -11.23
C MET A 106 1.33 11.82 -11.41
N ALA A 107 1.85 12.35 -10.31
CA ALA A 107 2.54 13.64 -10.34
C ALA A 107 3.91 13.54 -9.69
N GLY A 108 4.29 12.33 -9.30
CA GLY A 108 5.58 12.13 -8.66
C GLY A 108 6.72 12.10 -9.66
N PRO A 109 7.89 12.61 -9.24
CA PRO A 109 9.08 12.64 -10.09
C PRO A 109 9.66 11.26 -10.35
N GLY A 110 9.39 10.33 -9.44
CA GLY A 110 9.89 8.98 -9.59
C GLY A 110 9.94 8.54 -11.03
N SER A 111 11.09 7.98 -11.43
CA SER A 111 11.26 7.52 -12.81
C SER A 111 12.06 6.22 -12.85
N SER A 112 12.29 5.70 -14.05
CA SER A 112 13.03 4.47 -14.22
C SER A 112 14.22 4.40 -13.27
N SER A 113 14.08 3.60 -12.21
CA SER A 113 15.14 3.46 -11.22
C SER A 113 15.90 4.78 -11.03
N GLU A 114 15.15 5.88 -11.05
CA GLU A 114 15.74 7.20 -10.87
C GLU A 114 15.45 7.75 -9.49
N GLU A 115 15.43 6.87 -8.50
CA GLU A 115 15.15 7.27 -7.12
C GLU A 115 16.03 6.49 -6.14
N ASP A 116 15.93 6.84 -4.86
CA ASP A 116 16.72 6.18 -3.83
C ASP A 116 15.95 5.01 -3.22
N GLU A 117 14.89 4.59 -3.91
CA GLU A 117 14.07 3.48 -3.42
C GLU A 117 14.93 2.29 -3.04
N ALA A 118 16.17 2.29 -3.51
CA ALA A 118 17.11 1.20 -3.20
C ALA A 118 16.89 0.68 -1.79
N SER A 119 16.59 1.58 -0.87
CA SER A 119 16.36 1.21 0.53
C SER A 119 14.98 0.59 0.70
N HIS A 120 14.96 -0.70 1.03
CA HIS A 120 13.71 -1.40 1.23
C HIS A 120 13.30 -1.31 2.70
N SER A 121 14.16 -1.83 3.57
CA SER A 121 13.92 -1.82 5.00
C SER A 121 15.23 -1.88 5.77
N GLY A 122 15.13 -1.75 7.09
CA GLY A 122 16.32 -1.79 7.93
C GLY A 122 16.22 -2.84 9.01
N GLY A 123 16.79 -4.02 8.75
CA GLY A 123 16.75 -5.09 9.72
C GLY A 123 15.41 -5.82 9.73
N SER A 124 14.98 -6.27 8.56
CA SER A 124 13.71 -6.98 8.44
C SER A 124 13.93 -8.48 8.46
N GLY A 125 12.95 -9.21 9.03
CA GLY A 125 13.06 -10.65 9.10
C GLY A 125 12.84 -11.18 10.50
N PRO A 126 11.56 -11.32 10.89
CA PRO A 126 11.18 -11.82 12.21
C PRO A 126 11.49 -13.30 12.39
N SER A 127 12.62 -13.60 13.02
CA SER A 127 13.04 -14.98 13.24
C SER A 127 13.99 -15.08 14.43
N SER A 128 14.44 -16.28 14.73
CA SER A 128 15.35 -16.51 15.84
C SER A 128 16.80 -16.26 15.44
N GLY A 129 17.43 -15.31 16.10
CA GLY A 129 18.82 -14.99 15.78
C GLY A 129 19.77 -15.39 16.90
N GLY A 1 27.76 -26.23 29.81
CA GLY A 1 26.83 -27.31 30.09
C GLY A 1 25.38 -26.86 29.97
N SER A 2 24.96 -26.59 28.74
CA SER A 2 23.59 -26.15 28.50
C SER A 2 23.21 -26.36 27.03
N SER A 3 21.94 -26.72 26.80
CA SER A 3 21.45 -26.95 25.44
C SER A 3 19.94 -27.11 25.44
N GLY A 4 19.35 -27.02 24.26
CA GLY A 4 17.90 -27.17 24.14
C GLY A 4 17.25 -25.95 23.52
N SER A 5 17.01 -26.00 22.21
CA SER A 5 16.38 -24.90 21.50
C SER A 5 16.09 -25.28 20.05
N SER A 6 14.80 -25.42 19.73
CA SER A 6 14.38 -25.79 18.39
C SER A 6 12.87 -25.67 18.24
N GLY A 7 12.42 -25.49 17.00
CA GLY A 7 10.99 -25.37 16.75
C GLY A 7 10.69 -24.44 15.58
N GLU A 8 11.02 -24.90 14.37
CA GLU A 8 10.78 -24.11 13.18
C GLU A 8 9.69 -24.73 12.31
N PRO A 9 8.43 -24.44 12.65
CA PRO A 9 7.27 -24.97 11.91
C PRO A 9 7.15 -24.37 10.52
N ARG A 10 6.22 -24.90 9.74
CA ARG A 10 6.00 -24.42 8.38
C ARG A 10 4.78 -25.09 7.75
N ARG A 11 4.31 -24.54 6.63
CA ARG A 11 3.15 -25.09 5.94
C ARG A 11 3.08 -24.57 4.50
N PRO A 12 2.65 -25.44 3.58
CA PRO A 12 2.53 -25.10 2.16
C PRO A 12 1.41 -24.11 1.90
N ARG A 13 0.44 -24.05 2.81
CA ARG A 13 -0.69 -23.13 2.69
C ARG A 13 -0.22 -21.71 2.46
N ALA A 14 -1.00 -20.94 1.71
CA ALA A 14 -0.66 -19.55 1.43
C ALA A 14 -1.56 -18.59 2.19
N GLY A 15 -1.22 -18.33 3.44
CA GLY A 15 -2.02 -17.44 4.26
C GLY A 15 -1.72 -15.98 3.99
N PRO A 16 -2.03 -15.11 4.96
CA PRO A 16 -1.80 -13.67 4.84
C PRO A 16 -0.31 -13.31 4.87
N GLU A 17 0.53 -14.33 4.94
CA GLU A 17 1.98 -14.13 4.98
C GLU A 17 2.52 -13.87 3.57
N GLU A 18 2.18 -14.76 2.64
CA GLU A 18 2.64 -14.62 1.26
C GLU A 18 2.39 -13.21 0.73
N LEU A 19 1.17 -12.72 0.96
CA LEU A 19 0.79 -11.39 0.50
C LEU A 19 1.43 -10.31 1.38
N GLY A 20 1.38 -10.52 2.69
CA GLY A 20 1.97 -9.55 3.61
C GLY A 20 3.44 -9.33 3.36
N LYS A 21 4.07 -10.26 2.64
CA LYS A 21 5.49 -10.17 2.33
C LYS A 21 5.71 -9.34 1.06
N ILE A 22 4.62 -8.84 0.49
CA ILE A 22 4.69 -8.05 -0.73
C ILE A 22 4.84 -6.56 -0.40
N LEU A 23 3.87 -6.03 0.34
CA LEU A 23 3.88 -4.62 0.72
C LEU A 23 4.23 -4.47 2.20
N GLN A 24 5.17 -5.27 2.67
CA GLN A 24 5.60 -5.22 4.06
C GLN A 24 6.26 -3.89 4.38
N GLY A 25 5.57 -3.08 5.18
CA GLY A 25 6.11 -1.77 5.56
C GLY A 25 5.60 -0.67 4.66
N VAL A 26 4.37 -0.82 4.16
CA VAL A 26 3.77 0.18 3.29
C VAL A 26 2.46 0.69 3.87
N VAL A 27 2.18 1.98 3.64
CA VAL A 27 0.95 2.59 4.14
C VAL A 27 0.18 3.27 3.01
N VAL A 28 -1.00 2.75 2.71
CA VAL A 28 -1.84 3.29 1.66
C VAL A 28 -3.06 4.00 2.24
N VAL A 29 -3.59 4.97 1.50
CA VAL A 29 -4.76 5.72 1.94
C VAL A 29 -5.84 5.73 0.86
N LEU A 30 -7.07 5.45 1.27
CA LEU A 30 -8.19 5.42 0.34
C LEU A 30 -8.76 6.82 0.13
N SER A 31 -8.85 7.23 -1.13
CA SER A 31 -9.37 8.56 -1.46
C SER A 31 -10.12 8.53 -2.79
N GLY A 32 -11.43 8.68 -2.72
CA GLY A 32 -12.25 8.67 -3.92
C GLY A 32 -12.74 7.29 -4.28
N PHE A 33 -13.17 6.53 -3.27
CA PHE A 33 -13.67 5.19 -3.48
C PHE A 33 -15.03 4.99 -2.81
N GLN A 34 -15.78 4.02 -3.31
CA GLN A 34 -17.11 3.73 -2.76
C GLN A 34 -17.38 2.23 -2.75
N ASN A 35 -17.90 1.73 -1.63
CA ASN A 35 -18.20 0.32 -1.48
C ASN A 35 -19.18 -0.14 -2.57
N PRO A 36 -19.13 -1.44 -2.90
CA PRO A 36 -18.20 -2.38 -2.27
C PRO A 36 -16.75 -2.12 -2.68
N PHE A 37 -16.55 -1.62 -3.89
CA PHE A 37 -15.22 -1.33 -4.39
C PHE A 37 -14.30 -0.85 -3.26
N ARG A 38 -14.70 0.25 -2.62
CA ARG A 38 -13.92 0.82 -1.53
C ARG A 38 -13.50 -0.27 -0.53
N SER A 39 -14.46 -1.09 -0.12
CA SER A 39 -14.21 -2.16 0.82
C SER A 39 -13.24 -3.19 0.23
N GLU A 40 -13.62 -3.77 -0.90
CA GLU A 40 -12.79 -4.77 -1.57
C GLU A 40 -11.35 -4.30 -1.66
N LEU A 41 -11.15 -3.13 -2.27
CA LEU A 41 -9.81 -2.57 -2.44
C LEU A 41 -9.02 -2.68 -1.13
N ARG A 42 -9.57 -2.15 -0.06
CA ARG A 42 -8.91 -2.19 1.24
C ARG A 42 -8.50 -3.62 1.59
N ASP A 43 -9.43 -4.55 1.47
CA ASP A 43 -9.15 -5.95 1.78
C ASP A 43 -7.89 -6.43 1.06
N LYS A 44 -7.84 -6.20 -0.25
CA LYS A 44 -6.70 -6.60 -1.05
C LYS A 44 -5.43 -5.90 -0.57
N ALA A 45 -5.54 -4.61 -0.30
CA ALA A 45 -4.40 -3.82 0.18
C ALA A 45 -3.85 -4.39 1.48
N LEU A 46 -4.75 -4.81 2.36
CA LEU A 46 -4.35 -5.37 3.64
C LEU A 46 -3.51 -6.64 3.45
N GLU A 47 -4.01 -7.54 2.61
CA GLU A 47 -3.31 -8.79 2.34
C GLU A 47 -1.83 -8.53 2.03
N LEU A 48 -1.57 -7.63 1.08
CA LEU A 48 -0.21 -7.29 0.69
C LEU A 48 0.64 -6.97 1.92
N GLY A 49 -0.02 -6.56 3.00
CA GLY A 49 0.69 -6.21 4.22
C GLY A 49 0.81 -4.72 4.43
N ALA A 50 -0.06 -3.96 3.77
CA ALA A 50 -0.04 -2.50 3.88
C ALA A 50 -1.07 -2.02 4.90
N LYS A 51 -0.81 -0.86 5.49
CA LYS A 51 -1.71 -0.29 6.48
C LYS A 51 -2.72 0.64 5.82
N TYR A 52 -3.96 0.61 6.31
CA TYR A 52 -5.01 1.46 5.77
C TYR A 52 -5.36 2.59 6.73
N ARG A 53 -5.29 3.82 6.23
CA ARG A 53 -5.59 4.99 7.04
C ARG A 53 -6.74 5.80 6.43
N PRO A 54 -7.58 6.38 7.30
CA PRO A 54 -8.72 7.19 6.88
C PRO A 54 -8.30 8.50 6.25
N ASP A 55 -7.26 9.12 6.81
CA ASP A 55 -6.76 10.38 6.30
C ASP A 55 -5.24 10.36 6.20
N TRP A 56 -4.70 11.22 5.34
CA TRP A 56 -3.25 11.30 5.13
C TRP A 56 -2.53 11.33 6.47
N THR A 57 -1.57 10.42 6.65
CA THR A 57 -0.80 10.35 7.88
C THR A 57 0.68 10.59 7.62
N ARG A 58 1.43 10.81 8.69
CA ARG A 58 2.87 11.06 8.57
C ARG A 58 3.61 9.78 8.16
N ASP A 59 2.91 8.66 8.23
CA ASP A 59 3.50 7.37 7.86
C ASP A 59 3.04 6.95 6.47
N SER A 60 2.18 7.76 5.86
CA SER A 60 1.66 7.46 4.52
C SER A 60 2.78 7.54 3.48
N THR A 61 3.05 6.42 2.82
CA THR A 61 4.08 6.35 1.80
C THR A 61 3.49 6.50 0.40
N HIS A 62 2.40 5.77 0.15
CA HIS A 62 1.76 5.83 -1.15
C HIS A 62 0.28 6.19 -0.97
N LEU A 63 -0.22 6.97 -1.92
CA LEU A 63 -1.62 7.41 -1.90
C LEU A 63 -2.41 6.77 -3.03
N ILE A 64 -3.40 5.96 -2.67
CA ILE A 64 -4.24 5.29 -3.66
C ILE A 64 -5.36 6.20 -4.13
N CYS A 65 -5.11 6.92 -5.22
CA CYS A 65 -6.11 7.83 -5.78
C CYS A 65 -6.87 7.17 -6.92
N ALA A 66 -8.18 7.31 -6.90
CA ALA A 66 -9.03 6.73 -7.94
C ALA A 66 -8.85 7.46 -9.27
N PHE A 67 -8.75 8.78 -9.20
CA PHE A 67 -8.58 9.59 -10.40
C PHE A 67 -7.96 10.94 -10.05
N ALA A 68 -7.19 11.49 -10.99
CA ALA A 68 -6.54 12.78 -10.79
C ALA A 68 -7.57 13.90 -10.68
N ASN A 69 -7.09 15.13 -10.51
CA ASN A 69 -7.96 16.29 -10.38
C ASN A 69 -8.82 16.19 -9.12
N THR A 70 -8.18 15.84 -8.01
CA THR A 70 -8.89 15.71 -6.73
C THR A 70 -8.29 16.63 -5.68
N PRO A 71 -9.08 16.94 -4.65
CA PRO A 71 -8.65 17.81 -3.55
C PRO A 71 -7.59 17.16 -2.68
N LYS A 72 -7.50 15.83 -2.73
CA LYS A 72 -6.52 15.09 -1.95
C LYS A 72 -5.23 14.88 -2.74
N TYR A 73 -5.37 14.72 -4.06
CA TYR A 73 -4.21 14.51 -4.92
C TYR A 73 -3.28 15.73 -4.89
N SER A 74 -3.87 16.91 -4.88
CA SER A 74 -3.09 18.15 -4.85
C SER A 74 -2.50 18.39 -3.47
N GLN A 75 -3.25 18.00 -2.44
CA GLN A 75 -2.79 18.17 -1.06
C GLN A 75 -1.56 17.31 -0.78
N VAL A 76 -1.63 16.05 -1.22
CA VAL A 76 -0.52 15.12 -1.02
C VAL A 76 0.60 15.37 -2.02
N LEU A 77 0.30 16.13 -3.06
CA LEU A 77 1.27 16.45 -4.10
C LEU A 77 2.28 17.49 -3.60
N GLY A 78 1.77 18.48 -2.87
CA GLY A 78 2.63 19.53 -2.34
C GLY A 78 3.46 19.05 -1.16
N LEU A 79 2.84 18.27 -0.28
CA LEU A 79 3.52 17.76 0.90
C LEU A 79 4.78 16.98 0.50
N GLY A 80 4.62 16.02 -0.40
CA GLY A 80 5.76 15.24 -0.85
C GLY A 80 5.50 13.75 -0.75
N GLY A 81 4.23 13.36 -0.85
CA GLY A 81 3.88 11.96 -0.77
C GLY A 81 3.86 11.29 -2.13
N ARG A 82 3.95 9.97 -2.13
CA ARG A 82 3.95 9.20 -3.38
C ARG A 82 2.52 9.02 -3.90
N ILE A 83 2.14 9.86 -4.85
CA ILE A 83 0.81 9.78 -5.43
C ILE A 83 0.76 8.77 -6.58
N VAL A 84 0.08 7.65 -6.34
CA VAL A 84 -0.04 6.60 -7.34
C VAL A 84 -1.50 6.25 -7.59
N ARG A 85 -1.77 5.64 -8.74
CA ARG A 85 -3.13 5.25 -9.09
C ARG A 85 -3.59 4.04 -8.27
N LYS A 86 -4.78 3.55 -8.57
CA LYS A 86 -5.33 2.40 -7.86
C LYS A 86 -4.84 1.10 -8.47
N GLU A 87 -4.65 1.10 -9.79
CA GLU A 87 -4.19 -0.08 -10.50
C GLU A 87 -3.00 -0.72 -9.79
N TRP A 88 -2.21 0.11 -9.11
CA TRP A 88 -1.04 -0.36 -8.38
C TRP A 88 -1.42 -1.48 -7.43
N VAL A 89 -2.16 -1.13 -6.38
CA VAL A 89 -2.59 -2.11 -5.38
C VAL A 89 -3.48 -3.18 -6.02
N LEU A 90 -4.50 -2.74 -6.73
CA LEU A 90 -5.42 -3.66 -7.39
C LEU A 90 -4.67 -4.78 -8.10
N ASP A 91 -3.67 -4.41 -8.89
CA ASP A 91 -2.87 -5.38 -9.62
C ASP A 91 -1.95 -6.15 -8.66
N CYS A 92 -1.23 -5.41 -7.82
CA CYS A 92 -0.32 -6.02 -6.86
C CYS A 92 -0.94 -7.26 -6.22
N HIS A 93 -2.20 -7.14 -5.84
CA HIS A 93 -2.90 -8.26 -5.22
C HIS A 93 -3.13 -9.36 -6.25
N ARG A 94 -3.88 -9.00 -7.30
CA ARG A 94 -4.19 -9.94 -8.36
C ARG A 94 -2.99 -10.80 -8.71
N MET A 95 -1.91 -10.15 -9.14
CA MET A 95 -0.69 -10.86 -9.49
C MET A 95 0.03 -11.36 -8.24
N ARG A 96 -0.37 -10.86 -7.09
CA ARG A 96 0.25 -11.24 -5.83
C ARG A 96 1.76 -11.02 -5.86
N ARG A 97 2.17 -9.89 -6.42
CA ARG A 97 3.59 -9.56 -6.52
C ARG A 97 3.82 -8.07 -6.28
N ARG A 98 5.08 -7.70 -6.06
CA ARG A 98 5.43 -6.31 -5.81
C ARG A 98 5.76 -5.59 -7.11
N LEU A 99 4.90 -4.66 -7.51
CA LEU A 99 5.11 -3.90 -8.74
C LEU A 99 5.76 -2.56 -8.45
N PRO A 100 6.57 -2.08 -9.41
CA PRO A 100 7.27 -0.79 -9.28
C PRO A 100 6.32 0.40 -9.36
N SER A 101 6.25 1.16 -8.28
CA SER A 101 5.39 2.33 -8.22
C SER A 101 5.80 3.38 -9.25
N GLN A 102 7.09 3.40 -9.56
CA GLN A 102 7.63 4.34 -10.54
C GLN A 102 6.83 4.29 -11.84
N ARG A 103 6.23 3.14 -12.12
CA ARG A 103 5.44 2.97 -13.33
C ARG A 103 4.03 3.54 -13.14
N TYR A 104 3.56 3.56 -11.90
CA TYR A 104 2.23 4.08 -11.60
C TYR A 104 2.32 5.44 -10.91
N LEU A 105 3.32 6.23 -11.31
CA LEU A 105 3.51 7.55 -10.74
C LEU A 105 2.58 8.57 -11.36
N MET A 106 1.68 9.14 -10.57
CA MET A 106 0.73 10.12 -11.05
C MET A 106 1.39 11.50 -11.17
N ALA A 107 1.96 11.97 -10.07
CA ALA A 107 2.62 13.27 -10.04
C ALA A 107 3.90 13.22 -9.20
N GLY A 108 5.03 13.49 -9.84
CA GLY A 108 6.30 13.47 -9.14
C GLY A 108 7.44 14.01 -9.98
N PRO A 109 8.41 14.67 -9.33
CA PRO A 109 9.58 15.24 -10.01
C PRO A 109 10.52 14.17 -10.54
N GLY A 110 10.69 13.09 -9.76
CA GLY A 110 11.57 12.02 -10.18
C GLY A 110 11.80 11.00 -9.08
N SER A 111 12.68 10.04 -9.34
CA SER A 111 12.99 9.00 -8.35
C SER A 111 14.46 9.04 -7.96
N SER A 112 15.06 10.23 -8.06
CA SER A 112 16.47 10.40 -7.72
C SER A 112 16.75 9.90 -6.31
N SER A 113 15.98 10.39 -5.34
CA SER A 113 16.16 9.99 -3.95
C SER A 113 15.41 8.69 -3.67
N GLU A 114 15.48 7.76 -4.61
CA GLU A 114 14.81 6.47 -4.46
C GLU A 114 15.55 5.59 -3.47
N GLU A 115 15.30 5.81 -2.18
CA GLU A 115 15.95 5.04 -1.13
C GLU A 115 16.12 3.58 -1.55
N ASP A 116 17.19 2.95 -1.08
CA ASP A 116 17.47 1.56 -1.41
C ASP A 116 16.37 0.65 -0.86
N GLU A 117 16.46 -0.64 -1.19
CA GLU A 117 15.48 -1.61 -0.73
C GLU A 117 16.05 -2.47 0.39
N ALA A 118 17.31 -2.86 0.23
CA ALA A 118 17.98 -3.69 1.22
C ALA A 118 18.41 -2.87 2.44
N SER A 119 17.49 -2.73 3.40
CA SER A 119 17.77 -1.96 4.60
C SER A 119 16.75 -2.26 5.69
N HIS A 120 17.23 -2.53 6.89
CA HIS A 120 16.33 -2.84 8.00
C HIS A 120 15.96 -1.53 8.73
N SER A 121 14.66 -1.26 8.77
CA SER A 121 14.16 -0.06 9.42
C SER A 121 14.80 0.13 10.79
N GLY A 122 14.60 -0.84 11.67
CA GLY A 122 15.18 -0.76 13.01
C GLY A 122 14.45 -1.62 14.01
N GLY A 123 14.19 -2.87 13.63
CA GLY A 123 13.49 -3.79 14.52
C GLY A 123 11.98 -3.66 14.40
N SER A 124 11.36 -4.65 13.76
CA SER A 124 9.91 -4.65 13.58
C SER A 124 9.22 -5.43 14.69
N GLY A 125 8.87 -4.72 15.76
CA GLY A 125 8.21 -5.36 16.89
C GLY A 125 7.11 -4.51 17.48
N PRO A 126 6.06 -5.16 18.00
CA PRO A 126 4.92 -4.47 18.60
C PRO A 126 5.28 -3.79 19.92
N SER A 127 5.70 -2.54 19.84
CA SER A 127 6.08 -1.78 21.02
C SER A 127 4.92 -1.69 22.01
N SER A 128 3.79 -1.15 21.54
CA SER A 128 2.60 -1.00 22.37
C SER A 128 1.70 -2.23 22.26
N GLY A 129 1.32 -2.56 21.03
CA GLY A 129 0.46 -3.70 20.81
C GLY A 129 -0.49 -3.50 19.64
#